data_6OPA
#
_entry.id   6OPA
#
_cell.length_a   215.244
_cell.length_b   215.244
_cell.length_c   438.798
_cell.angle_alpha   90.00
_cell.angle_beta   90.00
_cell.angle_gamma   120.00
#
_symmetry.space_group_name_H-M   'H 3 2'
#
loop_
_entity.id
_entity.type
_entity.pdbx_description
1 polymer 'Envelope glycoprotein gp160'
2 polymer 'Envelope glycoprotein gp41'
3 polymer 'Fab 35022 heavy chain'
4 polymer 'Fab 35022 light chain'
5 polymer 'Fab PGT128 light chain'
6 polymer 'Fab PGT128 heavy chain'
7 polymer 'Fab NC-Cow1 light chain'
8 polymer 'Fab NC-Cow1 heavy chain'
9 branched alpha-D-mannopyranose-(1-3)-[alpha-D-mannopyranose-(1-6)]alpha-D-mannopyranose-(1-6)-[alpha-D-mannopyranose-(1-3)]beta-D-mannopyranose-(1-4)-2-acetamido-2-deoxy-beta-D-glucopyranose-(1-4)-2-acetamido-2-deoxy-beta-D-glucopyranose
10 branched 2-acetamido-2-deoxy-beta-D-glucopyranose-(1-4)-2-acetamido-2-deoxy-beta-D-glucopyranose
11 branched beta-D-mannopyranose-(1-4)-2-acetamido-2-deoxy-beta-D-glucopyranose-(1-4)-2-acetamido-2-deoxy-beta-D-glucopyranose
12 branched alpha-D-mannopyranose-(1-6)-beta-D-mannopyranose-(1-4)-2-acetamido-2-deoxy-beta-D-glucopyranose-(1-4)-2-acetamido-2-deoxy-beta-D-glucopyranose
13 branched alpha-D-mannopyranose-(1-3)-[alpha-D-mannopyranose-(1-6)]beta-D-mannopyranose-(1-4)-2-acetamido-2-deoxy-beta-D-glucopyranose-(1-4)-2-acetamido-2-deoxy-beta-D-glucopyranose
14 branched alpha-D-mannopyranose-(1-3)-beta-D-mannopyranose-(1-4)-2-acetamido-2-deoxy-beta-D-glucopyranose-(1-4)-2-acetamido-2-deoxy-beta-D-glucopyranose
15 non-polymer 2-acetamido-2-deoxy-beta-D-glucopyranose
#
loop_
_entity_poly.entity_id
_entity_poly.type
_entity_poly.pdbx_seq_one_letter_code
_entity_poly.pdbx_strand_id
1 'polypeptide(L)'
;AENLWVTVYYGVPVWKDAETTLFCASDAKAYETEKHNVWATHACVPTDPNPQEIHLENVTEEFNMWKNNMVEQMHTDIIS
LWDQSLKPCVKLTPLCVTLQCTNVTNNITDDMRGELKNCSFNMTTELRDKKQKVYSLFYRLDVVQINENQGNRSNNSNKE
YRLINCNTSAITQACPKVSFEPIPIHYCAPAGFAILKCKDKKFNGTGPCPSVSTVQCTHGIKPVVSTQLLLNGSLAEEEV
MIRSENITNNAKNILVQFNTPVQINCTRPNNNTRKSIRIGPGQAFYATGDIIGDIRQAHCNVSKATWNETLGKVVKQLRK
HFGNNTIIRFANSSGGDLEVTTHSFNCGGEFFYCNTSGLFNSTWISNTSVQGSNSTGSNDSITLPCRIKQIINMWQRIGQ
AMYAPPIQGVIRCVSNITGLILTRDGGSTNSTTETFRPGGGDMRDNWRSELYKYKVVKIEPLGVAPTRCKRRVVG
;
G
2 'polypeptide(L)'
;AVGIGAVFLGFLGAAGSTMGAASMTLTVQARNLLSGIVQQQSNLLRAPEAQQHLLKLTVWGIKQLQARVLAVERYLRDQQ
LLGIWGCSGKLICCTNVPWNSSWSNRNLSEIWDNMTWLQWDKEISNYTQIIYGLLEESQNQQEKNEQDLLALD
;
B
3 'polypeptide(L)'
;EGQLVQSGAELKKPGASVKISCKTSGYRFNFYHINWIRQTAGRGPEWMGWISPYSGDKNLAPAFQDRVIMTTDTEVPVTS
FTSTGAAYMEIRNLKFDDTGTYFCAKGLLRDGSSTWLPYLWGQGTLLTVSSASTKGPSVFPLAPSSKSTSGGTAALGCLV
KDYFPEPVTVSWNSGALTSGVHTFPAVLQSSGLYSLSSVVTVPSSSLGTQTYICNVNHKPSNTKVDKRVEPKSCDKGLEV
;
F
4 'polypeptide(L)'
;QSVLTQSASVSGSLGQSVTISCTGPNSVCCSHKSISWYQWPPGRAPTLIIYEDNERAPGISPRFSGYKSYWSAYLTISDL
RPEDETTYYCCSYTHNSGCVFGTGTKVSVLGQSKANPSVTLFPPSSEELQANKATLVCLISDFYPGAVTVAWKADSSPVK
AGVETTTPSKQSNNKYAASSYLSLTPEQWKSHRSYSCQVTHEGSTVEKTVAPTECS
;
I
5 'polypeptide(L)'
;QSALTQPPSASGSPGQSITISCTGTSNNFVSWYQQHAGKAPKLVIYDVNKRPSGVPDRFSGSKSGNTASLTVSGLQTDDE
AVYYCGSLVGNWDVIFGGGTKLTVLGQPKAAPSVTLFPPSSEELQANKATLVCLISDFYPGAVTVAWKADSSPVKAGVET
TTPSKQSNNKYAASSYLSLTPEQWKSHRSYSCQVTHEGSTVEKTVAPTECS
;
J
6 'polypeptide(L)'
;EPQLQESGPTLVEASETLSLTCAVSGDSTAACNSFWGWVRQPPGKGLEWVGSLSHCASYWNRGWTYHNPSLKSRLTLALD
TPKNLVFLKLNSVTAADTATYYCARFGGEVLRYTDWPKPAWVDLWGRGTLVTVSSASTKGPSVFPLAPSSKSTSGGTAAL
GCLVKDYFPEPVTVSWNSGALTSGVHTFPAVLQSSGLYSLSSVVTVPSSSLGTQTYICNVNHKPSNTKVDKRVEPKSCD
;
K
7 'polypeptide(L)'
;SYELTQPSSVSGSLGQRVSVTCSGSSSNVGNGYVSWYQLIPGSAPRTIIYGDTSRASGVPERFSGSRSGNTATLTISSLQ
AEDEADFFCASPDDSSSNAVFGSGTTLTVLGQPKSPPSVTLFPPSSEELQANKATLVCLISDFYPGAVTVAWKADSSPVK
AGVETTTPSKQSNNKYAASSYLSLTPEQWKSHRSYSCQVTHEGSTVEKTVAPTECS
;
R
8 'polypeptide(L)'
;QVQLRESGPSLMKPSQTLSLTCTVSGSSLNDKSVGWVRQAPGKALQWLGSVDTSGNTDYNPGLKSRLSITKDNSKSRISL
TVTGMTTEDSATYYCITAHQKTNKKECPEDYTYNPRCPQQYGWSDCDCMGDRFGGYCRQDGCSNYIHRSTYEWYVSAWGQ
GLLVTVSSASTKGPSVFPLAPSSKSTSGGTAALGCLVKDYFPEPVTVSWNSGALTSGVHTFPAVLQSSGLYSLSSVVTVP
SSSLGTQTYICNVNHKPSNTKVDKRVEPKSCD
;
S
#
loop_
_chem_comp.id
_chem_comp.type
_chem_comp.name
_chem_comp.formula
BMA D-saccharide, beta linking beta-D-mannopyranose 'C6 H12 O6'
MAN D-saccharide, alpha linking alpha-D-mannopyranose 'C6 H12 O6'
NAG D-saccharide, beta linking 2-acetamido-2-deoxy-beta-D-glucopyranose 'C8 H15 N O6'
#
# COMPACT_ATOMS: atom_id res chain seq x y z
N GLU A 2 -25.83 33.58 -33.36
CA GLU A 2 -26.73 32.54 -32.88
C GLU A 2 -26.56 31.27 -33.72
N ASN A 3 -25.73 31.34 -34.75
CA ASN A 3 -25.41 30.20 -35.60
C ASN A 3 -24.05 29.67 -35.15
N LEU A 4 -24.02 28.43 -34.68
CA LEU A 4 -22.81 27.82 -34.14
C LEU A 4 -22.21 26.80 -35.10
N TRP A 5 -20.89 26.83 -35.20
CA TRP A 5 -20.06 25.96 -36.02
C TRP A 5 -18.92 25.44 -35.15
N VAL A 6 -18.54 24.19 -35.37
CA VAL A 6 -17.44 23.58 -34.63
C VAL A 6 -16.11 24.18 -35.07
N THR A 7 -15.19 24.32 -34.11
CA THR A 7 -13.83 24.80 -34.35
C THR A 7 -12.86 23.95 -33.55
N VAL A 8 -11.74 23.62 -34.19
CA VAL A 8 -10.73 22.71 -33.66
C VAL A 8 -9.73 23.50 -32.82
N TYR A 9 -9.40 22.96 -31.65
CA TYR A 9 -8.42 23.53 -30.74
C TYR A 9 -7.34 22.50 -30.44
N TYR A 10 -6.08 22.86 -30.70
CA TYR A 10 -4.95 21.97 -30.48
C TYR A 10 -4.18 22.49 -29.28
N GLY A 11 -3.99 21.63 -28.28
CA GLY A 11 -3.30 22.02 -27.06
C GLY A 11 -4.24 22.41 -25.95
N VAL A 12 -5.38 21.72 -25.85
CA VAL A 12 -6.36 22.00 -24.80
C VAL A 12 -5.93 21.26 -23.55
N PRO A 13 -6.08 21.86 -22.36
CA PRO A 13 -5.70 21.13 -21.14
C PRO A 13 -6.63 19.98 -20.86
N VAL A 14 -6.44 18.88 -21.59
CA VAL A 14 -7.22 17.66 -21.42
C VAL A 14 -6.25 16.50 -21.29
N TRP A 15 -6.53 15.63 -20.33
CA TRP A 15 -5.73 14.44 -20.09
C TRP A 15 -6.65 13.29 -19.75
N LYS A 16 -6.18 12.07 -19.96
CA LYS A 16 -6.93 10.88 -19.59
C LYS A 16 -6.02 9.92 -18.86
N ASP A 17 -6.59 9.10 -17.98
CA ASP A 17 -5.82 8.10 -17.26
C ASP A 17 -5.20 7.10 -18.23
N ALA A 18 -3.89 6.87 -18.11
CA ALA A 18 -3.21 5.98 -19.04
C ALA A 18 -2.06 5.27 -18.33
N GLU A 19 -1.79 4.05 -18.79
CA GLU A 19 -0.62 3.26 -18.37
C GLU A 19 0.34 3.15 -19.54
N THR A 20 1.56 3.62 -19.34
CA THR A 20 2.61 3.58 -20.35
C THR A 20 3.92 3.10 -19.75
N THR A 21 4.88 2.85 -20.62
CA THR A 21 6.19 2.38 -20.20
C THR A 21 7.00 3.60 -19.78
N LEU A 22 7.27 3.71 -18.50
CA LEU A 22 8.06 4.78 -17.93
C LEU A 22 9.54 4.46 -18.00
N PHE A 23 10.34 5.51 -17.77
CA PHE A 23 11.80 5.41 -17.78
C PHE A 23 12.45 6.07 -16.58
N CYS A 24 13.67 5.65 -16.30
CA CYS A 24 14.39 6.09 -15.07
C CYS A 24 15.22 7.35 -15.30
N ALA A 25 15.68 7.92 -14.19
CA ALA A 25 16.52 9.11 -14.16
C ALA A 25 17.36 9.13 -12.89
N SER A 26 18.65 9.41 -13.06
CA SER A 26 19.60 9.47 -11.95
C SER A 26 20.70 10.46 -12.32
N ASP A 27 21.61 10.71 -11.37
CA ASP A 27 22.72 11.62 -11.62
C ASP A 27 23.96 11.35 -10.79
N ALA A 28 23.79 10.87 -9.56
CA ALA A 28 24.92 10.72 -8.65
C ALA A 28 25.63 9.38 -8.82
N ASN A 37 27.23 2.34 -8.70
CA ASN A 37 26.02 1.63 -8.32
C ASN A 37 25.25 1.21 -9.56
N VAL A 38 25.39 -0.07 -9.91
CA VAL A 38 25.03 -0.60 -11.22
C VAL A 38 23.56 -0.36 -11.55
N TRP A 39 22.69 -0.36 -10.54
CA TRP A 39 21.26 -0.35 -10.76
C TRP A 39 20.76 1.00 -11.24
N ALA A 40 21.15 2.08 -10.57
CA ALA A 40 20.79 3.42 -11.00
C ALA A 40 21.93 4.30 -11.51
N THR A 41 23.20 4.06 -11.18
CA THR A 41 24.22 4.94 -11.74
C THR A 41 24.34 4.73 -13.25
N HIS A 42 24.26 3.47 -13.72
CA HIS A 42 24.07 3.22 -15.14
C HIS A 42 22.76 3.82 -15.64
N ALA A 43 21.72 3.84 -14.79
CA ALA A 43 20.33 4.21 -15.08
C ALA A 43 19.98 4.48 -16.52
N CYS A 44 19.70 5.77 -16.77
CA CYS A 44 19.40 6.31 -18.12
C CYS A 44 19.98 7.73 -18.26
N VAL A 45 19.14 8.68 -18.67
CA VAL A 45 19.39 10.09 -18.91
C VAL A 45 19.43 10.87 -17.61
N PRO A 46 20.45 11.72 -17.43
CA PRO A 46 20.55 12.49 -16.18
C PRO A 46 19.36 13.45 -16.11
N THR A 47 18.93 13.68 -14.89
CA THR A 47 17.80 14.58 -14.66
C THR A 47 18.16 16.01 -15.05
N ASP A 48 17.13 16.76 -15.40
CA ASP A 48 17.26 18.18 -15.66
C ASP A 48 17.75 18.92 -14.41
N PRO A 49 18.57 19.97 -14.62
CA PRO A 49 19.07 20.77 -13.49
C PRO A 49 17.97 21.30 -12.59
N ASN A 50 16.86 21.77 -13.15
CA ASN A 50 15.74 22.24 -12.36
C ASN A 50 14.46 21.61 -12.88
N PRO A 51 13.73 20.88 -12.05
CA PRO A 51 12.44 20.33 -12.48
C PRO A 51 11.36 21.38 -12.38
N GLN A 52 10.34 21.24 -13.23
CA GLN A 52 9.24 22.19 -13.25
C GLN A 52 8.05 21.49 -12.63
N GLU A 53 7.60 21.99 -11.48
CA GLU A 53 6.37 21.55 -10.85
C GLU A 53 5.40 22.72 -11.02
N ILE A 54 4.35 22.49 -11.82
CA ILE A 54 3.43 23.54 -12.18
C ILE A 54 2.12 23.28 -11.45
N HIS A 55 1.76 24.16 -10.52
CA HIS A 55 0.52 24.00 -9.80
C HIS A 55 -0.65 24.25 -10.74
N LEU A 56 -1.70 23.47 -10.57
CA LEU A 56 -2.87 23.57 -11.43
C LEU A 56 -4.00 24.04 -10.53
N GLU A 57 -4.26 25.35 -10.60
CA GLU A 57 -5.32 25.95 -9.80
C GLU A 57 -6.65 25.35 -10.19
N ASN A 58 -7.50 25.10 -9.19
CA ASN A 58 -8.92 24.82 -9.33
C ASN A 58 -9.14 23.37 -9.71
N VAL A 59 -8.07 22.60 -9.82
CA VAL A 59 -8.10 21.26 -10.42
C VAL A 59 -8.23 20.23 -9.31
N THR A 60 -9.18 19.32 -9.44
CA THR A 60 -9.40 18.25 -8.48
C THR A 60 -9.38 16.95 -9.26
N GLU A 61 -8.42 16.08 -8.96
CA GLU A 61 -8.26 14.85 -9.72
C GLU A 61 -8.25 13.62 -8.82
N GLU A 62 -8.84 12.54 -9.32
CA GLU A 62 -8.91 11.30 -8.54
C GLU A 62 -7.62 10.50 -8.64
N PHE A 63 -7.10 10.08 -7.49
CA PHE A 63 -5.92 9.22 -7.40
C PHE A 63 -6.32 7.87 -6.82
N ASN A 64 -5.57 6.83 -7.19
CA ASN A 64 -5.74 5.49 -6.60
C ASN A 64 -4.36 4.84 -6.53
N MET A 65 -3.79 4.78 -5.33
CA MET A 65 -2.47 4.18 -5.20
C MET A 65 -2.49 2.67 -5.34
N TRP A 66 -3.65 2.03 -5.18
CA TRP A 66 -3.70 0.58 -5.22
C TRP A 66 -3.93 0.04 -6.62
N LYS A 67 -4.59 0.82 -7.48
CA LYS A 67 -4.73 0.47 -8.89
C LYS A 67 -3.70 1.18 -9.75
N ASN A 68 -2.61 1.62 -9.15
CA ASN A 68 -1.59 2.36 -9.87
C ASN A 68 -0.68 1.41 -10.63
N ASN A 69 -0.35 1.77 -11.88
CA ASN A 69 0.53 0.97 -12.69
C ASN A 69 1.99 1.33 -12.50
N MET A 70 2.28 2.54 -12.02
CA MET A 70 3.66 2.88 -11.68
C MET A 70 4.26 1.91 -10.68
N VAL A 71 3.43 1.35 -9.79
CA VAL A 71 3.91 0.38 -8.81
C VAL A 71 4.35 -0.90 -9.50
N GLU A 72 3.50 -1.45 -10.36
CA GLU A 72 3.84 -2.69 -11.06
C GLU A 72 5.03 -2.48 -11.98
N GLN A 73 5.11 -1.30 -12.61
CA GLN A 73 6.24 -0.98 -13.46
C GLN A 73 7.53 -0.97 -12.65
N MET A 74 7.53 -0.25 -11.52
CA MET A 74 8.72 -0.23 -10.68
C MET A 74 9.08 -1.63 -10.20
N HIS A 75 8.09 -2.43 -9.83
CA HIS A 75 8.35 -3.78 -9.35
C HIS A 75 9.06 -4.62 -10.39
N THR A 76 8.51 -4.65 -11.62
CA THR A 76 9.15 -5.44 -12.66
C THR A 76 10.51 -4.85 -13.07
N ASP A 77 10.67 -3.53 -12.93
CA ASP A 77 11.94 -2.92 -13.28
C ASP A 77 13.04 -3.31 -12.29
N ILE A 78 12.71 -3.28 -11.00
CA ILE A 78 13.67 -3.70 -9.97
C ILE A 78 14.03 -5.15 -10.19
N ILE A 79 13.03 -5.99 -10.47
CA ILE A 79 13.30 -7.41 -10.70
C ILE A 79 14.25 -7.59 -11.88
N SER A 80 13.93 -6.96 -13.01
CA SER A 80 14.76 -7.13 -14.21
C SER A 80 16.18 -6.58 -13.98
N LEU A 81 16.30 -5.44 -13.29
CA LEU A 81 17.62 -4.92 -12.97
C LEU A 81 18.39 -5.87 -12.08
N TRP A 82 17.70 -6.49 -11.11
CA TRP A 82 18.37 -7.45 -10.23
C TRP A 82 18.96 -8.58 -11.06
N ASP A 83 18.17 -9.10 -12.01
CA ASP A 83 18.66 -10.20 -12.84
C ASP A 83 19.79 -9.74 -13.75
N GLN A 84 19.67 -8.55 -14.33
CA GLN A 84 20.71 -8.06 -15.23
C GLN A 84 22.02 -7.82 -14.51
N SER A 85 21.96 -7.42 -13.22
CA SER A 85 23.19 -7.24 -12.49
C SER A 85 23.73 -8.55 -11.92
N LEU A 86 22.90 -9.57 -11.77
CA LEU A 86 23.38 -10.83 -11.24
C LEU A 86 23.94 -11.76 -12.32
N LYS A 87 23.45 -11.62 -13.56
CA LYS A 87 23.83 -12.52 -14.65
C LYS A 87 25.33 -12.65 -14.86
N PRO A 88 26.12 -11.57 -14.97
CA PRO A 88 27.54 -11.72 -15.32
C PRO A 88 28.41 -12.22 -14.18
N CYS A 89 27.88 -12.30 -12.97
CA CYS A 89 28.68 -12.61 -11.80
C CYS A 89 28.89 -14.11 -11.70
N VAL A 90 29.73 -14.50 -10.74
CA VAL A 90 30.16 -15.88 -10.60
C VAL A 90 29.04 -16.70 -9.97
N LYS A 91 28.64 -17.77 -10.64
CA LYS A 91 27.64 -18.68 -10.11
C LYS A 91 28.32 -19.78 -9.32
N LEU A 92 27.88 -20.01 -8.10
CA LEU A 92 28.55 -20.97 -7.23
C LEU A 92 27.88 -22.34 -7.32
N THR A 93 27.69 -22.84 -8.54
CA THR A 93 27.20 -24.20 -8.72
C THR A 93 28.13 -25.28 -8.16
N PRO A 94 29.46 -25.20 -8.30
CA PRO A 94 30.32 -26.26 -7.75
C PRO A 94 30.48 -26.20 -6.24
N LEU A 95 30.05 -25.14 -5.58
CA LEU A 95 30.21 -25.01 -4.13
C LEU A 95 29.24 -25.88 -3.38
N CYS A 96 28.48 -26.71 -4.09
CA CYS A 96 27.58 -27.66 -3.49
C CYS A 96 28.26 -28.98 -3.15
N VAL A 97 29.57 -28.96 -2.92
CA VAL A 97 30.26 -30.16 -2.47
C VAL A 97 29.79 -30.50 -1.06
N THR A 98 29.92 -31.78 -0.71
CA THR A 98 29.57 -32.17 0.65
C THR A 98 30.47 -31.42 1.62
N LEU A 99 29.85 -30.85 2.65
CA LEU A 99 30.55 -30.02 3.61
C LEU A 99 30.71 -30.80 4.91
N GLN A 100 31.91 -30.76 5.47
CA GLN A 100 32.19 -31.27 6.80
C GLN A 100 32.31 -30.08 7.74
N CYS A 101 31.39 -29.97 8.70
CA CYS A 101 31.28 -28.74 9.48
C CYS A 101 31.45 -29.06 10.95
N THR A 102 32.11 -28.14 11.65
CA THR A 102 32.21 -28.13 13.11
C THR A 102 31.78 -26.78 13.67
N ASN A 103 31.48 -26.80 14.96
CA ASN A 103 31.05 -25.60 15.67
C ASN A 103 32.22 -24.63 15.79
N VAL A 104 31.90 -23.33 15.81
CA VAL A 104 32.96 -22.33 16.06
C VAL A 104 33.43 -22.43 17.51
N GLU A 115 25.68 -20.97 16.69
CA GLU A 115 25.15 -20.55 15.41
C GLU A 115 26.10 -20.90 14.28
N LEU A 116 27.12 -20.07 14.11
CA LEU A 116 27.94 -20.08 12.90
C LEU A 116 28.85 -21.30 12.91
N LYS A 117 29.11 -21.83 11.73
CA LYS A 117 29.79 -23.12 11.63
C LYS A 117 30.96 -23.03 10.67
N ASN A 118 32.05 -23.64 11.09
CA ASN A 118 33.28 -23.74 10.32
C ASN A 118 33.19 -24.99 9.44
N CYS A 119 33.16 -24.80 8.13
CA CYS A 119 32.92 -25.89 7.19
C CYS A 119 34.12 -26.05 6.30
N SER A 120 34.68 -27.24 6.27
CA SER A 120 35.75 -27.62 5.36
C SER A 120 35.17 -28.48 4.26
N PHE A 121 35.69 -28.28 3.05
CA PHE A 121 35.16 -28.99 1.88
C PHE A 121 36.20 -28.99 0.78
N ASN A 122 36.06 -29.97 -0.11
CA ASN A 122 36.85 -29.99 -1.32
C ASN A 122 36.30 -28.98 -2.32
N MET A 123 37.17 -28.58 -3.24
CA MET A 123 36.82 -27.62 -4.26
C MET A 123 37.73 -27.86 -5.45
N THR A 124 37.15 -27.80 -6.65
CA THR A 124 37.96 -27.83 -7.85
C THR A 124 38.95 -26.69 -7.83
N THR A 125 40.18 -26.98 -8.22
CA THR A 125 41.21 -25.96 -8.35
C THR A 125 41.10 -25.35 -9.75
N GLU A 126 42.18 -24.75 -10.23
CA GLU A 126 42.18 -24.22 -11.58
C GLU A 126 42.42 -25.35 -12.58
N LEU A 127 43.43 -26.17 -12.31
CA LEU A 127 43.65 -27.40 -13.06
C LEU A 127 42.54 -28.40 -12.79
N ARG A 128 41.98 -29.00 -13.86
CA ARG A 128 40.81 -29.86 -13.71
C ARG A 128 41.07 -31.04 -12.79
N ASP A 129 42.28 -31.62 -12.86
CA ASP A 129 42.55 -32.82 -12.10
C ASP A 129 42.76 -32.55 -10.62
N LYS A 130 43.32 -31.40 -10.26
CA LYS A 130 43.65 -31.13 -8.87
C LYS A 130 42.43 -30.65 -8.09
N LYS A 131 42.44 -30.96 -6.79
CA LYS A 131 41.42 -30.53 -5.83
C LYS A 131 42.10 -29.89 -4.63
N GLN A 132 41.34 -29.06 -3.90
CA GLN A 132 41.84 -28.39 -2.71
C GLN A 132 40.82 -28.52 -1.58
N LYS A 133 41.33 -28.63 -0.36
CA LYS A 133 40.51 -28.59 0.85
C LYS A 133 40.59 -27.20 1.48
N VAL A 134 39.48 -26.47 1.47
CA VAL A 134 39.42 -25.15 2.06
C VAL A 134 38.35 -25.14 3.14
N TYR A 135 38.36 -24.07 3.95
CA TYR A 135 37.35 -23.90 4.98
C TYR A 135 36.74 -22.51 4.90
N SER A 136 35.45 -22.42 5.20
CA SER A 136 34.73 -21.16 5.25
C SER A 136 33.76 -21.16 6.42
N LEU A 137 33.40 -19.96 6.86
CA LEU A 137 32.43 -19.77 7.94
C LEU A 137 31.06 -19.53 7.32
N PHE A 138 30.06 -20.29 7.77
CA PHE A 138 28.71 -20.20 7.26
C PHE A 138 27.72 -19.99 8.40
N TYR A 139 26.81 -19.04 8.22
CA TYR A 139 25.70 -18.85 9.15
C TYR A 139 24.77 -20.05 9.13
N ARG A 140 24.08 -20.28 10.26
CA ARG A 140 23.29 -21.49 10.40
C ARG A 140 22.21 -21.58 9.33
N LEU A 141 21.67 -20.44 8.90
CA LEU A 141 20.55 -20.45 7.96
C LEU A 141 20.96 -20.98 6.57
N ASP A 142 22.24 -20.82 6.20
CA ASP A 142 22.68 -21.23 4.87
C ASP A 142 22.87 -22.73 4.69
N VAL A 143 23.01 -23.51 5.77
CA VAL A 143 23.38 -24.91 5.61
C VAL A 143 22.39 -25.82 6.31
N VAL A 144 22.20 -27.01 5.75
CA VAL A 144 21.38 -28.06 6.34
C VAL A 144 22.12 -29.38 6.23
N GLN A 145 21.87 -30.26 7.20
CA GLN A 145 22.48 -31.57 7.26
C GLN A 145 21.58 -32.58 6.56
N ILE A 146 22.18 -33.67 6.08
CA ILE A 146 21.46 -34.71 5.36
C ILE A 146 21.47 -36.03 6.13
N ASN A 147 22.66 -36.58 6.40
CA ASN A 147 22.77 -37.81 7.18
C ASN A 147 23.51 -37.59 8.50
N LYS A 159 29.92 -34.45 10.96
CA LYS A 159 28.79 -34.76 10.09
C LYS A 159 28.93 -34.09 8.72
N GLU A 160 28.11 -34.55 7.80
CA GLU A 160 28.05 -34.02 6.44
C GLU A 160 26.88 -33.06 6.27
N TYR A 161 27.15 -31.97 5.55
CA TYR A 161 26.21 -30.88 5.37
C TYR A 161 26.25 -30.43 3.93
N ARG A 162 25.24 -29.65 3.56
CA ARG A 162 25.17 -29.02 2.26
C ARG A 162 24.51 -27.65 2.43
N LEU A 163 24.69 -26.80 1.43
CA LEU A 163 24.02 -25.52 1.46
C LEU A 163 22.52 -25.75 1.24
N ILE A 164 21.68 -24.96 1.91
CA ILE A 164 20.24 -25.20 1.90
C ILE A 164 19.70 -25.09 0.48
N ASN A 165 20.32 -24.27 -0.36
CA ASN A 165 19.77 -24.04 -1.68
C ASN A 165 20.07 -25.16 -2.65
N CYS A 166 21.06 -26.02 -2.37
CA CYS A 166 21.60 -26.89 -3.41
C CYS A 166 20.56 -27.90 -3.90
N ASN A 167 19.59 -28.25 -3.08
CA ASN A 167 18.57 -29.19 -3.50
C ASN A 167 17.33 -28.48 -4.05
N THR A 168 17.20 -27.17 -3.82
CA THR A 168 16.09 -26.42 -4.37
C THR A 168 16.43 -25.76 -5.69
N SER A 169 17.61 -25.16 -5.80
CA SER A 169 17.92 -24.32 -6.95
C SER A 169 19.42 -24.15 -7.04
N ALA A 170 19.87 -23.60 -8.17
CA ALA A 170 21.26 -23.21 -8.32
C ALA A 170 21.48 -21.88 -7.57
N ILE A 171 22.74 -21.44 -7.53
CA ILE A 171 23.11 -20.25 -6.77
C ILE A 171 24.17 -19.49 -7.56
N THR A 172 24.13 -18.16 -7.44
CA THR A 172 25.13 -17.30 -8.06
C THR A 172 25.53 -16.21 -7.08
N GLN A 173 26.80 -15.83 -7.13
CA GLN A 173 27.36 -14.92 -6.15
C GLN A 173 27.31 -13.50 -6.69
N ALA A 174 26.70 -12.60 -5.92
CA ALA A 174 26.65 -11.19 -6.29
C ALA A 174 28.06 -10.64 -6.46
N CYS A 175 28.30 -9.95 -7.57
CA CYS A 175 29.59 -9.34 -7.79
C CYS A 175 29.94 -8.40 -6.64
N PRO A 176 31.20 -8.39 -6.19
CA PRO A 176 31.53 -7.57 -5.02
C PRO A 176 31.47 -6.09 -5.32
N LYS A 177 31.70 -5.70 -6.58
CA LYS A 177 31.77 -4.29 -6.91
C LYS A 177 30.40 -3.64 -6.82
N VAL A 178 29.38 -4.33 -7.34
CA VAL A 178 28.05 -3.74 -7.37
C VAL A 178 27.60 -3.55 -5.93
N SER A 179 26.88 -2.48 -5.67
CA SER A 179 26.47 -2.15 -4.31
C SER A 179 24.96 -2.28 -4.20
N PHE A 180 24.50 -2.77 -3.06
CA PHE A 180 23.07 -2.92 -2.84
C PHE A 180 22.46 -1.69 -2.20
N GLU A 181 23.23 -0.62 -2.06
CA GLU A 181 22.72 0.61 -1.45
C GLU A 181 21.69 1.24 -2.38
N PRO A 182 20.46 1.46 -1.94
CA PRO A 182 19.48 2.11 -2.81
C PRO A 182 19.80 3.59 -2.98
N ILE A 183 19.85 4.04 -4.22
CA ILE A 183 20.04 5.45 -4.53
C ILE A 183 18.77 5.96 -5.19
N PRO A 184 18.44 7.24 -5.10
CA PRO A 184 17.18 7.74 -5.66
C PRO A 184 17.08 7.57 -7.17
N ILE A 185 15.95 7.02 -7.60
CA ILE A 185 15.63 6.79 -9.01
C ILE A 185 14.34 7.53 -9.29
N HIS A 186 14.37 8.43 -10.27
CA HIS A 186 13.20 9.23 -10.66
C HIS A 186 12.49 8.56 -11.82
N TYR A 187 11.21 8.23 -11.62
CA TYR A 187 10.37 7.69 -12.69
C TYR A 187 9.73 8.82 -13.48
N CYS A 188 9.98 8.81 -14.80
CA CYS A 188 9.56 9.84 -15.73
C CYS A 188 8.60 9.28 -16.79
N ALA A 189 7.66 10.17 -17.22
CA ALA A 189 6.69 9.91 -18.28
C ALA A 189 7.19 10.47 -19.61
N PRO A 190 6.88 9.83 -20.73
CA PRO A 190 7.31 10.36 -22.03
C PRO A 190 6.57 11.63 -22.42
N ALA A 191 7.09 12.28 -23.47
CA ALA A 191 6.47 13.47 -24.03
C ALA A 191 5.08 13.15 -24.54
N GLY A 192 4.17 14.12 -24.42
CA GLY A 192 2.79 13.87 -24.72
C GLY A 192 2.00 13.27 -23.58
N PHE A 193 2.70 12.82 -22.53
CA PHE A 193 2.12 12.34 -21.29
C PHE A 193 2.56 13.24 -20.15
N ALA A 194 1.98 13.04 -18.98
CA ALA A 194 2.31 13.84 -17.82
C ALA A 194 2.06 13.05 -16.54
N ILE A 195 2.72 13.47 -15.47
CA ILE A 195 2.55 12.88 -14.15
C ILE A 195 1.84 13.90 -13.29
N LEU A 196 0.76 13.48 -12.65
CA LEU A 196 0.04 14.35 -11.73
C LEU A 196 0.41 13.99 -10.31
N LYS A 197 0.67 15.02 -9.51
CA LYS A 197 1.18 14.90 -8.15
C LYS A 197 0.21 15.62 -7.25
N CYS A 198 -0.31 14.89 -6.27
CA CYS A 198 -1.22 15.46 -5.29
C CYS A 198 -0.40 16.15 -4.21
N LYS A 199 -0.69 17.43 -3.98
CA LYS A 199 0.05 18.19 -2.97
C LYS A 199 -0.81 18.43 -1.73
N ASP A 200 -1.88 17.67 -1.58
CA ASP A 200 -2.75 17.76 -0.42
C ASP A 200 -2.03 17.06 0.73
N LYS A 201 -1.82 17.80 1.83
CA LYS A 201 -1.08 17.23 2.95
C LYS A 201 -1.85 16.10 3.60
N LYS A 202 -3.13 16.31 3.88
CA LYS A 202 -3.95 15.27 4.49
C LYS A 202 -4.50 14.24 3.48
N PHE A 203 -3.92 14.14 2.30
CA PHE A 203 -4.50 13.33 1.22
C PHE A 203 -4.54 11.85 1.62
N ASN A 204 -5.74 11.27 1.65
CA ASN A 204 -5.90 9.83 1.76
C ASN A 204 -5.24 9.13 0.57
N GLY A 205 -5.04 7.81 0.73
CA GLY A 205 -4.45 7.02 -0.35
C GLY A 205 -5.17 7.21 -1.67
N THR A 206 -6.48 7.05 -1.67
CA THR A 206 -7.28 7.18 -2.87
C THR A 206 -8.34 8.24 -2.65
N GLY A 207 -8.73 8.90 -3.74
CA GLY A 207 -9.79 9.88 -3.67
C GLY A 207 -9.48 11.14 -4.45
N PRO A 208 -10.39 12.12 -4.39
CA PRO A 208 -10.18 13.39 -5.11
C PRO A 208 -9.20 14.33 -4.40
N CYS A 209 -8.20 14.79 -5.14
CA CYS A 209 -7.18 15.68 -4.62
C CYS A 209 -7.47 17.11 -5.07
N PRO A 210 -7.76 18.03 -4.15
CA PRO A 210 -8.13 19.40 -4.56
C PRO A 210 -6.97 20.22 -5.09
N SER A 211 -5.74 19.92 -4.66
CA SER A 211 -4.55 20.66 -5.04
C SER A 211 -3.63 19.70 -5.81
N VAL A 212 -3.50 19.94 -7.11
CA VAL A 212 -2.77 19.05 -8.01
C VAL A 212 -1.78 19.86 -8.82
N SER A 213 -0.56 19.35 -8.93
CA SER A 213 0.43 19.94 -9.82
C SER A 213 0.93 18.86 -10.77
N THR A 214 1.52 19.29 -11.90
CA THR A 214 1.97 18.35 -12.91
C THR A 214 3.49 18.39 -13.03
N VAL A 215 4.08 17.22 -13.25
CA VAL A 215 5.52 17.06 -13.36
C VAL A 215 5.84 16.03 -14.42
N GLN A 216 7.05 16.14 -14.99
CA GLN A 216 7.51 15.15 -15.95
C GLN A 216 8.14 13.95 -15.25
N CYS A 217 8.71 14.16 -14.05
CA CYS A 217 9.35 13.10 -13.30
C CYS A 217 9.05 13.23 -11.81
N THR A 218 9.00 12.10 -11.13
CA THR A 218 8.76 12.08 -9.69
C THR A 218 10.00 12.54 -8.92
N HIS A 219 9.85 12.63 -7.60
CA HIS A 219 10.98 12.94 -6.73
C HIS A 219 11.92 11.74 -6.64
N GLY A 220 13.08 11.97 -6.04
CA GLY A 220 14.04 10.90 -5.85
C GLY A 220 13.58 9.82 -4.90
N ILE A 221 13.23 8.66 -5.45
CA ILE A 221 12.72 7.54 -4.70
C ILE A 221 13.81 6.50 -4.54
N LYS A 222 14.23 6.24 -3.31
CA LYS A 222 15.21 5.20 -3.04
C LYS A 222 14.52 3.84 -3.01
N PRO A 223 14.94 2.87 -3.83
CA PRO A 223 14.33 1.53 -3.82
C PRO A 223 14.85 0.67 -2.67
N VAL A 224 14.41 1.04 -1.47
CA VAL A 224 14.81 0.36 -0.26
C VAL A 224 14.04 -0.95 -0.15
N VAL A 225 14.75 -2.06 -0.25
CA VAL A 225 14.11 -3.37 -0.08
C VAL A 225 13.97 -3.64 1.41
N SER A 226 12.73 -3.81 1.87
CA SER A 226 12.46 -3.91 3.29
C SER A 226 11.20 -4.75 3.53
N THR A 227 11.05 -5.20 4.77
CA THR A 227 9.86 -5.90 5.24
C THR A 227 9.49 -5.31 6.59
N GLN A 228 8.19 -5.38 6.91
CA GLN A 228 7.65 -4.74 8.11
C GLN A 228 7.85 -3.23 8.01
N LEU A 229 8.78 -2.70 8.79
CA LEU A 229 8.99 -1.26 8.83
C LEU A 229 9.67 -0.73 7.57
N LEU A 230 9.19 0.42 7.10
CA LEU A 230 9.73 1.10 5.92
C LEU A 230 10.92 2.00 6.27
N LEU A 231 11.91 1.99 5.38
CA LEU A 231 13.19 2.66 5.61
C LEU A 231 13.41 3.70 4.51
N ASN A 232 13.97 4.86 4.90
CA ASN A 232 14.41 5.88 3.93
C ASN A 232 13.30 6.36 2.99
N GLY A 233 12.05 6.30 3.39
CA GLY A 233 10.99 6.80 2.55
C GLY A 233 10.84 8.31 2.67
N SER A 234 9.72 8.80 2.17
CA SER A 234 9.38 10.21 2.30
C SER A 234 8.35 10.35 3.41
N LEU A 235 8.42 11.46 4.13
CA LEU A 235 7.57 11.67 5.29
C LEU A 235 6.38 12.53 4.93
N ALA A 236 5.21 12.13 5.43
CA ALA A 236 4.00 12.93 5.24
C ALA A 236 4.08 14.19 6.08
N GLU A 237 3.62 15.30 5.51
CA GLU A 237 3.57 16.54 6.26
C GLU A 237 2.34 16.57 7.16
N GLU A 238 2.38 17.43 8.18
CA GLU A 238 1.37 17.54 9.24
C GLU A 238 1.25 16.19 9.95
N GLU A 239 0.10 15.52 9.92
CA GLU A 239 -0.09 14.28 10.66
C GLU A 239 0.47 13.09 9.90
N VAL A 240 0.79 12.03 10.66
CA VAL A 240 1.18 10.76 10.04
C VAL A 240 -0.03 10.18 9.33
N MET A 241 0.23 9.38 8.30
CA MET A 241 -0.81 8.89 7.39
C MET A 241 -0.96 7.38 7.49
N ILE A 242 -2.21 6.93 7.60
CA ILE A 242 -2.58 5.53 7.56
C ILE A 242 -3.32 5.29 6.24
N ARG A 243 -2.80 4.41 5.40
CA ARG A 243 -3.36 4.17 4.08
C ARG A 243 -3.58 2.68 3.89
N SER A 244 -4.81 2.29 3.58
CA SER A 244 -5.12 0.92 3.24
C SER A 244 -5.94 0.91 1.96
N GLU A 245 -6.13 -0.28 1.40
CA GLU A 245 -7.10 -0.43 0.32
C GLU A 245 -8.50 -0.59 0.89
N ASN A 246 -8.60 -1.20 2.06
CA ASN A 246 -9.87 -1.32 2.77
C ASN A 246 -9.51 -1.58 4.22
N ILE A 247 -9.86 -0.64 5.10
CA ILE A 247 -9.42 -0.73 6.50
C ILE A 247 -10.08 -1.91 7.18
N THR A 248 -11.39 -2.08 6.96
CA THR A 248 -12.19 -3.08 7.65
C THR A 248 -11.87 -4.50 7.16
N ASN A 249 -11.15 -4.61 6.06
CA ASN A 249 -10.75 -5.90 5.52
C ASN A 249 -9.38 -6.25 6.08
N ASN A 250 -9.30 -7.38 6.79
CA ASN A 250 -8.04 -7.79 7.40
C ASN A 250 -7.02 -8.16 6.33
N ALA A 251 -7.49 -8.70 5.19
CA ALA A 251 -6.59 -9.20 4.17
C ALA A 251 -5.75 -8.09 3.56
N LYS A 252 -6.26 -6.87 3.50
CA LYS A 252 -5.48 -5.77 2.94
C LYS A 252 -4.55 -5.17 3.98
N ASN A 253 -3.27 -5.03 3.61
CA ASN A 253 -2.26 -4.55 4.54
C ASN A 253 -2.54 -3.09 4.90
N ILE A 254 -1.76 -2.59 5.87
CA ILE A 254 -1.92 -1.22 6.34
C ILE A 254 -0.58 -0.55 6.17
N LEU A 255 -0.55 0.57 5.47
CA LEU A 255 0.63 1.37 5.24
C LEU A 255 0.65 2.55 6.20
N VAL A 256 1.79 2.77 6.85
CA VAL A 256 1.93 3.87 7.78
C VAL A 256 3.10 4.73 7.34
N GLN A 257 2.88 6.03 7.27
CA GLN A 257 3.90 7.00 6.90
C GLN A 257 4.02 8.00 8.04
N PHE A 258 5.24 8.17 8.54
CA PHE A 258 5.47 9.07 9.67
C PHE A 258 5.50 10.51 9.18
N ASN A 259 5.17 11.43 10.11
CA ASN A 259 5.44 12.85 9.90
C ASN A 259 6.81 13.23 10.44
N THR A 260 7.24 12.56 11.49
CA THR A 260 8.55 12.72 12.08
C THR A 260 9.30 11.42 11.85
N PRO A 261 10.52 11.45 11.35
CA PRO A 261 11.23 10.19 11.13
C PRO A 261 11.82 9.71 12.44
N VAL A 262 11.77 8.41 12.65
CA VAL A 262 12.51 7.86 13.77
C VAL A 262 13.87 7.42 13.25
N GLN A 263 14.84 7.37 14.15
CA GLN A 263 16.19 6.97 13.77
C GLN A 263 16.47 5.57 14.26
N ILE A 264 17.09 4.77 13.39
CA ILE A 264 17.43 3.40 13.73
C ILE A 264 18.87 3.16 13.29
N ASN A 265 19.69 2.71 14.22
CA ASN A 265 21.10 2.44 13.95
C ASN A 265 21.26 0.92 13.93
N CYS A 266 21.77 0.38 12.82
CA CYS A 266 21.98 -1.06 12.68
C CYS A 266 23.46 -1.37 12.47
N THR A 267 23.97 -2.27 13.31
CA THR A 267 25.36 -2.67 13.24
C THR A 267 25.47 -4.18 13.28
N ARG A 268 26.43 -4.69 12.50
CA ARG A 268 26.92 -6.06 12.60
C ARG A 268 28.30 -6.00 13.22
N PRO A 269 28.43 -6.28 14.52
CA PRO A 269 29.70 -6.03 15.21
C PRO A 269 30.82 -6.98 14.83
N ASN A 270 30.50 -8.15 14.28
CA ASN A 270 31.55 -9.10 13.96
C ASN A 270 32.48 -8.54 12.89
N ASN A 271 33.78 -8.69 13.13
CA ASN A 271 34.80 -8.13 12.25
C ASN A 271 35.21 -9.25 11.28
N ASN A 272 34.36 -9.47 10.29
CA ASN A 272 34.56 -10.62 9.41
C ASN A 272 35.76 -10.35 8.51
N THR A 273 36.23 -11.41 7.88
CA THR A 273 37.33 -11.31 6.93
C THR A 273 36.95 -12.09 5.69
N ARG A 274 37.41 -11.58 4.55
CA ARG A 274 37.10 -12.17 3.26
C ARG A 274 38.30 -12.93 2.74
N LYS A 275 38.10 -14.20 2.38
CA LYS A 275 39.14 -15.07 1.85
C LYS A 275 38.76 -15.42 0.41
N SER A 276 39.53 -14.91 -0.54
CA SER A 276 39.31 -15.20 -1.95
C SER A 276 40.04 -16.49 -2.30
N ILE A 277 39.27 -17.56 -2.55
CA ILE A 277 39.82 -18.85 -2.94
C ILE A 277 39.45 -19.13 -4.39
N ARG A 278 40.46 -19.44 -5.20
CA ARG A 278 40.28 -19.63 -6.63
C ARG A 278 39.78 -21.05 -6.89
N ILE A 279 38.67 -21.16 -7.61
CA ILE A 279 38.02 -22.45 -7.83
C ILE A 279 37.99 -22.82 -9.30
N GLY A 280 38.74 -22.11 -10.14
CA GLY A 280 38.80 -22.39 -11.55
C GLY A 280 39.48 -21.24 -12.27
N PRO A 281 39.64 -21.34 -13.58
CA PRO A 281 40.18 -20.21 -14.33
C PRO A 281 39.22 -19.03 -14.30
N GLY A 282 39.60 -18.00 -13.57
CA GLY A 282 38.81 -16.78 -13.38
C GLY A 282 37.86 -16.79 -12.19
N GLN A 283 37.17 -17.91 -11.96
CA GLN A 283 36.23 -17.99 -10.85
C GLN A 283 36.94 -17.84 -9.50
N ALA A 284 36.28 -17.17 -8.56
CA ALA A 284 36.85 -16.92 -7.24
C ALA A 284 35.73 -16.80 -6.22
N PHE A 285 35.71 -17.72 -5.25
CA PHE A 285 34.71 -17.68 -4.18
C PHE A 285 35.24 -16.90 -2.99
N TYR A 286 34.36 -16.08 -2.41
CA TYR A 286 34.70 -15.23 -1.27
C TYR A 286 34.16 -15.89 0.00
N ALA A 287 35.03 -16.67 0.66
CA ALA A 287 34.72 -17.35 1.90
C ALA A 287 34.84 -16.42 3.10
N THR A 288 34.19 -16.80 4.19
CA THR A 288 34.27 -16.07 5.45
C THR A 288 35.41 -16.62 6.29
N GLY A 289 36.41 -15.79 6.53
CA GLY A 289 37.53 -16.12 7.40
C GLY A 289 37.15 -16.17 8.86
N ASP A 290 38.14 -16.42 9.71
CA ASP A 290 37.88 -16.54 11.14
C ASP A 290 37.48 -15.18 11.70
N ILE A 291 36.58 -15.19 12.69
CA ILE A 291 36.12 -13.93 13.26
C ILE A 291 37.22 -13.25 14.08
N ILE A 292 37.27 -11.93 13.96
CA ILE A 292 38.14 -11.02 14.69
C ILE A 292 37.27 -10.21 15.63
N GLY A 293 37.52 -10.26 16.93
CA GLY A 293 36.65 -9.51 17.82
C GLY A 293 35.58 -10.30 18.53
N ASP A 294 34.52 -9.58 18.92
CA ASP A 294 33.48 -10.11 19.77
C ASP A 294 32.62 -11.16 19.08
N ILE A 295 31.93 -11.93 19.93
CA ILE A 295 30.95 -12.93 19.53
C ILE A 295 29.60 -12.27 19.82
N ARG A 296 29.29 -11.22 19.08
CA ARG A 296 28.02 -10.51 19.22
C ARG A 296 27.29 -10.52 17.88
N GLN A 297 25.99 -10.62 17.97
CA GLN A 297 25.11 -10.65 16.81
C GLN A 297 24.63 -9.25 16.47
N ALA A 298 24.32 -9.04 15.20
CA ALA A 298 23.93 -7.73 14.71
C ALA A 298 22.62 -7.30 15.36
N HIS A 299 22.45 -5.99 15.46
CA HIS A 299 21.32 -5.42 16.17
C HIS A 299 21.05 -4.02 15.65
N CYS A 300 19.93 -3.47 16.10
CA CYS A 300 19.55 -2.09 15.77
C CYS A 300 18.92 -1.43 16.99
N ASN A 301 19.38 -0.22 17.31
CA ASN A 301 18.74 0.56 18.34
C ASN A 301 17.80 1.58 17.73
N VAL A 302 16.74 1.89 18.48
CA VAL A 302 15.75 2.92 18.17
C VAL A 302 15.42 3.66 19.46
N SER A 303 15.56 4.98 19.47
CA SER A 303 15.27 5.78 20.65
C SER A 303 13.87 5.52 21.19
N LYS A 304 13.78 5.08 22.46
CA LYS A 304 12.49 4.70 23.01
C LYS A 304 11.56 5.90 23.14
N ALA A 305 12.11 7.08 23.43
CA ALA A 305 11.28 8.27 23.55
C ALA A 305 10.62 8.59 22.22
N THR A 306 11.43 8.71 21.17
CA THR A 306 10.88 9.04 19.85
C THR A 306 9.93 7.95 19.38
N TRP A 307 10.27 6.68 19.62
CA TRP A 307 9.38 5.61 19.21
C TRP A 307 8.09 5.57 20.03
N ASN A 308 8.12 6.05 21.26
CA ASN A 308 6.89 6.13 22.05
C ASN A 308 6.01 7.26 21.56
N GLU A 309 6.61 8.40 21.20
CA GLU A 309 5.83 9.48 20.59
C GLU A 309 5.21 9.03 19.27
N THR A 310 6.03 8.43 18.41
CA THR A 310 5.55 7.98 17.12
C THR A 310 4.45 6.92 17.27
N LEU A 311 4.64 5.96 18.18
CA LEU A 311 3.61 4.96 18.43
C LEU A 311 2.32 5.58 18.95
N GLY A 312 2.44 6.61 19.79
CA GLY A 312 1.23 7.28 20.25
C GLY A 312 0.48 7.93 19.11
N LYS A 313 1.19 8.67 18.26
CA LYS A 313 0.52 9.31 17.13
C LYS A 313 -0.05 8.26 16.18
N VAL A 314 0.61 7.11 16.09
CA VAL A 314 0.10 6.02 15.27
C VAL A 314 -1.22 5.52 15.82
N VAL A 315 -1.28 5.25 17.12
CA VAL A 315 -2.53 4.70 17.64
C VAL A 315 -3.64 5.76 17.61
N LYS A 316 -3.28 7.05 17.64
CA LYS A 316 -4.30 8.09 17.47
C LYS A 316 -4.89 8.07 16.06
N GLN A 317 -4.02 7.93 15.05
CA GLN A 317 -4.57 7.85 13.70
C GLN A 317 -5.22 6.50 13.45
N LEU A 318 -4.87 5.48 14.23
CA LEU A 318 -5.54 4.21 14.07
C LEU A 318 -6.96 4.34 14.62
N ARG A 319 -7.09 5.00 15.76
CA ARG A 319 -8.38 5.17 16.43
C ARG A 319 -9.29 6.10 15.64
N LYS A 320 -8.73 6.88 14.71
CA LYS A 320 -9.63 7.70 13.89
C LYS A 320 -10.59 6.86 13.07
N HIS A 321 -10.37 5.56 12.93
CA HIS A 321 -11.28 4.66 12.24
C HIS A 321 -11.83 3.54 13.13
N PHE A 322 -11.52 3.55 14.42
CA PHE A 322 -11.98 2.49 15.32
C PHE A 322 -12.58 3.06 16.62
N ILE A 328 -6.64 -1.31 21.95
CA ILE A 328 -5.91 -1.48 20.70
C ILE A 328 -4.53 -2.02 21.03
N ARG A 329 -4.24 -3.29 20.74
CA ARG A 329 -2.93 -3.81 21.07
C ARG A 329 -2.13 -4.20 19.84
N PHE A 330 -0.82 -4.36 20.06
CA PHE A 330 0.11 -4.71 19.00
C PHE A 330 0.88 -5.94 19.43
N ALA A 331 0.93 -6.92 18.53
CA ALA A 331 1.60 -8.19 18.77
C ALA A 331 2.48 -8.52 17.57
N ASN A 332 3.39 -9.47 17.75
CA ASN A 332 4.26 -9.84 16.65
C ASN A 332 3.54 -10.78 15.69
N SER A 333 4.13 -10.94 14.52
CA SER A 333 3.60 -11.84 13.53
C SER A 333 4.49 -13.09 13.57
N SER A 334 3.88 -14.26 13.44
CA SER A 334 4.60 -15.52 13.54
C SER A 334 4.14 -16.37 12.37
N GLY A 335 4.88 -16.32 11.26
CA GLY A 335 4.42 -17.03 10.10
C GLY A 335 5.41 -17.93 9.39
N GLY A 336 6.49 -18.30 10.05
CA GLY A 336 7.32 -19.35 9.46
C GLY A 336 8.49 -18.93 8.59
N ASP A 337 8.25 -18.08 7.59
CA ASP A 337 9.34 -17.66 6.73
C ASP A 337 10.07 -16.55 7.44
N LEU A 338 11.34 -16.80 7.74
CA LEU A 338 12.11 -15.84 8.51
C LEU A 338 12.25 -14.52 7.75
N GLU A 339 12.36 -14.59 6.41
CA GLU A 339 12.63 -13.37 5.69
C GLU A 339 11.40 -12.46 5.60
N VAL A 340 10.20 -12.98 5.85
CA VAL A 340 9.02 -12.12 5.86
C VAL A 340 8.49 -11.84 7.27
N THR A 341 8.88 -12.64 8.27
CA THR A 341 8.42 -12.44 9.63
C THR A 341 9.24 -11.40 10.36
N THR A 342 10.43 -11.13 9.86
CA THR A 342 11.43 -10.28 10.47
C THR A 342 11.66 -9.07 9.57
N HIS A 343 12.05 -7.96 10.18
CA HIS A 343 12.41 -6.78 9.42
C HIS A 343 13.64 -7.08 8.58
N SER A 344 13.40 -7.58 7.36
CA SER A 344 14.46 -7.92 6.43
C SER A 344 14.87 -6.69 5.63
N PHE A 345 16.16 -6.53 5.42
CA PHE A 345 16.68 -5.41 4.64
C PHE A 345 18.12 -5.71 4.28
N ASN A 346 18.76 -4.77 3.59
CA ASN A 346 20.15 -4.90 3.19
C ASN A 346 20.88 -3.68 3.70
N CYS A 347 22.09 -3.90 4.21
CA CYS A 347 22.90 -2.85 4.81
C CYS A 347 24.37 -3.10 4.51
N GLY A 348 24.95 -2.26 3.65
CA GLY A 348 26.36 -2.40 3.33
C GLY A 348 26.69 -3.60 2.50
N GLY A 349 25.70 -4.36 2.06
CA GLY A 349 25.92 -5.57 1.31
C GLY A 349 25.59 -6.82 2.08
N GLU A 350 25.21 -6.70 3.35
CA GLU A 350 24.77 -7.86 4.12
C GLU A 350 23.28 -7.77 4.35
N PHE A 351 22.62 -8.93 4.37
CA PHE A 351 21.17 -8.99 4.41
C PHE A 351 20.76 -9.36 5.82
N PHE A 352 20.08 -8.42 6.46
CA PHE A 352 19.73 -8.47 7.87
C PHE A 352 18.27 -8.87 7.98
N TYR A 353 17.96 -9.58 9.05
CA TYR A 353 16.63 -10.11 9.33
C TYR A 353 16.44 -9.88 10.82
N CYS A 354 15.51 -9.01 11.20
CA CYS A 354 15.49 -8.48 12.55
C CYS A 354 14.23 -8.84 13.31
N ASN A 355 14.44 -9.33 14.52
CA ASN A 355 13.41 -9.55 15.52
C ASN A 355 12.82 -8.20 15.92
N THR A 356 11.56 -7.98 15.57
CA THR A 356 10.88 -6.72 15.81
C THR A 356 10.05 -6.77 17.08
N SER A 357 10.22 -7.82 17.90
CA SER A 357 9.39 -8.01 19.07
C SER A 357 9.47 -6.85 20.05
N GLY A 358 10.62 -6.16 20.13
CA GLY A 358 10.69 -5.03 21.04
C GLY A 358 9.82 -3.86 20.61
N LEU A 359 9.55 -3.74 19.32
CA LEU A 359 8.73 -2.65 18.83
C LEU A 359 7.24 -2.96 18.86
N PHE A 360 6.86 -4.24 18.81
CA PHE A 360 5.45 -4.59 18.70
C PHE A 360 4.94 -5.44 19.86
N ASN A 361 5.11 -4.95 21.09
CA ASN A 361 4.61 -5.61 22.31
C ASN A 361 3.89 -4.50 23.08
N SER A 362 2.66 -4.17 22.69
CA SER A 362 2.07 -3.00 23.32
C SER A 362 0.55 -3.11 23.44
N THR A 363 -0.02 -2.22 24.25
CA THR A 363 -1.46 -2.11 24.37
C THR A 363 -1.81 -0.68 24.72
N TRP A 364 -2.71 -0.09 23.93
CA TRP A 364 -3.11 1.32 23.98
C TRP A 364 -4.61 1.58 24.08
N ILE A 365 -4.93 2.42 25.06
CA ILE A 365 -6.26 2.86 25.42
C ILE A 365 -5.97 4.32 25.74
N SER A 366 -5.26 4.97 24.80
CA SER A 366 -4.87 6.39 24.76
C SER A 366 -3.62 6.61 25.60
N ASN A 379 18.08 8.27 27.02
CA ASN A 379 17.53 7.89 25.71
C ASN A 379 16.79 6.56 25.79
N ASP A 380 17.41 5.56 26.43
CA ASP A 380 16.72 4.29 26.73
C ASP A 380 16.26 3.61 25.45
N SER A 381 17.05 3.74 24.38
CA SER A 381 16.69 3.18 23.08
C SER A 381 16.56 1.65 23.09
N ILE A 382 15.41 1.19 22.60
CA ILE A 382 15.12 -0.24 22.43
C ILE A 382 16.09 -0.84 21.43
N THR A 383 16.52 -2.07 21.69
CA THR A 383 17.46 -2.77 20.83
C THR A 383 16.80 -4.04 20.29
N LEU A 384 17.00 -4.29 19.00
CA LEU A 384 16.39 -5.39 18.27
C LEU A 384 17.48 -6.30 17.71
N PRO A 385 17.40 -7.60 17.96
CA PRO A 385 18.36 -8.56 17.39
C PRO A 385 18.10 -8.88 15.93
N CYS A 386 19.19 -8.95 15.16
CA CYS A 386 19.15 -9.20 13.73
C CYS A 386 20.12 -10.32 13.39
N ARG A 387 19.62 -11.32 12.67
CA ARG A 387 20.43 -12.38 12.10
C ARG A 387 20.76 -12.02 10.66
N ILE A 388 21.74 -12.71 10.09
CA ILE A 388 22.25 -12.37 8.78
C ILE A 388 22.19 -13.59 7.88
N LYS A 389 21.73 -13.38 6.65
CA LYS A 389 21.75 -14.45 5.66
C LYS A 389 22.54 -13.97 4.45
N GLN A 390 23.29 -14.89 3.85
CA GLN A 390 24.00 -14.58 2.63
C GLN A 390 23.39 -15.28 1.42
N ILE A 391 22.53 -16.25 1.65
CA ILE A 391 21.75 -16.95 0.63
C ILE A 391 20.29 -16.59 0.80
N ILE A 392 19.67 -16.08 -0.25
CA ILE A 392 18.33 -15.53 -0.13
C ILE A 392 17.60 -16.04 -1.35
N ASN A 393 16.30 -16.31 -1.22
CA ASN A 393 15.55 -16.64 -2.42
C ASN A 393 14.24 -15.87 -2.51
N MET A 394 14.30 -14.67 -3.08
CA MET A 394 13.11 -13.87 -3.24
C MET A 394 12.40 -14.20 -4.55
N TRP A 395 13.04 -15.03 -5.37
CA TRP A 395 12.58 -15.41 -6.70
C TRP A 395 13.38 -16.60 -7.25
N GLN A 396 13.79 -17.52 -6.37
CA GLN A 396 14.51 -18.71 -6.85
C GLN A 396 13.73 -19.45 -7.93
N ARG A 397 12.40 -19.46 -7.83
CA ARG A 397 11.58 -20.20 -8.78
C ARG A 397 11.48 -19.48 -10.12
N ILE A 398 11.26 -18.16 -10.07
CA ILE A 398 11.34 -17.33 -11.27
C ILE A 398 12.71 -17.45 -11.93
N GLY A 399 13.77 -17.70 -11.17
CA GLY A 399 15.09 -17.57 -11.73
C GLY A 399 16.23 -18.28 -11.03
N GLN A 400 16.85 -17.62 -10.07
CA GLN A 400 18.03 -18.16 -9.41
C GLN A 400 18.18 -17.54 -8.04
N ALA A 401 19.04 -18.14 -7.21
CA ALA A 401 19.32 -17.63 -5.89
C ALA A 401 20.59 -16.79 -5.92
N MET A 402 20.77 -15.98 -4.87
CA MET A 402 21.91 -15.09 -4.79
C MET A 402 22.70 -15.33 -3.51
N TYR A 403 24.02 -15.38 -3.65
CA TYR A 403 24.91 -15.48 -2.49
C TYR A 403 25.47 -14.08 -2.26
N ALA A 404 25.07 -13.45 -1.15
CA ALA A 404 25.61 -12.13 -0.85
C ALA A 404 27.03 -12.33 -0.38
N PRO A 405 28.03 -11.71 -1.01
CA PRO A 405 29.41 -11.93 -0.57
C PRO A 405 29.63 -11.39 0.82
N PRO A 406 30.49 -12.02 1.62
CA PRO A 406 30.73 -11.52 2.97
C PRO A 406 31.39 -10.16 2.92
N ILE A 407 31.10 -9.33 3.93
CA ILE A 407 31.63 -7.98 4.00
C ILE A 407 32.70 -7.95 5.07
N GLN A 408 33.91 -7.52 4.71
CA GLN A 408 35.00 -7.52 5.66
C GLN A 408 34.82 -6.36 6.64
N GLY A 409 35.10 -6.63 7.91
CA GLY A 409 35.01 -5.59 8.92
C GLY A 409 33.62 -5.48 9.52
N VAL A 410 33.49 -4.52 10.42
CA VAL A 410 32.23 -4.27 11.10
C VAL A 410 31.32 -3.42 10.22
N ILE A 411 30.02 -3.69 10.32
CA ILE A 411 29.01 -3.02 9.49
C ILE A 411 28.18 -2.10 10.37
N ARG A 412 27.88 -0.91 9.87
CA ARG A 412 27.04 0.02 10.62
C ARG A 412 26.41 1.03 9.66
N CYS A 413 25.08 1.05 9.63
CA CYS A 413 24.31 1.96 8.81
C CYS A 413 23.23 2.60 9.65
N VAL A 414 22.99 3.88 9.40
CA VAL A 414 21.95 4.67 10.06
C VAL A 414 20.81 4.89 9.08
N SER A 415 19.60 4.56 9.49
CA SER A 415 18.45 4.64 8.60
C SER A 415 17.32 5.43 9.24
N ASN A 416 16.67 6.24 8.43
CA ASN A 416 15.39 6.84 8.79
C ASN A 416 14.30 5.79 8.66
N ILE A 417 13.56 5.57 9.73
CA ILE A 417 12.38 4.73 9.68
C ILE A 417 11.17 5.66 9.55
N THR A 418 10.65 5.72 8.32
CA THR A 418 9.59 6.63 7.93
C THR A 418 8.21 5.98 7.94
N GLY A 419 8.13 4.66 7.76
CA GLY A 419 6.86 3.99 7.62
C GLY A 419 6.81 2.63 8.28
N LEU A 420 5.64 2.02 8.19
CA LEU A 420 5.35 0.69 8.72
C LEU A 420 4.39 -0.04 7.79
N ILE A 421 4.36 -1.37 7.90
CA ILE A 421 3.37 -2.19 7.19
C ILE A 421 2.78 -3.15 8.22
N LEU A 422 1.46 -3.06 8.41
CA LEU A 422 0.73 -3.79 9.44
C LEU A 422 -0.33 -4.69 8.81
N THR A 423 -0.96 -5.49 9.67
CA THR A 423 -2.02 -6.40 9.28
C THR A 423 -2.87 -6.74 10.51
N ARG A 424 -4.19 -6.81 10.32
CA ARG A 424 -5.10 -7.20 11.38
C ARG A 424 -5.11 -8.73 11.53
N ASP A 425 -5.67 -9.18 12.66
CA ASP A 425 -5.89 -10.61 12.87
C ASP A 425 -7.22 -11.01 12.22
N GLY A 426 -7.63 -12.26 12.45
CA GLY A 426 -8.98 -12.67 12.07
C GLY A 426 -10.06 -12.13 12.99
N GLY A 427 -11.14 -11.63 12.37
CA GLY A 427 -12.22 -10.96 13.06
C GLY A 427 -12.84 -11.74 14.19
N SER A 428 -12.71 -11.24 15.42
CA SER A 428 -13.29 -11.89 16.58
C SER A 428 -14.66 -11.31 16.91
N THR A 429 -15.01 -11.33 18.19
CA THR A 429 -16.23 -10.68 18.65
C THR A 429 -16.09 -9.19 18.39
N ASN A 430 -17.06 -8.61 17.69
CA ASN A 430 -16.83 -7.30 17.09
C ASN A 430 -16.71 -6.24 18.18
N SER A 431 -15.81 -5.28 17.94
CA SER A 431 -15.61 -4.03 18.67
C SER A 431 -15.10 -4.27 20.08
N THR A 432 -14.87 -5.53 20.50
CA THR A 432 -14.28 -5.78 21.81
C THR A 432 -12.80 -5.38 21.86
N THR A 433 -11.96 -6.04 21.07
CA THR A 433 -10.54 -5.66 21.00
C THR A 433 -9.97 -5.90 19.62
N GLU A 434 -9.00 -5.04 19.26
CA GLU A 434 -8.33 -5.09 17.96
C GLU A 434 -6.83 -5.25 18.13
N THR A 435 -6.26 -6.20 17.38
CA THR A 435 -4.87 -6.61 17.49
C THR A 435 -4.18 -6.40 16.14
N PHE A 436 -2.97 -5.85 16.19
CA PHE A 436 -2.23 -5.48 14.99
C PHE A 436 -0.85 -6.12 14.97
N ARG A 437 -0.59 -6.92 13.92
CA ARG A 437 0.73 -7.51 13.83
C ARG A 437 1.45 -6.96 12.60
N PRO A 438 2.76 -6.74 12.68
CA PRO A 438 3.51 -6.21 11.53
C PRO A 438 3.83 -7.25 10.47
N GLY A 439 3.68 -6.85 9.21
CA GLY A 439 4.04 -7.70 8.10
C GLY A 439 4.80 -6.92 7.04
N GLY A 440 5.44 -7.66 6.15
CA GLY A 440 6.16 -7.07 5.03
C GLY A 440 6.03 -8.04 3.88
N GLY A 441 4.81 -8.57 3.78
CA GLY A 441 4.51 -9.64 2.84
C GLY A 441 5.00 -9.47 1.43
N ASP A 442 4.93 -8.25 0.89
CA ASP A 442 5.35 -8.01 -0.48
C ASP A 442 6.19 -6.74 -0.56
N MET A 443 6.99 -6.68 -1.62
CA MET A 443 7.80 -5.50 -1.89
C MET A 443 7.02 -4.41 -2.60
N ARG A 444 5.90 -4.74 -3.25
CA ARG A 444 5.19 -3.71 -4.00
C ARG A 444 4.65 -2.64 -3.07
N ASP A 445 4.27 -3.02 -1.84
CA ASP A 445 3.73 -2.04 -0.91
C ASP A 445 4.71 -0.90 -0.64
N ASN A 446 6.02 -1.18 -0.72
CA ASN A 446 7.02 -0.11 -0.60
C ASN A 446 6.94 0.86 -1.78
N TRP A 447 6.68 0.30 -2.97
CA TRP A 447 6.55 1.19 -4.11
C TRP A 447 5.27 1.99 -3.98
N ARG A 448 4.20 1.36 -3.51
CA ARG A 448 2.99 2.14 -3.27
C ARG A 448 3.23 3.21 -2.22
N SER A 449 4.12 2.92 -1.25
CA SER A 449 4.44 3.84 -0.16
C SER A 449 5.14 5.08 -0.65
N GLU A 450 5.80 5.01 -1.80
CA GLU A 450 6.44 6.20 -2.34
C GLU A 450 5.82 6.69 -3.64
N LEU A 451 4.94 5.91 -4.26
CA LEU A 451 4.21 6.26 -5.47
C LEU A 451 2.78 6.68 -5.18
N TYR A 452 2.44 6.86 -3.90
CA TYR A 452 1.07 7.17 -3.52
C TYR A 452 0.61 8.51 -4.05
N LYS A 453 1.53 9.44 -4.24
CA LYS A 453 1.19 10.81 -4.61
C LYS A 453 1.16 11.03 -6.12
N TYR A 454 1.70 10.10 -6.90
CA TYR A 454 1.85 10.26 -8.34
C TYR A 454 0.81 9.47 -9.13
N LYS A 455 0.62 9.90 -10.39
CA LYS A 455 -0.38 9.30 -11.27
C LYS A 455 0.01 9.65 -12.71
N VAL A 456 -0.28 8.74 -13.64
CA VAL A 456 0.14 8.87 -15.04
C VAL A 456 -1.08 9.19 -15.90
N VAL A 457 -0.97 10.20 -16.77
CA VAL A 457 -2.04 10.55 -17.69
C VAL A 457 -1.44 10.86 -19.07
N LYS A 458 -2.25 10.68 -20.10
CA LYS A 458 -1.87 11.00 -21.48
C LYS A 458 -2.63 12.25 -21.90
N ILE A 459 -1.94 13.14 -22.62
CA ILE A 459 -2.54 14.39 -23.06
C ILE A 459 -3.35 14.16 -24.33
N GLU A 460 -4.61 14.59 -24.32
CA GLU A 460 -5.48 14.60 -25.50
C GLU A 460 -5.62 16.04 -25.94
N PRO A 461 -4.72 16.55 -26.79
CA PRO A 461 -4.68 17.98 -27.10
C PRO A 461 -5.73 18.42 -28.11
N LEU A 462 -6.63 17.51 -28.47
CA LEU A 462 -7.64 17.76 -29.51
C LEU A 462 -8.97 18.04 -28.83
N GLY A 463 -9.41 19.29 -28.93
CA GLY A 463 -10.70 19.70 -28.42
C GLY A 463 -11.51 20.32 -29.55
N VAL A 464 -12.79 19.99 -29.60
CA VAL A 464 -13.70 20.58 -30.58
C VAL A 464 -14.76 21.35 -29.81
N ALA A 465 -15.00 22.59 -30.23
CA ALA A 465 -15.90 23.43 -29.45
C ALA A 465 -16.69 24.33 -30.39
N PRO A 466 -17.89 24.76 -30.00
CA PRO A 466 -18.68 25.61 -30.89
C PRO A 466 -18.41 27.09 -30.72
N THR A 467 -18.11 27.75 -31.83
CA THR A 467 -18.03 29.21 -31.91
C THR A 467 -18.90 29.63 -33.08
N ARG A 468 -19.16 30.93 -33.18
CA ARG A 468 -19.88 31.46 -34.35
C ARG A 468 -18.90 31.75 -35.47
N CYS A 469 -18.14 30.73 -35.87
CA CYS A 469 -17.14 30.92 -36.92
C CYS A 469 -17.23 29.89 -38.03
N LYS A 470 -17.20 30.37 -39.27
CA LYS A 470 -17.20 29.56 -40.48
C LYS A 470 -15.97 29.95 -41.29
N ARG A 471 -15.39 28.99 -41.99
CA ARG A 471 -14.26 29.28 -42.86
C ARG A 471 -14.70 30.11 -44.07
N ARG A 472 -13.74 30.86 -44.62
CA ARG A 472 -13.96 31.65 -45.83
C ARG A 472 -14.49 30.79 -46.98
N VAL A 473 -15.60 31.23 -47.57
CA VAL A 473 -16.24 30.43 -48.62
C VAL A 473 -15.33 30.37 -49.84
N VAL A 474 -15.28 29.21 -50.47
CA VAL A 474 -14.46 29.04 -51.67
C VAL A 474 -15.01 29.88 -52.83
N PHE B 8 1.74 34.32 -17.22
CA PHE B 8 1.83 32.96 -17.76
C PHE B 8 1.88 31.95 -16.63
N LEU B 9 1.10 30.88 -16.77
CA LEU B 9 0.91 29.90 -15.70
C LEU B 9 1.71 28.63 -15.89
N GLY B 10 2.07 28.28 -17.12
CA GLY B 10 2.83 27.08 -17.39
C GLY B 10 2.00 25.98 -18.03
N PHE B 11 2.66 24.86 -18.28
CA PHE B 11 2.02 23.70 -18.89
C PHE B 11 0.83 23.25 -18.07
N LEU B 12 -0.32 23.15 -18.74
CA LEU B 12 -1.60 22.74 -18.14
C LEU B 12 -2.05 23.67 -17.02
N GLY B 13 -1.48 24.87 -16.96
CA GLY B 13 -1.80 25.78 -15.86
C GLY B 13 -3.26 26.19 -15.85
N ALA B 14 -3.89 26.27 -17.01
CA ALA B 14 -5.29 26.68 -17.12
C ALA B 14 -6.22 25.49 -17.23
N ALA B 15 -5.85 24.35 -16.66
CA ALA B 15 -6.68 23.16 -16.75
C ALA B 15 -8.00 23.36 -16.03
N GLY B 16 -7.98 24.06 -14.90
CA GLY B 16 -9.20 24.37 -14.18
C GLY B 16 -9.85 25.68 -14.57
N SER B 17 -9.24 26.43 -15.47
CA SER B 17 -9.78 27.71 -15.87
C SER B 17 -10.98 27.52 -16.78
N THR B 18 -11.69 28.61 -17.03
CA THR B 18 -12.76 28.61 -18.01
C THR B 18 -12.19 28.24 -19.38
N MET B 19 -13.04 27.68 -20.24
CA MET B 19 -12.58 27.22 -21.54
C MET B 19 -11.97 28.36 -22.36
N GLY B 20 -12.48 29.58 -22.20
CA GLY B 20 -11.89 30.71 -22.92
C GLY B 20 -10.55 31.13 -22.34
N ALA B 21 -10.46 31.19 -21.01
CA ALA B 21 -9.20 31.54 -20.36
C ALA B 21 -8.10 30.55 -20.74
N ALA B 22 -8.42 29.27 -20.80
CA ALA B 22 -7.46 28.29 -21.29
C ALA B 22 -7.23 28.41 -22.79
N SER B 23 -8.27 28.79 -23.55
CA SER B 23 -8.16 28.87 -25.00
C SER B 23 -7.22 29.98 -25.44
N MET B 24 -7.11 31.05 -24.66
CA MET B 24 -6.16 32.11 -25.00
C MET B 24 -4.72 31.66 -24.86
N THR B 25 -4.45 30.61 -24.08
CA THR B 25 -3.09 30.13 -23.84
C THR B 25 -2.97 28.64 -24.12
N LEU B 26 -3.60 28.18 -25.20
CA LEU B 26 -3.40 26.79 -25.62
C LEU B 26 -1.99 26.55 -26.14
N THR B 27 -1.30 27.60 -26.58
CA THR B 27 -0.01 27.41 -27.22
C THR B 27 1.04 26.92 -26.25
N VAL B 28 0.96 27.28 -24.98
CA VAL B 28 1.92 26.77 -24.01
C VAL B 28 1.82 25.25 -23.91
N GLN B 29 0.60 24.75 -23.70
CA GLN B 29 0.38 23.31 -23.63
C GLN B 29 0.77 22.63 -24.93
N ALA B 30 0.48 23.27 -26.08
CA ALA B 30 0.77 22.63 -27.36
C ALA B 30 2.28 22.55 -27.60
N ARG B 31 3.01 23.59 -27.21
CA ARG B 31 4.45 23.61 -27.44
C ARG B 31 5.16 22.65 -26.51
N ASN B 32 4.82 22.68 -25.22
CA ASN B 32 5.52 21.83 -24.26
C ASN B 32 5.10 20.37 -24.39
N LEU B 33 4.51 20.01 -25.53
CA LEU B 33 4.05 18.64 -25.75
C LEU B 33 5.14 17.75 -26.31
N LEU B 34 6.18 18.33 -26.91
CA LEU B 34 7.27 17.59 -27.52
C LEU B 34 8.57 17.95 -26.82
N SER B 35 9.31 16.93 -26.39
CA SER B 35 10.51 17.14 -25.57
C SER B 35 11.79 16.93 -26.37
N GLY B 36 12.52 15.87 -26.06
CA GLY B 36 13.85 15.65 -26.60
C GLY B 36 14.88 15.63 -25.49
N ILE B 37 15.11 14.47 -24.89
CA ILE B 37 15.82 14.38 -23.62
C ILE B 37 17.19 13.70 -23.77
N VAL B 38 17.89 13.98 -24.87
CA VAL B 38 19.23 13.46 -25.20
C VAL B 38 19.41 12.01 -24.77
N GLN B 39 20.66 11.62 -24.45
CA GLN B 39 20.96 10.21 -24.23
C GLN B 39 22.38 10.06 -23.71
N GLN B 40 22.64 8.89 -23.11
CA GLN B 40 23.98 8.40 -22.81
C GLN B 40 23.89 6.90 -22.55
N GLN B 41 22.94 6.25 -23.26
CA GLN B 41 22.71 4.81 -23.14
C GLN B 41 23.77 3.98 -23.84
N SER B 42 24.77 4.60 -24.46
CA SER B 42 25.79 3.87 -25.22
C SER B 42 26.57 2.89 -24.36
N THR B 58 20.34 -2.69 -22.74
CA THR B 58 19.91 -2.45 -21.38
C THR B 58 18.39 -2.21 -21.28
N VAL B 59 17.79 -2.66 -20.16
CA VAL B 59 16.35 -2.49 -19.95
C VAL B 59 15.97 -1.02 -20.07
N TRP B 60 16.77 -0.16 -19.43
CA TRP B 60 16.54 1.28 -19.47
C TRP B 60 16.59 1.81 -20.90
N GLY B 61 17.53 1.31 -21.70
CA GLY B 61 17.62 1.75 -23.08
C GLY B 61 16.42 1.33 -23.90
N ILE B 62 15.96 0.09 -23.73
CA ILE B 62 14.75 -0.35 -24.41
C ILE B 62 13.58 0.56 -24.06
N LYS B 63 13.47 0.90 -22.77
CA LYS B 63 12.39 1.78 -22.33
C LYS B 63 12.49 3.14 -23.00
N GLN B 64 13.65 3.78 -22.88
CA GLN B 64 13.80 5.13 -23.42
C GLN B 64 13.55 5.15 -24.92
N LEU B 65 13.97 4.10 -25.63
CA LEU B 65 13.73 4.05 -27.06
C LEU B 65 12.25 3.87 -27.37
N GLN B 66 11.57 3.03 -26.59
CA GLN B 66 10.15 2.80 -26.84
C GLN B 66 9.32 4.05 -26.57
N ALA B 67 9.64 4.76 -25.49
CA ALA B 67 8.88 5.97 -25.15
C ALA B 67 9.09 7.05 -26.20
N ARG B 68 10.34 7.19 -26.67
CA ARG B 68 10.67 8.13 -27.75
C ARG B 68 9.67 8.05 -28.90
N VAL B 69 9.36 6.83 -29.34
CA VAL B 69 8.51 6.65 -30.51
C VAL B 69 7.10 7.12 -30.24
N LEU B 70 6.57 6.75 -29.07
CA LEU B 70 5.15 6.97 -28.79
C LEU B 70 4.80 8.46 -28.78
N ALA B 71 5.71 9.30 -28.29
CA ALA B 71 5.43 10.73 -28.17
C ALA B 71 5.16 11.33 -29.55
N VAL B 72 6.17 11.28 -30.42
CA VAL B 72 6.02 11.85 -31.75
C VAL B 72 4.98 11.08 -32.54
N GLU B 73 4.69 9.83 -32.15
CA GLU B 73 3.64 9.07 -32.82
C GLU B 73 2.27 9.69 -32.55
N ARG B 74 1.96 9.95 -31.27
CA ARG B 74 0.71 10.65 -30.95
C ARG B 74 0.69 12.03 -31.57
N TYR B 75 1.83 12.73 -31.52
CA TYR B 75 1.89 14.06 -32.13
C TYR B 75 1.57 14.01 -33.62
N LEU B 76 2.11 13.01 -34.32
CA LEU B 76 1.88 12.93 -35.76
C LEU B 76 0.48 12.45 -36.07
N ARG B 77 -0.11 11.61 -35.20
CA ARG B 77 -1.52 11.27 -35.38
C ARG B 77 -2.40 12.50 -35.25
N ASP B 78 -2.12 13.34 -34.25
CA ASP B 78 -2.88 14.58 -34.09
C ASP B 78 -2.64 15.52 -35.27
N GLN B 79 -1.40 15.62 -35.77
CA GLN B 79 -1.13 16.47 -36.91
C GLN B 79 -1.79 15.94 -38.18
N GLN B 80 -1.85 14.62 -38.32
CA GLN B 80 -2.58 14.00 -39.41
C GLN B 80 -4.06 14.40 -39.36
N LEU B 81 -4.65 14.31 -38.17
CA LEU B 81 -6.04 14.72 -38.01
C LEU B 81 -6.21 16.20 -38.34
N LEU B 82 -5.27 17.04 -37.90
CA LEU B 82 -5.35 18.47 -38.19
C LEU B 82 -5.29 18.73 -39.69
N GLY B 83 -4.46 17.98 -40.39
CA GLY B 83 -4.31 18.21 -41.83
C GLY B 83 -5.50 17.69 -42.62
N ILE B 84 -6.08 16.57 -42.21
CA ILE B 84 -7.20 16.00 -42.94
C ILE B 84 -8.50 16.71 -42.55
N TRP B 85 -8.38 17.81 -41.81
CA TRP B 85 -9.50 18.69 -41.52
C TRP B 85 -9.28 20.08 -42.11
N GLY B 86 -8.20 20.28 -42.86
CA GLY B 86 -7.90 21.58 -43.41
C GLY B 86 -7.25 22.51 -42.41
N CYS B 87 -6.47 21.97 -41.48
CA CYS B 87 -5.88 22.78 -40.41
C CYS B 87 -4.47 22.28 -40.10
N SER B 88 -3.65 22.05 -41.13
CA SER B 88 -2.28 21.62 -40.89
C SER B 88 -1.43 22.72 -40.27
N GLY B 89 -1.89 23.98 -40.27
CA GLY B 89 -1.22 25.07 -39.62
C GLY B 89 -1.41 25.12 -38.13
N LYS B 90 -2.19 24.20 -37.57
CA LYS B 90 -2.31 23.98 -36.14
C LYS B 90 -3.03 25.11 -35.40
N LEU B 91 -3.37 24.85 -34.13
CA LEU B 91 -3.87 25.79 -33.15
C LEU B 91 -5.37 26.09 -33.29
N ILE B 92 -5.72 27.14 -34.02
CA ILE B 92 -7.10 27.60 -34.11
C ILE B 92 -7.52 27.65 -35.57
N CYS B 93 -8.62 26.97 -35.90
CA CYS B 93 -9.17 27.00 -37.25
C CYS B 93 -10.68 26.79 -37.18
N CYS B 94 -11.36 27.27 -38.22
CA CYS B 94 -12.81 27.19 -38.33
C CYS B 94 -13.20 26.30 -39.50
N THR B 95 -14.44 25.85 -39.47
CA THR B 95 -14.94 24.87 -40.42
C THR B 95 -16.27 25.33 -41.00
N ASN B 96 -16.82 24.54 -41.91
CA ASN B 96 -18.14 24.77 -42.48
C ASN B 96 -19.21 23.92 -41.82
N VAL B 97 -18.85 23.14 -40.79
CA VAL B 97 -19.77 22.22 -40.15
C VAL B 97 -20.62 22.94 -39.11
N PRO B 98 -21.95 22.95 -39.27
CA PRO B 98 -22.80 23.56 -38.24
C PRO B 98 -22.85 22.70 -37.00
N TRP B 99 -23.02 23.37 -35.86
CA TRP B 99 -23.10 22.70 -34.56
C TRP B 99 -24.50 22.12 -34.41
N ASN B 100 -24.63 20.81 -34.64
CA ASN B 100 -25.89 20.13 -34.41
C ASN B 100 -26.23 20.18 -32.92
N SER B 101 -27.44 20.67 -32.61
CA SER B 101 -27.82 20.89 -31.22
C SER B 101 -27.84 19.61 -30.40
N SER B 102 -27.90 18.44 -31.04
CA SER B 102 -27.96 17.19 -30.31
C SER B 102 -26.67 16.88 -29.56
N TRP B 103 -25.54 17.48 -29.96
CA TRP B 103 -24.28 17.26 -29.26
C TRP B 103 -24.33 17.89 -27.87
N SER B 104 -24.62 19.19 -27.80
CA SER B 104 -24.80 19.87 -26.54
C SER B 104 -25.78 21.02 -26.75
N ASN B 105 -26.60 21.28 -25.73
CA ASN B 105 -27.68 22.24 -25.82
C ASN B 105 -27.33 23.57 -25.14
N ARG B 106 -26.10 23.73 -24.68
CA ARG B 106 -25.71 24.93 -23.96
C ARG B 106 -25.38 26.07 -24.91
N ASN B 107 -25.72 27.29 -24.50
CA ASN B 107 -25.40 28.46 -25.32
C ASN B 107 -23.92 28.79 -25.19
N LEU B 108 -23.52 29.90 -25.81
CA LEU B 108 -22.10 30.24 -25.92
C LEU B 108 -21.54 30.67 -24.56
N SER B 109 -22.26 31.55 -23.85
CA SER B 109 -21.78 32.04 -22.57
C SER B 109 -21.52 30.90 -21.60
N GLU B 110 -22.48 29.98 -21.48
CA GLU B 110 -22.33 28.85 -20.56
C GLU B 110 -21.08 28.03 -20.90
N ILE B 111 -20.92 27.68 -22.17
CA ILE B 111 -19.80 26.82 -22.56
C ILE B 111 -18.46 27.51 -22.29
N TRP B 112 -18.31 28.76 -22.75
CA TRP B 112 -17.00 29.40 -22.68
C TRP B 112 -16.71 30.06 -21.34
N ASP B 113 -17.69 30.18 -20.44
CA ASP B 113 -17.43 30.85 -19.16
C ASP B 113 -18.01 30.11 -17.97
N ASN B 114 -18.35 28.82 -18.13
CA ASN B 114 -18.88 28.02 -17.02
C ASN B 114 -18.27 26.64 -16.94
N MET B 115 -17.73 26.10 -18.02
CA MET B 115 -17.12 24.78 -18.03
C MET B 115 -15.65 24.90 -18.40
N THR B 116 -14.86 23.95 -17.89
CA THR B 116 -13.48 23.80 -18.31
C THR B 116 -13.40 22.80 -19.46
N TRP B 117 -12.22 22.71 -20.08
CA TRP B 117 -12.08 21.85 -21.24
C TRP B 117 -12.25 20.38 -20.87
N LEU B 118 -11.96 20.01 -19.61
CA LEU B 118 -12.05 18.62 -19.21
C LEU B 118 -13.48 18.12 -19.21
N GLN B 119 -14.36 18.77 -18.43
CA GLN B 119 -15.76 18.40 -18.45
C GLN B 119 -16.41 18.64 -19.80
N TRP B 120 -15.89 19.57 -20.60
CA TRP B 120 -16.38 19.73 -21.96
C TRP B 120 -16.13 18.47 -22.76
N ASP B 121 -14.87 18.03 -22.83
CA ASP B 121 -14.56 16.82 -23.58
C ASP B 121 -15.27 15.60 -23.00
N LYS B 122 -15.58 15.63 -21.71
CA LYS B 122 -16.41 14.58 -21.14
C LYS B 122 -17.83 14.64 -21.69
N GLU B 123 -18.37 15.85 -21.84
CA GLU B 123 -19.75 16.00 -22.31
C GLU B 123 -19.88 15.70 -23.80
N ILE B 124 -18.81 15.89 -24.57
CA ILE B 124 -18.86 15.75 -26.03
C ILE B 124 -18.16 14.50 -26.52
N SER B 125 -17.56 13.71 -25.63
CA SER B 125 -16.87 12.50 -26.06
C SER B 125 -17.81 11.52 -26.75
N ASN B 126 -19.11 11.60 -26.45
CA ASN B 126 -20.09 10.74 -27.12
C ASN B 126 -20.12 10.99 -28.62
N TYR B 127 -19.88 12.24 -29.05
CA TYR B 127 -20.10 12.63 -30.44
C TYR B 127 -18.83 13.18 -31.10
N THR B 128 -17.66 12.87 -30.54
CA THR B 128 -16.43 13.43 -31.08
C THR B 128 -16.15 12.91 -32.50
N GLN B 129 -16.24 11.60 -32.69
CA GLN B 129 -15.84 11.03 -33.98
C GLN B 129 -16.79 11.46 -35.09
N ILE B 130 -18.07 11.67 -34.77
CA ILE B 130 -19.00 12.17 -35.78
C ILE B 130 -18.60 13.58 -36.22
N ILE B 131 -18.21 14.41 -35.26
CA ILE B 131 -17.73 15.75 -35.60
C ILE B 131 -16.49 15.67 -36.47
N TYR B 132 -15.58 14.76 -36.15
CA TYR B 132 -14.36 14.60 -36.96
C TYR B 132 -14.69 14.20 -38.39
N GLY B 133 -15.65 13.28 -38.55
CA GLY B 133 -16.07 12.90 -39.90
C GLY B 133 -16.70 14.05 -40.67
N LEU B 134 -17.57 14.82 -39.99
CA LEU B 134 -18.16 15.98 -40.64
C LEU B 134 -17.08 16.95 -41.08
N LEU B 135 -16.06 17.15 -40.26
CA LEU B 135 -14.96 18.06 -40.60
C LEU B 135 -14.23 17.57 -41.85
N GLU B 136 -13.81 16.31 -41.85
CA GLU B 136 -13.06 15.80 -42.99
C GLU B 136 -13.90 15.91 -44.27
N GLU B 137 -15.20 15.61 -44.19
CA GLU B 137 -16.00 15.64 -45.41
C GLU B 137 -16.24 17.07 -45.89
N SER B 138 -16.47 18.01 -44.98
CA SER B 138 -16.62 19.39 -45.40
C SER B 138 -15.35 19.89 -46.07
N GLN B 139 -14.19 19.55 -45.51
CA GLN B 139 -12.94 19.98 -46.14
C GLN B 139 -12.75 19.35 -47.52
N ASN B 140 -13.11 18.07 -47.66
CA ASN B 140 -12.97 17.43 -48.97
C ASN B 140 -13.86 18.08 -50.00
N GLN B 141 -15.09 18.44 -49.61
CA GLN B 141 -15.98 19.13 -50.54
C GLN B 141 -15.44 20.51 -50.89
N GLN B 142 -14.86 21.22 -49.93
CA GLN B 142 -14.22 22.50 -50.23
C GLN B 142 -13.11 22.33 -51.26
N GLU B 143 -12.31 21.27 -51.13
CA GLU B 143 -11.22 21.06 -52.06
C GLU B 143 -11.71 20.67 -53.45
N LYS B 144 -12.79 19.89 -53.51
CA LYS B 144 -13.41 19.59 -54.81
C LYS B 144 -13.91 20.88 -55.46
N ASN B 145 -14.50 21.77 -54.67
CA ASN B 145 -14.91 23.06 -55.20
C ASN B 145 -13.72 23.87 -55.71
N GLU B 146 -12.60 23.85 -54.97
CA GLU B 146 -11.39 24.50 -55.43
C GLU B 146 -10.95 23.95 -56.79
N GLN B 147 -11.02 22.63 -56.96
CA GLN B 147 -10.67 22.03 -58.24
C GLN B 147 -11.62 22.50 -59.34
N ASP B 148 -12.90 22.71 -59.00
CA ASP B 148 -13.86 23.23 -59.96
C ASP B 148 -13.69 24.72 -60.23
N LEU B 149 -12.83 25.41 -59.49
CA LEU B 149 -12.94 26.86 -59.30
C LEU B 149 -12.16 27.68 -60.32
N LEU B 150 -11.88 27.13 -61.50
CA LEU B 150 -11.12 27.84 -62.52
C LEU B 150 -11.91 27.90 -63.82
N ALA B 151 -11.74 28.98 -64.56
CA ALA B 151 -12.35 29.12 -65.87
C ALA B 151 -11.25 29.28 -66.90
N GLY C 2 -27.05 20.91 -9.10
CA GLY C 2 -26.63 20.86 -7.71
C GLY C 2 -27.69 21.34 -6.74
N GLN C 3 -27.57 20.97 -5.47
CA GLN C 3 -28.56 21.33 -4.47
C GLN C 3 -27.95 22.21 -3.39
N LEU C 4 -28.67 23.27 -3.05
CA LEU C 4 -28.34 24.17 -1.94
C LEU C 4 -29.33 23.93 -0.82
N VAL C 5 -28.86 23.58 0.36
CA VAL C 5 -29.72 23.29 1.49
C VAL C 5 -29.38 24.28 2.60
N GLN C 6 -30.34 25.11 2.97
CA GLN C 6 -30.13 26.12 4.00
C GLN C 6 -30.65 25.60 5.33
N SER C 7 -30.25 26.28 6.41
CA SER C 7 -30.73 25.83 7.69
C SER C 7 -32.23 26.08 7.75
N GLY C 8 -32.89 25.43 8.70
CA GLY C 8 -34.34 25.52 8.73
C GLY C 8 -34.95 26.84 9.11
N ALA C 9 -35.16 27.06 10.40
CA ALA C 9 -35.74 28.32 10.84
C ALA C 9 -35.34 28.57 12.27
N GLU C 10 -35.27 29.85 12.62
CA GLU C 10 -34.86 30.23 13.96
C GLU C 10 -35.79 31.34 14.40
N LEU C 11 -36.08 31.38 15.69
CA LEU C 11 -36.83 32.46 16.32
C LEU C 11 -35.88 33.19 17.24
N LYS C 12 -35.75 34.50 17.05
CA LYS C 12 -34.83 35.25 17.88
C LYS C 12 -35.53 36.51 18.38
N LYS C 13 -35.17 36.93 19.58
CA LYS C 13 -35.71 38.16 20.13
C LYS C 13 -34.97 39.36 19.53
N PRO C 14 -35.65 40.50 19.41
CA PRO C 14 -34.96 41.69 18.89
C PRO C 14 -33.77 42.06 19.77
N GLY C 15 -32.69 42.50 19.11
CA GLY C 15 -31.43 42.75 19.76
C GLY C 15 -30.49 41.57 19.76
N ALA C 16 -31.00 40.36 19.51
CA ALA C 16 -30.17 39.16 19.50
C ALA C 16 -29.53 38.97 18.13
N SER C 17 -28.79 37.86 18.00
CA SER C 17 -28.11 37.48 16.77
C SER C 17 -28.55 36.09 16.35
N VAL C 18 -28.41 35.80 15.06
CA VAL C 18 -28.80 34.51 14.52
C VAL C 18 -27.85 34.16 13.38
N LYS C 19 -27.54 32.87 13.25
CA LYS C 19 -26.61 32.37 12.26
C LYS C 19 -27.27 31.34 11.35
N ILE C 20 -27.38 31.66 10.07
CA ILE C 20 -28.01 30.81 9.06
C ILE C 20 -26.91 30.11 8.29
N SER C 21 -27.11 28.83 8.01
CA SER C 21 -26.14 28.03 7.26
C SER C 21 -26.67 27.69 5.88
N CYS C 22 -25.74 27.34 5.00
CA CYS C 22 -26.07 27.07 3.60
C CYS C 22 -25.08 26.02 3.12
N LYS C 23 -25.50 24.76 3.15
CA LYS C 23 -24.66 23.63 2.77
C LYS C 23 -24.90 23.33 1.30
N THR C 24 -23.83 23.12 0.54
CA THR C 24 -23.97 22.98 -0.90
C THR C 24 -23.50 21.60 -1.34
N SER C 25 -24.00 21.20 -2.51
CA SER C 25 -23.62 19.94 -3.12
C SER C 25 -24.04 19.98 -4.59
N GLY C 26 -23.53 19.02 -5.36
CA GLY C 26 -23.89 18.90 -6.75
C GLY C 26 -23.16 19.81 -7.70
N TYR C 27 -22.19 20.59 -7.22
CA TYR C 27 -21.40 21.48 -8.05
C TYR C 27 -20.14 21.83 -7.28
N ARG C 28 -19.17 22.41 -7.98
CA ARG C 28 -17.93 22.84 -7.34
C ARG C 28 -18.19 24.07 -6.47
N PHE C 29 -18.24 23.87 -5.15
CA PHE C 29 -18.52 24.96 -4.23
C PHE C 29 -17.48 26.07 -4.32
N ASN C 30 -16.23 25.74 -4.64
CA ASN C 30 -15.16 26.73 -4.65
C ASN C 30 -15.27 27.70 -5.81
N PHE C 31 -16.05 27.38 -6.83
CA PHE C 31 -15.98 28.14 -8.06
C PHE C 31 -17.01 29.26 -8.13
N TYR C 32 -18.23 29.01 -7.71
CA TYR C 32 -19.31 29.97 -7.85
C TYR C 32 -19.43 30.80 -6.59
N HIS C 33 -19.64 32.10 -6.75
CA HIS C 33 -19.88 32.96 -5.59
C HIS C 33 -21.15 32.52 -4.86
N ILE C 34 -21.17 32.78 -3.55
CA ILE C 34 -22.36 32.53 -2.73
C ILE C 34 -22.90 33.87 -2.25
N ASN C 35 -24.09 34.21 -2.72
CA ASN C 35 -24.79 35.44 -2.37
C ASN C 35 -25.77 35.19 -1.23
N TRP C 36 -26.08 36.26 -0.50
CA TRP C 36 -27.07 36.28 0.57
C TRP C 36 -28.02 37.43 0.25
N ILE C 37 -29.30 37.09 0.07
CA ILE C 37 -30.38 38.01 -0.30
C ILE C 37 -31.55 37.80 0.66
N ARG C 38 -32.25 38.87 1.02
CA ARG C 38 -33.39 38.69 1.91
C ARG C 38 -34.67 39.24 1.31
N GLN C 39 -35.78 38.78 1.88
CA GLN C 39 -37.13 39.18 1.49
C GLN C 39 -38.00 39.41 2.71
N THR C 40 -38.49 40.65 2.86
CA THR C 40 -39.42 40.99 3.91
C THR C 40 -40.70 41.53 3.28
N ALA C 41 -41.81 41.43 4.02
CA ALA C 41 -43.08 41.90 3.47
C ALA C 41 -43.13 43.42 3.32
N GLY C 42 -42.42 44.16 4.17
CA GLY C 42 -42.51 45.61 4.15
C GLY C 42 -41.66 46.32 3.14
N ARG C 43 -40.48 45.80 2.83
CA ARG C 43 -39.52 46.44 1.94
C ARG C 43 -39.24 45.66 0.67
N GLY C 44 -39.82 44.47 0.52
CA GLY C 44 -39.56 43.62 -0.62
C GLY C 44 -38.19 42.96 -0.64
N PRO C 45 -37.77 42.53 -1.83
CA PRO C 45 -36.45 41.89 -1.97
C PRO C 45 -35.29 42.87 -1.82
N GLU C 46 -34.26 42.42 -1.10
CA GLU C 46 -33.11 43.24 -0.77
C GLU C 46 -31.87 42.36 -0.83
N TRP C 47 -30.92 42.74 -1.67
CA TRP C 47 -29.66 42.01 -1.79
C TRP C 47 -28.74 42.40 -0.64
N MET C 48 -28.18 41.41 0.05
CA MET C 48 -27.36 41.68 1.22
C MET C 48 -25.87 41.64 0.93
N GLY C 49 -25.39 40.66 0.18
CA GLY C 49 -23.96 40.60 -0.10
C GLY C 49 -23.58 39.32 -0.77
N TRP C 50 -22.31 39.23 -1.18
CA TRP C 50 -21.81 37.95 -1.66
C TRP C 50 -20.41 37.70 -1.13
N ILE C 51 -20.00 36.44 -1.19
CA ILE C 51 -18.69 35.99 -0.75
C ILE C 51 -18.17 34.93 -1.71
N SER C 52 -16.86 34.94 -1.92
CA SER C 52 -16.23 33.98 -2.79
C SER C 52 -15.69 32.82 -1.96
N PRO C 53 -16.16 31.59 -2.19
CA PRO C 53 -15.60 30.45 -1.45
C PRO C 53 -14.14 30.16 -1.80
N TYR C 54 -13.69 30.64 -2.96
CA TYR C 54 -12.33 30.39 -3.44
C TYR C 54 -11.31 31.33 -2.80
N SER C 55 -11.57 32.63 -2.84
CA SER C 55 -10.63 33.64 -2.38
C SER C 55 -10.97 34.21 -1.01
N GLY C 56 -12.22 34.13 -0.58
CA GLY C 56 -12.60 34.77 0.66
C GLY C 56 -13.00 36.22 0.50
N ASP C 57 -12.92 36.75 -0.73
CA ASP C 57 -13.35 38.11 -1.01
C ASP C 57 -14.84 38.25 -0.74
N LYS C 58 -15.20 39.34 -0.05
CA LYS C 58 -16.59 39.64 0.28
C LYS C 58 -16.98 41.02 -0.23
N ASN C 59 -18.26 41.16 -0.57
CA ASN C 59 -18.83 42.43 -0.99
C ASN C 59 -20.17 42.54 -0.29
N LEU C 60 -20.26 43.46 0.66
CA LEU C 60 -21.47 43.68 1.45
C LEU C 60 -22.16 44.98 1.05
N ALA C 61 -23.49 44.93 0.96
CA ALA C 61 -24.24 46.15 0.76
C ALA C 61 -24.03 47.10 1.94
N PRO C 62 -24.01 48.40 1.69
CA PRO C 62 -23.73 49.35 2.79
C PRO C 62 -24.69 49.24 3.97
N ALA C 63 -25.94 48.83 3.73
CA ALA C 63 -26.92 48.70 4.81
C ALA C 63 -26.62 47.56 5.78
N PHE C 64 -25.83 46.57 5.36
CA PHE C 64 -25.47 45.43 6.20
C PHE C 64 -23.98 45.28 6.45
N GLN C 65 -23.17 46.27 6.10
CA GLN C 65 -21.72 46.12 6.22
C GLN C 65 -21.26 45.97 7.67
N ASP C 66 -22.01 46.51 8.64
CA ASP C 66 -21.54 46.50 10.03
C ASP C 66 -22.26 45.53 10.95
N ARG C 67 -23.22 44.73 10.47
CA ARG C 67 -23.95 43.82 11.36
C ARG C 67 -24.08 42.41 10.80
N VAL C 68 -23.54 42.15 9.61
CA VAL C 68 -23.67 40.85 8.94
C VAL C 68 -22.26 40.31 8.76
N ILE C 69 -22.08 39.04 9.08
CA ILE C 69 -20.80 38.36 8.91
C ILE C 69 -21.02 37.14 8.04
N MET C 70 -20.33 37.11 6.91
CA MET C 70 -20.45 36.04 5.93
C MET C 70 -19.15 35.25 5.99
N THR C 71 -19.27 33.94 6.07
CA THR C 71 -18.10 33.08 6.11
C THR C 71 -18.37 31.87 5.24
N THR C 72 -17.28 31.19 4.86
CA THR C 72 -17.38 29.97 4.10
C THR C 72 -16.39 28.97 4.67
N ASP C 73 -16.68 27.70 4.45
CA ASP C 73 -15.75 26.64 4.77
C ASP C 73 -14.94 26.34 3.51
N THR C 74 -14.07 25.35 3.61
CA THR C 74 -13.28 24.91 2.48
C THR C 74 -14.07 23.78 1.82
N GLU C 75 -14.04 23.73 0.49
CA GLU C 75 -14.87 22.76 -0.21
C GLU C 75 -14.41 21.34 0.11
N VAL C 76 -15.39 20.47 0.30
CA VAL C 76 -15.16 19.06 0.53
C VAL C 76 -15.36 18.33 -0.80
N PRO C 77 -14.31 17.80 -1.41
CA PRO C 77 -14.46 17.20 -2.75
C PRO C 77 -15.35 15.97 -2.68
N VAL C 78 -16.15 15.81 -3.71
CA VAL C 78 -16.97 14.61 -3.91
C VAL C 78 -16.45 13.75 -5.06
N THR C 79 -16.41 14.31 -6.27
CA THR C 79 -15.75 13.59 -7.35
C THR C 79 -14.62 14.42 -7.94
N SER C 80 -14.93 15.34 -8.85
CA SER C 80 -13.90 16.17 -9.47
C SER C 80 -14.54 17.45 -9.98
N PHE C 81 -15.81 17.33 -10.34
CA PHE C 81 -16.55 18.43 -10.96
C PHE C 81 -17.65 18.92 -10.04
N THR C 82 -17.81 18.26 -8.90
CA THR C 82 -18.78 18.60 -7.88
C THR C 82 -18.10 18.53 -6.51
N SER C 83 -18.71 19.18 -5.53
CA SER C 83 -18.18 19.15 -4.18
C SER C 83 -19.29 19.55 -3.24
N THR C 84 -19.03 19.46 -1.94
CA THR C 84 -19.94 19.92 -0.93
C THR C 84 -19.25 21.02 -0.15
N GLY C 85 -20.03 22.01 0.27
CA GLY C 85 -19.45 23.13 1.00
C GLY C 85 -20.42 23.69 2.00
N ALA C 86 -20.05 24.80 2.64
CA ALA C 86 -20.95 25.40 3.62
C ALA C 86 -20.57 26.86 3.78
N ALA C 87 -21.58 27.72 3.72
CA ALA C 87 -21.44 29.14 3.97
C ALA C 87 -22.36 29.53 5.10
N TYR C 88 -21.99 30.55 5.84
CA TYR C 88 -22.75 30.97 6.99
C TYR C 88 -22.94 32.47 6.90
N MET C 89 -24.08 32.93 7.41
CA MET C 89 -24.33 34.36 7.52
C MET C 89 -24.91 34.60 8.91
N GLU C 90 -24.24 35.43 9.69
CA GLU C 90 -24.66 35.78 11.04
C GLU C 90 -25.09 37.24 11.07
N ILE C 91 -26.37 37.46 11.36
CA ILE C 91 -26.95 38.78 11.40
C ILE C 91 -27.28 39.08 12.86
N ARG C 92 -26.89 40.26 13.32
CA ARG C 92 -26.98 40.67 14.71
C ARG C 92 -27.79 41.95 14.82
N ASN C 93 -28.16 42.29 16.05
CA ASN C 93 -28.97 43.47 16.33
C ASN C 93 -30.29 43.38 15.57
N LEU C 94 -30.98 42.26 15.74
CA LEU C 94 -32.20 42.04 14.99
C LEU C 94 -33.28 43.02 15.43
N LYS C 95 -34.07 43.46 14.45
CA LYS C 95 -35.20 44.35 14.66
C LYS C 95 -36.42 43.72 14.03
N PHE C 96 -37.59 44.31 14.28
CA PHE C 96 -38.83 43.75 13.77
C PHE C 96 -38.85 43.77 12.26
N ASP C 97 -38.26 44.79 11.63
CA ASP C 97 -38.24 44.85 10.17
C ASP C 97 -37.23 43.91 9.53
N ASP C 98 -36.41 43.21 10.33
CA ASP C 98 -35.53 42.18 9.79
C ASP C 98 -36.20 40.82 9.67
N THR C 99 -37.44 40.68 10.14
CA THR C 99 -38.17 39.42 9.97
C THR C 99 -38.44 39.15 8.50
N GLY C 100 -38.07 37.95 8.06
CA GLY C 100 -38.30 37.60 6.67
C GLY C 100 -37.58 36.31 6.29
N THR C 101 -37.45 36.11 5.00
CA THR C 101 -36.84 34.90 4.44
C THR C 101 -35.47 35.27 3.88
N TYR C 102 -34.46 34.46 4.20
CA TYR C 102 -33.10 34.73 3.77
C TYR C 102 -32.67 33.59 2.84
N PHE C 103 -31.97 33.95 1.77
CA PHE C 103 -31.54 32.98 0.78
C PHE C 103 -30.05 33.08 0.54
N CYS C 104 -29.41 31.94 0.36
CA CYS C 104 -28.09 31.86 -0.24
C CYS C 104 -28.24 31.40 -1.68
N ALA C 105 -27.35 31.88 -2.54
CA ALA C 105 -27.51 31.60 -3.95
C ALA C 105 -26.17 31.46 -4.66
N LYS C 106 -26.06 30.45 -5.52
CA LYS C 106 -24.88 30.19 -6.31
C LYS C 106 -24.90 31.09 -7.54
N GLY C 107 -23.70 31.56 -7.91
CA GLY C 107 -23.53 32.43 -9.06
C GLY C 107 -23.83 31.77 -10.39
N LEU C 108 -23.80 32.61 -11.42
CA LEU C 108 -24.19 32.24 -12.79
C LEU C 108 -23.02 31.69 -13.59
N LEU C 109 -21.93 32.46 -13.70
CA LEU C 109 -20.83 32.08 -14.57
C LEU C 109 -19.50 32.21 -13.84
N ARG C 110 -18.53 31.40 -14.29
CA ARG C 110 -17.17 31.47 -13.76
C ARG C 110 -16.44 32.73 -14.21
N ASP C 111 -16.84 33.30 -15.35
CA ASP C 111 -16.23 34.52 -15.86
C ASP C 111 -17.28 35.23 -16.70
N GLY C 112 -17.07 36.53 -16.91
CA GLY C 112 -18.04 37.23 -17.71
C GLY C 112 -18.44 38.55 -17.08
N SER C 113 -19.60 39.03 -17.50
CA SER C 113 -20.15 40.29 -17.05
C SER C 113 -21.11 40.12 -15.89
N SER C 114 -21.34 38.87 -15.44
CA SER C 114 -22.26 38.62 -14.34
C SER C 114 -21.84 37.35 -13.62
N THR C 115 -20.66 37.39 -13.00
CA THR C 115 -20.15 36.18 -12.35
C THR C 115 -20.91 35.89 -11.06
N TRP C 116 -21.16 36.92 -10.24
CA TRP C 116 -21.77 36.73 -8.94
C TRP C 116 -23.28 36.57 -9.02
N LEU C 117 -23.87 36.81 -10.20
CA LEU C 117 -25.31 36.91 -10.34
C LEU C 117 -26.00 35.68 -9.77
N PRO C 118 -26.89 35.84 -8.79
CA PRO C 118 -27.50 34.67 -8.14
C PRO C 118 -28.28 33.85 -9.15
N TYR C 119 -27.88 32.59 -9.32
CA TYR C 119 -28.47 31.72 -10.33
C TYR C 119 -29.15 30.50 -9.73
N LEU C 120 -28.47 29.77 -8.85
CA LEU C 120 -29.06 28.61 -8.20
C LEU C 120 -29.39 28.96 -6.76
N TRP C 121 -30.66 28.89 -6.38
CA TRP C 121 -31.05 29.35 -5.06
C TRP C 121 -31.39 28.17 -4.15
N GLY C 122 -31.18 28.38 -2.86
CA GLY C 122 -31.58 27.43 -1.85
C GLY C 122 -33.05 27.56 -1.52
N GLN C 123 -33.50 26.75 -0.56
CA GLN C 123 -34.91 26.78 -0.19
C GLN C 123 -35.26 27.91 0.78
N GLY C 124 -34.27 28.57 1.36
CA GLY C 124 -34.59 29.72 2.20
C GLY C 124 -34.66 29.35 3.67
N THR C 125 -34.32 30.32 4.52
CA THR C 125 -34.41 30.17 5.97
C THR C 125 -35.25 31.31 6.51
N LEU C 126 -36.28 30.97 7.27
CA LEU C 126 -37.20 31.94 7.82
C LEU C 126 -36.71 32.44 9.18
N LEU C 127 -36.50 33.75 9.29
CA LEU C 127 -36.05 34.37 10.53
C LEU C 127 -37.18 35.24 11.05
N THR C 128 -37.60 34.96 12.28
CA THR C 128 -38.64 35.71 12.97
C THR C 128 -38.04 36.44 14.17
N VAL C 129 -38.27 37.75 14.23
CA VAL C 129 -37.83 38.59 15.34
C VAL C 129 -39.08 39.02 16.11
N SER C 130 -39.18 38.58 17.36
CA SER C 130 -40.37 38.86 18.15
C SER C 130 -40.06 38.68 19.63
N SER C 131 -41.01 39.09 20.47
CA SER C 131 -40.89 38.95 21.92
C SER C 131 -41.80 37.84 22.42
N SER D 2 -38.19 50.90 -4.26
CA SER D 2 -36.92 51.59 -4.39
C SER D 2 -36.98 52.61 -5.50
N VAL D 3 -35.80 53.00 -6.02
CA VAL D 3 -35.76 53.98 -7.10
C VAL D 3 -36.01 53.36 -8.46
N LEU D 4 -36.05 52.03 -8.55
CA LEU D 4 -36.32 51.33 -9.80
C LEU D 4 -37.79 50.96 -9.83
N THR D 5 -38.56 51.61 -10.69
CA THR D 5 -40.02 51.50 -10.69
C THR D 5 -40.46 50.55 -11.81
N GLN D 6 -41.37 49.64 -11.47
CA GLN D 6 -42.03 48.78 -12.44
C GLN D 6 -43.52 49.09 -12.46
N SER D 7 -44.19 48.62 -13.52
CA SER D 7 -45.64 48.69 -13.56
C SER D 7 -46.18 47.78 -12.46
N ALA D 8 -47.05 48.33 -11.59
CA ALA D 8 -47.48 47.58 -10.42
C ALA D 8 -48.24 46.30 -10.78
N SER D 9 -49.07 46.34 -11.82
CA SER D 9 -49.82 45.15 -12.20
C SER D 9 -50.04 45.11 -13.69
N VAL D 10 -50.10 43.91 -14.24
CA VAL D 10 -50.42 43.72 -15.65
C VAL D 10 -51.07 42.36 -15.83
N SER D 11 -51.91 42.25 -16.86
CA SER D 11 -52.67 41.04 -17.13
C SER D 11 -52.68 40.78 -18.64
N GLY D 12 -52.68 39.50 -19.00
CA GLY D 12 -52.76 39.11 -20.40
C GLY D 12 -53.54 37.84 -20.59
N SER D 13 -54.06 37.68 -21.80
CA SER D 13 -54.90 36.54 -22.15
C SER D 13 -54.06 35.36 -22.61
N LEU D 14 -54.67 34.18 -22.58
CA LEU D 14 -53.99 32.97 -23.02
C LEU D 14 -53.58 33.06 -24.49
N GLY D 15 -52.36 32.61 -24.76
CA GLY D 15 -51.77 32.66 -26.08
C GLY D 15 -51.31 34.02 -26.57
N GLN D 16 -51.42 35.07 -25.76
CA GLN D 16 -51.01 36.39 -26.20
C GLN D 16 -49.69 36.80 -25.55
N SER D 17 -49.33 38.07 -25.67
CA SER D 17 -48.12 38.58 -25.06
C SER D 17 -48.42 39.69 -24.06
N VAL D 18 -47.40 40.01 -23.26
CA VAL D 18 -47.48 41.02 -22.22
C VAL D 18 -46.08 41.57 -21.97
N THR D 19 -46.01 42.85 -21.62
CA THR D 19 -44.73 43.54 -21.45
C THR D 19 -44.69 44.17 -20.07
N ILE D 20 -43.59 43.96 -19.36
CA ILE D 20 -43.36 44.57 -18.05
C ILE D 20 -42.27 45.61 -18.19
N SER D 21 -42.48 46.76 -17.55
CA SER D 21 -41.54 47.87 -17.62
C SER D 21 -40.70 47.94 -16.35
N CYS D 22 -39.57 48.63 -16.46
CA CYS D 22 -38.61 48.73 -15.37
C CYS D 22 -37.79 49.98 -15.61
N THR D 23 -38.04 51.03 -14.83
CA THR D 23 -37.33 52.29 -15.04
C THR D 23 -37.03 52.98 -13.72
N GLY D 24 -36.22 54.03 -13.81
CA GLY D 24 -35.81 54.80 -12.66
C GLY D 24 -34.87 55.92 -13.04
N PRO D 25 -34.27 56.57 -12.04
CA PRO D 25 -33.32 57.66 -12.31
C PRO D 25 -32.13 57.18 -13.12
N ASN D 26 -31.42 58.13 -13.72
CA ASN D 26 -30.23 57.78 -14.49
C ASN D 26 -29.16 57.14 -13.63
N SER D 27 -29.20 57.35 -12.32
CA SER D 27 -28.26 56.70 -11.41
C SER D 27 -28.45 55.19 -11.35
N VAL D 28 -29.61 54.67 -11.77
CA VAL D 28 -29.84 53.23 -11.81
C VAL D 28 -30.18 52.71 -13.20
N CYS D 29 -30.44 53.57 -14.18
CA CYS D 29 -31.04 53.11 -15.43
C CYS D 29 -30.84 54.17 -16.51
N CYS D 30 -30.50 53.71 -17.72
CA CYS D 30 -30.32 52.28 -17.96
C CYS D 30 -28.98 52.05 -18.62
N SER D 31 -28.58 52.99 -19.47
CA SER D 31 -27.42 52.80 -20.32
C SER D 31 -26.19 52.51 -19.48
N HIS D 32 -25.38 51.54 -19.93
CA HIS D 32 -24.21 51.08 -19.19
C HIS D 32 -24.55 50.33 -17.91
N LYS D 33 -25.79 49.89 -17.71
CA LYS D 33 -26.17 49.19 -16.50
C LYS D 33 -26.88 47.93 -16.99
N SER D 34 -26.48 46.78 -16.45
CA SER D 34 -27.21 45.55 -16.76
C SER D 34 -28.54 45.41 -16.04
N ILE D 35 -29.46 44.71 -16.70
CA ILE D 35 -30.80 44.45 -16.20
C ILE D 35 -30.99 42.94 -16.23
N SER D 36 -31.54 42.38 -15.16
CA SER D 36 -31.85 40.97 -15.12
C SER D 36 -33.31 40.82 -14.77
N TRP D 37 -33.89 39.69 -15.14
CA TRP D 37 -35.29 39.45 -14.86
C TRP D 37 -35.37 38.12 -14.13
N TYR D 38 -36.26 38.08 -13.15
CA TYR D 38 -36.48 36.93 -12.29
C TYR D 38 -37.96 36.66 -12.18
N GLN D 39 -38.33 35.39 -12.17
CA GLN D 39 -39.68 34.99 -11.84
C GLN D 39 -39.62 34.62 -10.36
N TRP D 40 -40.46 35.29 -9.56
CA TRP D 40 -40.36 35.22 -8.12
C TRP D 40 -41.77 35.05 -7.58
N PRO D 41 -42.25 33.82 -7.48
CA PRO D 41 -43.53 33.58 -6.85
C PRO D 41 -43.44 33.93 -5.38
N PRO D 42 -44.48 34.55 -4.82
CA PRO D 42 -44.43 34.94 -3.41
C PRO D 42 -44.26 33.73 -2.50
N GLY D 43 -43.40 33.88 -1.49
CA GLY D 43 -43.15 32.83 -0.53
C GLY D 43 -42.22 31.73 -0.99
N ARG D 44 -41.58 31.88 -2.16
CA ARG D 44 -40.70 30.86 -2.70
C ARG D 44 -39.43 31.49 -3.25
N ALA D 45 -38.45 30.63 -3.55
CA ALA D 45 -37.18 31.07 -4.11
C ALA D 45 -37.37 31.41 -5.59
N PRO D 46 -36.70 32.43 -6.07
CA PRO D 46 -36.89 32.89 -7.44
C PRO D 46 -36.21 31.97 -8.45
N THR D 47 -36.45 32.29 -9.71
CA THR D 47 -35.90 31.59 -10.87
C THR D 47 -35.40 32.67 -11.81
N LEU D 48 -34.16 32.54 -12.26
CA LEU D 48 -33.59 33.49 -13.19
C LEU D 48 -34.14 33.24 -14.58
N ILE D 49 -34.71 34.28 -15.18
CA ILE D 49 -35.26 34.22 -16.53
C ILE D 49 -34.36 34.93 -17.53
N ILE D 50 -33.75 36.04 -17.11
CA ILE D 50 -33.06 36.94 -18.03
C ILE D 50 -31.82 37.48 -17.33
N TYR D 51 -30.69 37.47 -18.04
CA TYR D 51 -29.45 38.05 -17.57
C TYR D 51 -28.81 38.78 -18.74
N GLU D 52 -28.00 39.80 -18.43
CA GLU D 52 -27.35 40.59 -19.48
C GLU D 52 -28.36 41.24 -20.42
N ASP D 53 -29.42 41.82 -19.84
CA ASP D 53 -30.55 42.44 -20.55
C ASP D 53 -31.37 41.44 -21.35
N ASN D 54 -30.74 40.73 -22.26
CA ASN D 54 -31.38 40.04 -23.37
C ASN D 54 -31.20 38.55 -23.22
N GLU D 55 -30.04 38.15 -22.72
CA GLU D 55 -29.51 36.80 -22.78
C GLU D 55 -30.33 35.97 -21.81
N ARG D 56 -31.00 34.94 -22.29
CA ARG D 56 -31.86 34.20 -21.37
C ARG D 56 -31.09 33.09 -20.66
N ALA D 57 -31.55 32.79 -19.45
CA ALA D 57 -30.93 31.78 -18.60
C ALA D 57 -31.04 30.41 -19.25
N PRO D 58 -30.22 29.45 -18.83
CA PRO D 58 -30.29 28.13 -19.45
C PRO D 58 -31.67 27.52 -19.28
N GLY D 59 -32.13 26.84 -20.33
CA GLY D 59 -33.41 26.17 -20.32
C GLY D 59 -34.62 27.07 -20.44
N ILE D 60 -34.44 28.40 -20.44
CA ILE D 60 -35.58 29.30 -20.51
C ILE D 60 -36.18 29.26 -21.91
N SER D 61 -37.51 29.21 -21.98
CA SER D 61 -38.20 29.14 -23.26
C SER D 61 -37.96 30.40 -24.08
N PRO D 62 -37.95 30.30 -25.41
CA PRO D 62 -37.83 31.51 -26.24
C PRO D 62 -39.04 32.42 -26.18
N ARG D 63 -40.13 32.02 -25.49
CA ARG D 63 -41.25 32.93 -25.31
C ARG D 63 -40.87 34.17 -24.51
N PHE D 64 -39.83 34.06 -23.68
CA PHE D 64 -39.40 35.17 -22.84
C PHE D 64 -38.30 35.93 -23.56
N SER D 65 -38.40 37.26 -23.55
CA SER D 65 -37.39 38.10 -24.18
C SER D 65 -37.20 39.35 -23.36
N GLY D 66 -35.99 39.90 -23.41
CA GLY D 66 -35.68 41.12 -22.69
C GLY D 66 -35.22 42.17 -23.68
N TYR D 67 -35.43 43.43 -23.33
CA TYR D 67 -34.99 44.50 -24.22
C TYR D 67 -34.78 45.75 -23.39
N LYS D 68 -33.66 46.45 -23.59
CA LYS D 68 -33.36 47.63 -22.79
C LYS D 68 -33.11 48.82 -23.70
N SER D 69 -33.89 49.87 -23.50
CA SER D 69 -33.72 51.16 -24.16
C SER D 69 -32.96 52.11 -23.27
N TYR D 70 -32.76 53.34 -23.76
CA TYR D 70 -32.03 54.35 -23.01
C TYR D 70 -32.79 54.81 -21.76
N TRP D 71 -34.12 54.74 -21.78
CA TRP D 71 -34.92 55.24 -20.68
C TRP D 71 -35.56 54.18 -19.80
N SER D 72 -35.73 52.96 -20.30
CA SER D 72 -36.40 51.92 -19.53
C SER D 72 -36.00 50.56 -20.05
N ALA D 73 -36.24 49.54 -19.23
CA ALA D 73 -36.00 48.16 -19.64
C ALA D 73 -37.35 47.46 -19.66
N TYR D 74 -37.42 46.39 -20.43
CA TYR D 74 -38.67 45.67 -20.65
C TYR D 74 -38.44 44.17 -20.67
N LEU D 75 -39.48 43.45 -20.25
CA LEU D 75 -39.52 41.99 -20.32
C LEU D 75 -40.80 41.63 -21.03
N THR D 76 -40.68 40.86 -22.11
CA THR D 76 -41.81 40.50 -22.95
C THR D 76 -42.06 39.01 -22.84
N ILE D 77 -43.29 38.64 -22.51
CA ILE D 77 -43.73 37.25 -22.42
C ILE D 77 -44.72 37.02 -23.54
N SER D 78 -44.36 36.17 -24.49
CA SER D 78 -45.22 35.87 -25.61
C SER D 78 -45.92 34.53 -25.39
N ASP D 79 -47.06 34.36 -26.05
CA ASP D 79 -47.85 33.12 -25.98
C ASP D 79 -48.12 32.73 -24.52
N LEU D 80 -48.85 33.59 -23.83
CA LEU D 80 -49.02 33.45 -22.39
C LEU D 80 -49.70 32.13 -22.02
N ARG D 81 -49.21 31.53 -20.94
CA ARG D 81 -49.68 30.26 -20.40
C ARG D 81 -50.18 30.46 -18.97
N PRO D 82 -50.89 29.48 -18.40
CA PRO D 82 -51.30 29.59 -16.99
C PRO D 82 -50.14 29.73 -16.02
N GLU D 83 -49.00 29.09 -16.28
CA GLU D 83 -47.87 29.16 -15.35
C GLU D 83 -47.19 30.52 -15.36
N ASP D 84 -47.43 31.35 -16.37
CA ASP D 84 -46.88 32.69 -16.40
C ASP D 84 -47.59 33.61 -15.41
N GLU D 85 -48.71 33.19 -14.83
CA GLU D 85 -49.45 34.01 -13.88
C GLU D 85 -48.78 33.95 -12.52
N THR D 86 -47.91 34.93 -12.27
CA THR D 86 -47.19 35.04 -11.01
C THR D 86 -46.57 36.42 -10.89
N THR D 87 -45.58 36.57 -10.00
CA THR D 87 -44.91 37.84 -9.77
C THR D 87 -43.56 37.84 -10.45
N TYR D 88 -43.19 38.98 -11.04
CA TYR D 88 -41.93 39.13 -11.75
C TYR D 88 -41.18 40.34 -11.25
N TYR D 89 -39.86 40.23 -11.17
CA TYR D 89 -39.00 41.32 -10.75
C TYR D 89 -37.88 41.57 -11.73
N CYS D 90 -37.54 42.84 -11.90
CA CYS D 90 -36.34 43.22 -12.63
C CYS D 90 -35.29 43.61 -11.61
N CYS D 91 -34.04 43.56 -12.05
CA CYS D 91 -32.92 43.98 -11.22
C CYS D 91 -31.95 44.81 -12.04
N SER D 92 -31.43 45.85 -11.40
CA SER D 92 -30.38 46.68 -11.98
C SER D 92 -29.08 46.35 -11.28
N TYR D 93 -28.04 46.12 -12.05
CA TYR D 93 -26.78 45.65 -11.51
C TYR D 93 -25.69 46.02 -12.50
N THR D 94 -24.46 46.04 -12.03
CA THR D 94 -23.32 46.10 -12.96
C THR D 94 -22.40 44.94 -12.66
N HIS D 95 -21.48 45.12 -11.72
CA HIS D 95 -20.48 44.08 -11.49
C HIS D 95 -20.00 44.12 -10.05
N ASN D 96 -19.84 45.32 -9.49
CA ASN D 96 -19.31 45.46 -8.14
C ASN D 96 -20.43 45.76 -7.16
N SER D 97 -21.65 45.89 -7.65
CA SER D 97 -22.80 46.30 -6.86
C SER D 97 -23.88 45.25 -6.95
N GLY D 98 -24.40 44.85 -5.80
CA GLY D 98 -25.39 43.80 -5.70
C GLY D 98 -26.68 44.17 -6.38
N CYS D 99 -27.67 43.29 -6.34
CA CYS D 99 -28.85 43.54 -7.12
C CYS D 99 -29.65 44.69 -6.50
N VAL D 100 -30.28 45.50 -7.35
CA VAL D 100 -31.28 46.48 -6.94
C VAL D 100 -32.60 46.12 -7.59
N PHE D 101 -33.55 45.66 -6.78
CA PHE D 101 -34.82 45.16 -7.28
C PHE D 101 -35.81 46.29 -7.55
N GLY D 102 -36.70 46.02 -8.51
CA GLY D 102 -37.75 46.94 -8.88
C GLY D 102 -38.92 46.81 -7.93
N THR D 103 -39.96 47.59 -8.20
CA THR D 103 -41.10 47.58 -7.31
C THR D 103 -41.97 46.36 -7.52
N GLY D 104 -41.85 45.67 -8.64
CA GLY D 104 -42.56 44.43 -8.83
C GLY D 104 -43.77 44.56 -9.73
N THR D 105 -44.10 43.47 -10.41
CA THR D 105 -45.26 43.40 -11.30
C THR D 105 -45.88 42.03 -11.14
N LYS D 106 -47.19 41.99 -10.88
CA LYS D 106 -47.92 40.73 -10.79
C LYS D 106 -48.67 40.49 -12.09
N VAL D 107 -48.43 39.34 -12.71
CA VAL D 107 -49.03 39.03 -14.01
C VAL D 107 -50.18 38.08 -13.77
N SER D 108 -51.35 38.40 -14.32
CA SER D 108 -52.52 37.55 -14.25
C SER D 108 -52.86 37.04 -15.65
N VAL D 109 -53.13 35.75 -15.77
CA VAL D 109 -53.45 35.15 -17.06
C VAL D 109 -54.95 34.90 -17.07
N LEU D 110 -55.65 35.69 -17.89
CA LEU D 110 -57.09 35.58 -18.02
C LEU D 110 -57.48 34.54 -19.07
N GLY D 111 -58.77 34.36 -19.25
CA GLY D 111 -59.29 33.42 -20.23
C GLY D 111 -59.21 31.97 -19.76
N ALA E 3 44.55 -4.38 44.84
CA ALA E 3 45.95 -4.67 44.56
C ALA E 3 46.25 -6.16 44.73
N LEU E 4 47.41 -6.59 44.27
CA LEU E 4 47.87 -7.97 44.40
C LEU E 4 48.98 -8.04 45.43
N THR E 5 48.94 -9.07 46.28
CA THR E 5 49.88 -9.22 47.38
C THR E 5 50.54 -10.59 47.30
N GLN E 6 51.84 -10.63 47.59
CA GLN E 6 52.63 -11.85 47.60
C GLN E 6 53.61 -11.84 48.77
N PRO E 7 54.02 -13.01 49.25
CA PRO E 7 55.00 -13.03 50.35
C PRO E 7 56.36 -12.56 49.87
N PRO E 8 57.18 -12.01 50.78
CA PRO E 8 58.51 -11.53 50.34
C PRO E 8 59.42 -12.65 49.83
N SER E 9 59.36 -13.84 50.43
CA SER E 9 60.18 -14.97 50.03
C SER E 9 59.41 -16.26 50.31
N ALA E 10 59.87 -17.35 49.68
CA ALA E 10 59.26 -18.66 49.79
C ALA E 10 60.31 -19.68 49.36
N SER E 11 61.39 -19.74 50.13
CA SER E 11 62.52 -20.60 49.82
C SER E 11 62.14 -22.06 50.11
N GLY E 12 62.87 -22.96 49.47
CA GLY E 12 62.66 -24.38 49.66
C GLY E 12 63.85 -25.18 49.16
N SER E 13 64.11 -26.30 49.82
CA SER E 13 65.20 -27.17 49.42
C SER E 13 64.82 -27.90 48.12
N PRO E 14 65.82 -28.26 47.31
CA PRO E 14 65.52 -29.02 46.09
C PRO E 14 64.84 -30.35 46.40
N GLY E 15 63.92 -30.75 45.53
CA GLY E 15 63.17 -31.98 45.67
C GLY E 15 61.82 -31.82 46.35
N GLN E 16 61.71 -30.90 47.30
CA GLN E 16 60.44 -30.69 47.99
C GLN E 16 59.41 -30.10 47.05
N SER E 17 58.15 -30.43 47.30
CA SER E 17 57.05 -29.81 46.59
C SER E 17 56.71 -28.48 47.27
N ILE E 18 56.67 -27.40 46.48
CA ILE E 18 56.53 -26.06 47.01
C ILE E 18 55.32 -25.39 46.37
N THR E 19 54.70 -24.49 47.14
CA THR E 19 53.47 -23.81 46.73
C THR E 19 53.57 -22.33 47.08
N ILE E 20 53.26 -21.47 46.11
CA ILE E 20 53.20 -20.03 46.35
C ILE E 20 51.80 -19.56 46.00
N SER E 21 51.38 -18.47 46.65
CA SER E 21 50.00 -18.00 46.56
C SER E 21 49.97 -16.56 46.07
N CYS E 22 48.77 -16.15 45.69
CA CYS E 22 48.50 -14.79 45.23
C CYS E 22 47.07 -14.43 45.58
N THR E 23 46.90 -13.42 46.42
CA THR E 23 45.60 -12.97 46.88
C THR E 23 45.24 -11.64 46.23
N GLY E 24 43.95 -11.41 46.05
CA GLY E 24 43.45 -10.19 45.47
C GLY E 24 42.92 -10.31 44.05
N THR E 25 42.82 -11.53 43.50
CA THR E 25 42.33 -11.71 42.16
C THR E 25 40.80 -11.65 42.13
N SER E 26 40.26 -10.79 41.28
CA SER E 26 38.81 -10.67 41.12
C SER E 26 38.30 -11.37 39.88
N ASN E 27 39.19 -11.81 38.98
CA ASN E 27 38.81 -12.41 37.72
C ASN E 27 39.76 -13.56 37.40
N ASN E 28 39.57 -14.17 36.23
CA ASN E 28 40.39 -15.27 35.77
C ASN E 28 41.53 -14.83 34.87
N PHE E 29 41.81 -13.53 34.80
CA PHE E 29 42.93 -13.03 34.01
C PHE E 29 44.20 -12.98 34.84
N VAL E 30 44.48 -14.09 35.51
CA VAL E 30 45.64 -14.24 36.39
C VAL E 30 46.78 -14.86 35.60
N SER E 31 47.99 -14.36 35.82
CA SER E 31 49.16 -14.87 35.11
C SER E 31 50.38 -14.78 36.00
N TRP E 32 51.37 -15.62 35.69
CA TRP E 32 52.58 -15.78 36.47
C TRP E 32 53.79 -15.69 35.54
N TYR E 33 54.76 -14.84 35.91
CA TYR E 33 55.98 -14.66 35.15
C TYR E 33 57.19 -14.91 36.04
N GLN E 34 58.24 -15.45 35.43
CA GLN E 34 59.50 -15.77 36.10
C GLN E 34 60.60 -14.86 35.57
N GLN E 35 61.36 -14.24 36.47
CA GLN E 35 62.40 -13.29 36.11
C GLN E 35 63.65 -13.63 36.91
N HIS E 36 64.72 -14.01 36.22
CA HIS E 36 65.97 -14.26 36.90
C HIS E 36 66.67 -12.95 37.23
N ALA E 37 67.61 -13.01 38.17
CA ALA E 37 68.29 -11.82 38.67
C ALA E 37 69.07 -11.14 37.55
N GLY E 38 68.78 -9.86 37.32
CA GLY E 38 69.42 -9.09 36.27
C GLY E 38 68.96 -9.40 34.87
N LYS E 39 67.98 -10.28 34.70
CA LYS E 39 67.49 -10.69 33.39
C LYS E 39 66.07 -10.20 33.18
N ALA E 40 65.42 -10.74 32.16
CA ALA E 40 64.07 -10.43 31.71
C ALA E 40 63.07 -11.46 32.19
N PRO E 41 61.82 -11.07 32.40
CA PRO E 41 60.80 -12.05 32.80
C PRO E 41 60.39 -12.95 31.64
N LYS E 42 59.90 -14.14 31.99
CA LYS E 42 59.38 -15.10 31.02
C LYS E 42 58.00 -15.55 31.48
N LEU E 43 57.04 -15.54 30.56
CA LEU E 43 55.73 -16.08 30.89
C LEU E 43 55.83 -17.57 31.19
N VAL E 44 55.27 -17.97 32.33
CA VAL E 44 55.29 -19.38 32.69
C VAL E 44 53.86 -19.86 32.93
N ILE E 45 52.95 -18.97 33.31
CA ILE E 45 51.56 -19.35 33.53
C ILE E 45 50.65 -18.26 33.00
N TYR E 46 49.65 -18.65 32.21
CA TYR E 46 48.65 -17.72 31.73
C TYR E 46 47.28 -18.40 31.82
N ASP E 47 46.23 -17.58 31.76
CA ASP E 47 44.85 -18.05 31.88
C ASP E 47 44.69 -18.94 33.12
N VAL E 48 45.18 -18.43 34.24
CA VAL E 48 45.12 -19.08 35.56
C VAL E 48 46.03 -20.30 35.61
N ASN E 49 45.87 -21.24 34.67
CA ASN E 49 46.55 -22.52 34.76
C ASN E 49 47.31 -22.95 33.50
N LYS E 50 47.21 -22.22 32.40
CA LYS E 50 47.82 -22.66 31.15
C LYS E 50 49.31 -22.34 31.13
N ARG E 51 50.10 -23.24 30.54
CA ARG E 51 51.53 -23.11 30.39
C ARG E 51 51.91 -22.90 28.92
N PRO E 52 52.83 -21.99 28.63
CA PRO E 52 53.36 -21.90 27.26
C PRO E 52 54.10 -23.19 26.88
N SER E 53 54.11 -23.48 25.59
CA SER E 53 54.82 -24.66 25.10
C SER E 53 56.30 -24.55 25.42
N GLY E 54 56.87 -25.62 25.96
CA GLY E 54 58.25 -25.62 26.39
C GLY E 54 58.44 -25.37 27.87
N VAL E 55 57.41 -24.94 28.58
CA VAL E 55 57.50 -24.75 30.03
C VAL E 55 57.32 -26.11 30.70
N PRO E 56 58.20 -26.48 31.63
CA PRO E 56 58.12 -27.82 32.24
C PRO E 56 56.76 -28.05 32.91
N ASP E 57 56.34 -29.32 32.91
CA ASP E 57 55.05 -29.69 33.47
C ASP E 57 55.05 -29.80 34.98
N ARG E 58 56.21 -29.65 35.63
CA ARG E 58 56.26 -29.62 37.08
C ARG E 58 55.49 -28.44 37.66
N PHE E 59 55.29 -27.40 36.87
CA PHE E 59 54.58 -26.20 37.31
C PHE E 59 53.09 -26.35 37.00
N SER E 60 52.26 -26.12 38.01
CA SER E 60 50.82 -26.20 37.82
C SER E 60 50.15 -25.03 38.55
N GLY E 61 49.00 -24.62 38.03
CA GLY E 61 48.27 -23.49 38.59
C GLY E 61 46.85 -23.89 38.97
N SER E 62 46.40 -23.38 40.13
CA SER E 62 45.07 -23.65 40.62
C SER E 62 44.52 -22.39 41.29
N LYS E 63 43.25 -22.45 41.69
CA LYS E 63 42.63 -21.29 42.32
C LYS E 63 41.56 -21.77 43.30
N SER E 64 41.59 -21.21 44.52
CA SER E 64 40.57 -21.45 45.53
C SER E 64 40.04 -20.11 45.99
N GLY E 65 38.75 -19.88 45.78
CA GLY E 65 38.16 -18.60 46.15
C GLY E 65 38.82 -17.46 45.39
N ASN E 66 39.35 -16.50 46.14
CA ASN E 66 40.07 -15.37 45.57
C ASN E 66 41.59 -15.52 45.69
N THR E 67 42.08 -16.74 45.87
CA THR E 67 43.51 -17.00 46.04
C THR E 67 43.97 -17.97 44.96
N ALA E 68 44.85 -17.50 44.08
CA ALA E 68 45.48 -18.37 43.11
C ALA E 68 46.76 -18.97 43.70
N SER E 69 47.17 -20.11 43.16
CA SER E 69 48.33 -20.83 43.68
C SER E 69 49.10 -21.48 42.55
N LEU E 70 50.43 -21.44 42.68
CA LEU E 70 51.35 -22.12 41.77
C LEU E 70 52.10 -23.19 42.56
N THR E 71 52.17 -24.39 41.99
CA THR E 71 52.79 -25.55 42.65
C THR E 71 53.90 -26.08 41.78
N VAL E 72 55.06 -26.33 42.40
CA VAL E 72 56.23 -26.90 41.75
C VAL E 72 56.56 -28.20 42.47
N SER E 73 56.61 -29.30 41.71
CA SER E 73 56.95 -30.61 42.26
C SER E 73 58.34 -30.98 41.75
N GLY E 74 59.31 -31.03 42.66
CA GLY E 74 60.68 -31.31 42.27
C GLY E 74 61.45 -30.05 41.95
N LEU E 75 61.90 -29.35 42.99
CA LEU E 75 62.62 -28.10 42.81
C LEU E 75 64.01 -28.36 42.25
N GLN E 76 64.45 -27.46 41.37
CA GLN E 76 65.78 -27.51 40.79
C GLN E 76 66.57 -26.27 41.19
N THR E 77 67.89 -26.37 41.09
CA THR E 77 68.74 -25.24 41.47
C THR E 77 68.55 -24.05 40.54
N ASP E 78 68.16 -24.28 39.29
CA ASP E 78 67.94 -23.21 38.33
C ASP E 78 66.58 -22.54 38.47
N ASP E 79 65.76 -22.97 39.45
CA ASP E 79 64.47 -22.36 39.67
C ASP E 79 64.54 -21.08 40.50
N GLU E 80 65.70 -20.78 41.08
CA GLU E 80 65.83 -19.58 41.91
C GLU E 80 65.67 -18.33 41.06
N ALA E 81 64.66 -17.52 41.39
CA ALA E 81 64.32 -16.33 40.60
C ALA E 81 63.24 -15.55 41.34
N VAL E 82 62.87 -14.40 40.76
CA VAL E 82 61.78 -13.59 41.29
C VAL E 82 60.53 -13.87 40.46
N TYR E 83 59.44 -14.25 41.13
CA TYR E 83 58.19 -14.58 40.48
C TYR E 83 57.20 -13.45 40.70
N TYR E 84 56.51 -13.06 39.62
CA TYR E 84 55.53 -11.98 39.66
C TYR E 84 54.17 -12.49 39.22
N CYS E 85 53.12 -12.00 39.89
CA CYS E 85 51.75 -12.29 39.52
C CYS E 85 51.12 -11.05 38.88
N GLY E 86 50.13 -11.29 38.01
CA GLY E 86 49.45 -10.21 37.33
C GLY E 86 47.99 -10.51 37.05
N SER E 87 47.13 -9.49 37.16
CA SER E 87 45.71 -9.69 36.96
C SER E 87 45.09 -8.44 36.35
N LEU E 88 43.92 -8.65 35.74
CA LEU E 88 43.12 -7.55 35.21
C LEU E 88 42.11 -7.12 36.27
N VAL E 89 41.98 -5.81 36.45
CA VAL E 89 41.06 -5.21 37.41
C VAL E 89 40.38 -4.03 36.75
N GLY E 90 39.31 -3.58 37.38
CA GLY E 90 38.53 -2.47 36.88
C GLY E 90 37.98 -2.76 35.50
N ASN E 91 37.90 -1.70 34.69
CA ASN E 91 37.45 -1.87 33.31
C ASN E 91 38.52 -2.59 32.48
N TRP E 92 39.71 -2.01 32.40
CA TRP E 92 40.76 -2.57 31.55
C TRP E 92 42.15 -2.45 32.17
N ASP E 93 42.22 -2.23 33.48
CA ASP E 93 43.52 -1.98 34.11
C ASP E 93 44.21 -3.28 34.46
N VAL E 94 45.53 -3.22 34.56
CA VAL E 94 46.37 -4.37 34.90
C VAL E 94 47.19 -4.04 36.13
N ILE E 95 47.24 -4.97 37.08
CA ILE E 95 48.04 -4.78 38.29
C ILE E 95 48.89 -6.02 38.53
N PHE E 96 50.03 -5.82 39.18
CA PHE E 96 50.94 -6.89 39.55
C PHE E 96 51.10 -6.95 41.06
N GLY E 97 51.71 -8.04 41.52
CA GLY E 97 52.11 -8.16 42.91
C GLY E 97 53.51 -7.62 43.12
N GLY E 98 53.93 -7.62 44.39
CA GLY E 98 55.23 -7.08 44.74
C GLY E 98 56.40 -7.94 44.30
N GLY E 99 56.16 -9.21 43.98
CA GLY E 99 57.23 -10.10 43.60
C GLY E 99 57.73 -10.96 44.75
N THR E 100 58.02 -12.23 44.49
CA THR E 100 58.51 -13.15 45.51
C THR E 100 59.84 -13.72 45.06
N LYS E 101 60.84 -13.65 45.94
CA LYS E 101 62.19 -14.12 45.64
C LYS E 101 62.29 -15.57 46.09
N LEU E 102 62.23 -16.50 45.14
CA LEU E 102 62.39 -17.93 45.40
C LEU E 102 63.89 -18.26 45.36
N THR E 103 64.42 -18.67 46.51
CA THR E 103 65.83 -19.03 46.68
C THR E 103 65.95 -20.52 46.92
N VAL E 104 66.92 -21.14 46.27
CA VAL E 104 67.18 -22.57 46.46
C VAL E 104 68.18 -22.78 47.58
N PRO F 2 60.48 -14.13 17.56
CA PRO F 2 60.07 -12.81 18.08
C PRO F 2 61.10 -12.23 19.05
N GLN F 3 61.65 -11.07 18.70
CA GLN F 3 62.66 -10.40 19.50
C GLN F 3 62.33 -8.92 19.59
N LEU F 4 62.44 -8.36 20.79
CA LEU F 4 62.18 -6.95 21.03
C LEU F 4 63.50 -6.28 21.39
N GLN F 5 63.91 -5.28 20.61
CA GLN F 5 65.16 -4.57 20.83
C GLN F 5 64.87 -3.12 21.20
N GLU F 6 65.16 -2.74 22.45
CA GLU F 6 64.95 -1.36 22.86
C GLU F 6 66.12 -0.49 22.42
N SER F 7 65.82 0.74 22.05
CA SER F 7 66.84 1.71 21.65
C SER F 7 66.36 3.12 22.00
N GLY F 8 67.31 3.97 22.35
CA GLY F 8 67.00 5.33 22.70
C GLY F 8 68.01 5.88 23.70
N PRO F 9 67.79 7.11 24.16
CA PRO F 9 68.70 7.69 25.14
C PRO F 9 68.62 6.97 26.48
N THR F 10 69.78 6.57 26.99
CA THR F 10 69.89 5.95 28.30
C THR F 10 70.05 6.97 29.40
N LEU F 11 70.42 8.20 29.06
CA LEU F 11 70.63 9.31 29.99
C LEU F 11 69.84 10.52 29.52
N VAL F 12 68.83 10.92 30.30
CA VAL F 12 68.01 12.09 30.00
C VAL F 12 68.09 13.05 31.18
N GLU F 13 68.10 14.35 30.87
CA GLU F 13 68.13 15.42 31.86
C GLU F 13 66.74 15.67 32.45
N ALA F 14 66.74 16.24 33.66
CA ALA F 14 65.50 16.49 34.36
C ALA F 14 64.63 17.47 33.58
N SER F 15 63.32 17.35 33.77
CA SER F 15 62.28 18.21 33.21
C SER F 15 62.16 18.04 31.69
N GLU F 16 63.01 17.23 31.06
CA GLU F 16 62.96 17.00 29.63
C GLU F 16 62.00 15.87 29.28
N THR F 17 61.98 15.48 28.00
CA THR F 17 61.13 14.43 27.45
C THR F 17 61.91 13.14 27.26
N LEU F 18 61.52 12.09 27.98
CA LEU F 18 62.13 10.77 27.85
C LEU F 18 61.48 10.00 26.70
N SER F 19 62.30 9.53 25.74
CA SER F 19 61.83 8.78 24.58
C SER F 19 62.53 7.42 24.44
N LEU F 20 61.74 6.36 24.24
CA LEU F 20 62.27 5.01 24.05
C LEU F 20 61.52 4.30 22.91
N THR F 21 62.24 3.46 22.14
CA THR F 21 61.67 2.79 20.99
C THR F 21 61.97 1.30 20.99
N CYS F 22 60.94 0.48 20.86
CA CYS F 22 61.05 -0.98 20.81
C CYS F 22 60.97 -1.45 19.35
N ALA F 23 61.89 -2.34 18.96
CA ALA F 23 61.92 -2.91 17.61
C ALA F 23 61.52 -4.38 17.62
N VAL F 24 60.36 -4.71 17.03
CA VAL F 24 59.84 -6.08 17.00
C VAL F 24 60.43 -6.82 15.82
N SER F 25 60.69 -8.12 16.00
CA SER F 25 61.22 -8.97 14.92
C SER F 25 60.56 -10.34 14.99
N GLY F 26 59.94 -10.77 13.89
CA GLY F 26 59.30 -12.07 13.87
C GLY F 26 57.80 -12.08 14.02
N ASP F 27 57.19 -10.91 14.20
CA ASP F 27 55.75 -10.78 14.38
C ASP F 27 55.37 -9.41 13.85
N SER F 28 54.09 -9.25 13.52
CA SER F 28 53.63 -7.97 12.99
C SER F 28 52.89 -7.20 14.07
N THR F 29 53.16 -5.89 14.15
CA THR F 29 52.45 -5.05 15.10
C THR F 29 51.01 -4.80 14.65
N ALA F 30 50.71 -5.01 13.36
CA ALA F 30 49.34 -4.85 12.87
C ALA F 30 48.46 -5.98 13.38
N ALA F 31 49.08 -7.13 13.66
CA ALA F 31 48.36 -8.32 14.11
C ALA F 31 47.52 -8.03 15.35
N CYS F 32 46.27 -8.47 15.31
CA CYS F 32 45.30 -8.25 16.36
C CYS F 32 45.33 -9.32 17.44
N ASN F 33 46.31 -10.23 17.37
CA ASN F 33 46.37 -11.33 18.31
C ASN F 33 46.89 -10.90 19.69
N SER F 34 47.62 -9.79 19.76
CA SER F 34 48.19 -9.35 21.02
C SER F 34 48.21 -7.83 21.07
N PHE F 35 48.25 -7.30 22.29
CA PHE F 35 48.41 -5.86 22.51
C PHE F 35 49.88 -5.54 22.71
N TRP F 36 50.26 -4.28 22.46
CA TRP F 36 51.67 -3.91 22.62
C TRP F 36 51.80 -2.74 23.59
N GLY F 37 52.71 -2.87 24.56
CA GLY F 37 52.89 -1.83 25.55
C GLY F 37 54.17 -1.92 26.39
N TRP F 38 54.12 -1.38 27.61
CA TRP F 38 55.32 -1.34 28.44
C TRP F 38 55.03 -1.72 29.89
N VAL F 39 56.07 -2.26 30.56
CA VAL F 39 56.05 -2.57 31.98
C VAL F 39 57.37 -2.13 32.62
N ARG F 40 57.31 -1.25 33.62
CA ARG F 40 58.54 -0.73 34.23
C ARG F 40 58.80 -1.40 35.58
N GLN F 41 60.07 -1.68 35.85
CA GLN F 41 60.50 -2.31 37.11
C GLN F 41 61.57 -1.46 37.77
N PRO F 42 61.20 -0.65 38.77
CA PRO F 42 62.21 0.12 39.51
C PRO F 42 63.27 -0.81 40.07
N PRO F 43 64.52 -0.35 40.20
CA PRO F 43 65.61 -1.24 40.64
C PRO F 43 65.35 -1.95 41.96
N GLY F 44 64.52 -3.00 41.94
CA GLY F 44 64.19 -3.74 43.14
C GLY F 44 62.71 -3.95 43.39
N LYS F 45 61.90 -2.93 43.17
CA LYS F 45 60.46 -3.01 43.40
C LYS F 45 59.78 -3.89 42.36
N GLY F 46 58.45 -3.98 42.51
CA GLY F 46 57.62 -4.82 41.69
C GLY F 46 57.28 -4.24 40.34
N LEU F 47 56.60 -5.06 39.54
CA LEU F 47 56.21 -4.68 38.19
C LEU F 47 54.95 -3.83 38.25
N GLU F 48 54.99 -2.68 37.57
CA GLU F 48 53.87 -1.75 37.49
C GLU F 48 53.46 -1.61 36.04
N TRP F 49 52.16 -1.69 35.78
CA TRP F 49 51.65 -1.57 34.42
C TRP F 49 51.69 -0.10 33.98
N VAL F 50 52.18 0.13 32.78
CA VAL F 50 52.30 1.47 32.19
C VAL F 50 51.13 1.72 31.26
N GLY F 51 51.05 0.94 30.20
CA GLY F 51 49.96 1.07 29.25
C GLY F 51 50.25 0.25 28.01
N SER F 52 49.20 0.11 27.20
CA SER F 52 49.32 -0.63 25.95
C SER F 52 48.28 -0.15 24.95
N LEU F 53 48.55 -0.38 23.67
CA LEU F 53 47.59 -0.03 22.63
C LEU F 53 47.60 -1.08 21.53
N SER F 54 46.68 -0.89 20.59
CA SER F 54 46.51 -1.76 19.42
C SER F 54 45.67 -1.02 18.38
N HIS F 55 46.11 -1.05 17.11
CA HIS F 55 45.39 -0.35 16.06
C HIS F 55 44.13 -1.08 15.61
N CYS F 56 44.02 -2.38 15.91
CA CYS F 56 42.83 -3.16 15.56
C CYS F 56 41.62 -2.65 16.32
N ALA F 57 40.76 -1.90 15.64
CA ALA F 57 39.71 -1.10 16.26
C ALA F 57 38.33 -1.73 16.08
N SER F 58 37.31 -0.94 16.40
CA SER F 58 35.92 -1.32 16.20
C SER F 58 35.22 -0.25 15.37
N TYR F 59 33.88 -0.26 15.32
CA TYR F 59 33.19 0.65 14.42
C TYR F 59 33.19 2.10 14.88
N TRP F 60 33.43 2.38 16.17
CA TRP F 60 33.37 3.75 16.67
C TRP F 60 34.74 4.35 16.96
N ASN F 61 35.83 3.62 16.79
CA ASN F 61 37.16 4.13 17.07
C ASN F 61 38.15 3.66 16.02
N ARG F 62 39.30 4.34 15.97
CA ARG F 62 40.39 4.00 15.06
C ARG F 62 41.43 3.13 15.75
N GLY F 63 41.20 2.75 17.00
CA GLY F 63 42.06 1.85 17.73
C GLY F 63 41.71 1.85 19.20
N TRP F 64 42.58 1.24 19.99
CA TRP F 64 42.44 1.21 21.45
C TRP F 64 43.76 1.57 22.13
N THR F 65 43.68 2.41 23.15
CA THR F 65 44.84 2.75 23.96
C THR F 65 44.44 2.85 25.42
N TYR F 66 45.09 2.05 26.25
CA TYR F 66 44.84 1.96 27.69
C TYR F 66 46.05 2.50 28.41
N HIS F 67 45.80 3.44 29.33
CA HIS F 67 46.83 4.08 30.14
C HIS F 67 46.59 3.76 31.60
N ASN F 68 47.67 3.61 32.34
CA ASN F 68 47.56 3.47 33.79
C ASN F 68 47.11 4.81 34.36
N PRO F 69 46.03 4.83 35.14
CA PRO F 69 45.40 6.08 35.59
C PRO F 69 46.33 7.20 36.08
N SER F 70 47.38 6.87 36.83
CA SER F 70 48.26 7.91 37.34
C SER F 70 49.20 8.50 36.29
N LEU F 71 49.75 7.69 35.39
CA LEU F 71 50.73 8.17 34.42
C LEU F 71 50.11 8.73 33.13
N LYS F 72 48.79 8.63 32.96
CA LYS F 72 48.12 9.06 31.74
C LYS F 72 48.53 10.47 31.28
N SER F 73 48.51 11.44 32.19
CA SER F 73 48.76 12.83 31.81
C SER F 73 50.15 13.02 31.23
N ARG F 74 51.14 12.32 31.77
CA ARG F 74 52.54 12.54 31.42
C ARG F 74 53.07 11.56 30.38
N LEU F 75 52.23 10.66 29.85
CA LEU F 75 52.73 9.65 28.92
C LEU F 75 52.05 9.73 27.55
N THR F 76 52.76 9.18 26.53
CA THR F 76 52.27 9.01 25.17
C THR F 76 52.75 7.69 24.56
N LEU F 77 51.80 6.88 24.08
CA LEU F 77 52.08 5.59 23.44
C LEU F 77 51.91 5.67 21.92
N ALA F 78 52.78 4.99 21.16
CA ALA F 78 52.68 5.08 19.69
C ALA F 78 53.10 3.77 19.02
N LEU F 79 52.39 3.37 17.96
CA LEU F 79 52.77 2.19 17.17
C LEU F 79 53.00 2.49 15.69
N ASP F 80 54.17 2.09 15.17
CA ASP F 80 54.48 2.08 13.73
C ASP F 80 54.28 0.65 13.21
N THR F 81 53.21 0.44 12.43
CA THR F 81 52.87 -0.90 11.96
C THR F 81 53.79 -1.51 10.91
N PRO F 82 54.17 -0.82 9.82
CA PRO F 82 55.08 -1.48 8.85
C PRO F 82 56.43 -1.85 9.43
N LYS F 83 57.06 -0.94 10.14
CA LYS F 83 58.41 -1.15 10.65
C LYS F 83 58.41 -2.00 11.90
N ASN F 84 57.22 -2.34 12.41
CA ASN F 84 57.08 -3.17 13.60
C ASN F 84 57.77 -2.51 14.79
N LEU F 85 57.47 -1.23 15.01
CA LEU F 85 58.13 -0.50 16.08
C LEU F 85 57.11 0.10 17.03
N VAL F 86 57.50 0.14 18.29
CA VAL F 86 56.73 0.74 19.39
C VAL F 86 57.46 1.97 19.91
N PHE F 87 56.71 3.00 20.28
CA PHE F 87 57.30 4.24 20.77
C PHE F 87 56.69 4.50 22.13
N LEU F 88 57.49 5.08 23.02
CA LEU F 88 57.08 5.48 24.35
C LEU F 88 57.67 6.84 24.70
N LYS F 89 56.82 7.79 25.09
CA LYS F 89 57.27 9.13 25.47
C LYS F 89 56.74 9.49 26.85
N LEU F 90 57.65 9.80 27.78
CA LEU F 90 57.31 10.17 29.16
C LEU F 90 57.77 11.60 29.41
N ASN F 91 56.81 12.50 29.63
CA ASN F 91 57.06 13.91 29.89
C ASN F 91 57.27 14.19 31.38
N SER F 92 58.09 15.20 31.67
CA SER F 92 58.39 15.62 33.04
C SER F 92 58.78 14.44 33.95
N VAL F 93 59.98 13.94 33.71
CA VAL F 93 60.43 12.74 34.42
C VAL F 93 61.13 13.17 35.70
N THR F 94 60.87 12.41 36.76
CA THR F 94 61.42 12.58 38.10
C THR F 94 62.22 11.35 38.49
N ALA F 95 62.98 11.50 39.58
CA ALA F 95 63.81 10.39 40.06
C ALA F 95 62.98 9.18 40.44
N ALA F 96 61.66 9.33 40.60
CA ALA F 96 60.80 8.19 40.84
C ALA F 96 60.63 7.34 39.59
N ASP F 97 60.87 7.92 38.41
CA ASP F 97 60.75 7.19 37.16
C ASP F 97 62.02 6.45 36.75
N THR F 98 63.07 6.48 37.57
CA THR F 98 64.28 5.74 37.19
C THR F 98 63.97 4.26 37.28
N ALA F 99 64.07 3.55 36.15
CA ALA F 99 63.64 2.16 36.20
C ALA F 99 64.18 1.37 35.01
N THR F 100 64.08 0.05 35.11
CA THR F 100 64.32 -0.83 33.97
C THR F 100 63.01 -1.03 33.22
N TYR F 101 62.90 -0.44 32.02
CA TYR F 101 61.68 -0.46 31.24
C TYR F 101 61.69 -1.67 30.31
N TYR F 102 60.65 -2.51 30.37
CA TYR F 102 60.53 -3.69 29.52
C TYR F 102 59.46 -3.47 28.47
N CYS F 103 59.77 -3.85 27.23
CA CYS F 103 58.82 -3.87 26.12
C CYS F 103 57.96 -5.13 26.22
N ALA F 104 56.63 -4.97 26.32
CA ALA F 104 55.75 -6.09 26.63
C ALA F 104 54.74 -6.37 25.52
N ARG F 105 54.51 -7.66 25.25
CA ARG F 105 53.46 -8.13 24.35
C ARG F 105 52.38 -8.77 25.22
N PHE F 106 51.16 -8.25 25.15
CA PHE F 106 50.06 -8.66 26.02
C PHE F 106 49.16 -9.68 25.35
N GLY F 107 49.02 -10.85 25.99
CA GLY F 107 48.07 -11.85 25.58
C GLY F 107 46.83 -11.80 26.47
N GLY F 108 45.80 -12.50 26.04
CA GLY F 108 44.53 -12.50 26.76
C GLY F 108 43.39 -12.68 25.79
N GLU F 109 42.23 -12.11 26.15
CA GLU F 109 41.07 -12.11 25.28
C GLU F 109 41.21 -10.91 24.33
N VAL F 110 42.18 -11.02 23.44
CA VAL F 110 42.48 -9.95 22.50
C VAL F 110 41.89 -10.30 21.13
N LEU F 111 41.88 -11.60 20.80
CA LEU F 111 41.40 -12.00 19.48
C LEU F 111 39.90 -12.28 19.48
N ARG F 112 39.32 -12.55 20.65
CA ARG F 112 37.90 -12.83 20.82
C ARG F 112 37.53 -12.32 22.21
N TYR F 113 37.10 -11.06 22.28
CA TYR F 113 36.73 -10.43 23.53
C TYR F 113 35.24 -10.11 23.56
N THR F 114 34.77 -9.65 24.71
CA THR F 114 33.39 -9.21 24.86
C THR F 114 33.36 -7.74 25.28
N ASP F 115 32.52 -6.96 24.61
CA ASP F 115 32.41 -5.51 24.82
C ASP F 115 33.70 -4.73 24.54
N TRP F 116 34.81 -5.11 25.17
CA TRP F 116 36.08 -4.47 24.92
C TRP F 116 37.21 -5.49 25.02
N PRO F 117 38.35 -5.22 24.38
CA PRO F 117 39.48 -6.17 24.45
C PRO F 117 40.11 -6.19 25.83
N LYS F 118 40.55 -7.39 26.22
CA LYS F 118 41.09 -7.65 27.56
C LYS F 118 42.50 -8.18 27.43
N PRO F 119 43.52 -7.31 27.43
CA PRO F 119 44.90 -7.81 27.46
C PRO F 119 45.28 -8.13 28.90
N ALA F 120 45.83 -9.31 29.11
CA ALA F 120 46.06 -9.77 30.47
C ALA F 120 47.48 -10.27 30.69
N TRP F 121 47.76 -11.49 30.25
CA TRP F 121 49.09 -12.03 30.47
C TRP F 121 50.08 -11.52 29.43
N VAL F 122 51.33 -11.35 29.87
CA VAL F 122 52.43 -10.92 29.01
C VAL F 122 53.11 -12.18 28.50
N ASP F 123 52.85 -12.56 27.26
CA ASP F 123 53.49 -13.78 26.77
C ASP F 123 54.95 -13.53 26.39
N LEU F 124 55.23 -12.40 25.73
CA LEU F 124 56.58 -12.07 25.28
C LEU F 124 57.10 -10.81 25.95
N TRP F 125 58.26 -10.91 26.59
CA TRP F 125 58.88 -9.77 27.25
C TRP F 125 60.05 -9.28 26.40
N GLY F 126 60.63 -8.14 26.81
CA GLY F 126 61.84 -7.64 26.22
C GLY F 126 63.02 -7.71 27.18
N ARG F 127 64.18 -7.29 26.66
CA ARG F 127 65.38 -7.24 27.49
C ARG F 127 65.34 -6.07 28.47
N GLY F 128 64.75 -4.96 28.07
CA GLY F 128 64.61 -3.82 28.94
C GLY F 128 65.85 -2.94 28.95
N THR F 129 65.64 -1.68 29.30
CA THR F 129 66.74 -0.72 29.40
C THR F 129 66.63 0.05 30.70
N LEU F 130 67.75 0.55 31.19
CA LEU F 130 67.78 1.30 32.44
C LEU F 130 67.75 2.78 32.09
N VAL F 131 66.73 3.48 32.59
CA VAL F 131 66.59 4.92 32.41
C VAL F 131 66.79 5.60 33.76
N THR F 132 67.83 6.45 33.80
CA THR F 132 68.26 7.23 34.95
C THR F 132 67.87 8.69 34.74
N VAL F 133 67.13 9.25 35.68
CA VAL F 133 66.67 10.63 35.59
C VAL F 133 67.60 11.55 36.37
N TYR G 2 -31.34 -44.84 -3.59
CA TYR G 2 -31.37 -44.35 -2.22
C TYR G 2 -32.47 -43.31 -2.02
N GLU G 3 -33.07 -43.33 -0.83
CA GLU G 3 -34.20 -42.48 -0.49
C GLU G 3 -33.96 -41.88 0.88
N LEU G 4 -34.16 -40.57 1.00
CA LEU G 4 -34.00 -39.89 2.27
C LEU G 4 -35.17 -40.22 3.19
N THR G 5 -34.88 -40.42 4.47
CA THR G 5 -35.89 -40.89 5.41
C THR G 5 -36.74 -39.73 5.89
N GLN G 6 -38.07 -39.88 5.78
CA GLN G 6 -39.02 -38.92 6.30
C GLN G 6 -40.15 -39.65 7.03
N PRO G 7 -40.75 -39.02 8.03
CA PRO G 7 -41.95 -39.60 8.64
C PRO G 7 -43.09 -39.65 7.64
N SER G 8 -43.96 -40.64 7.79
CA SER G 8 -45.03 -40.82 6.82
C SER G 8 -45.96 -39.62 6.78
N SER G 9 -46.33 -39.08 7.94
CA SER G 9 -47.24 -37.95 7.98
C SER G 9 -47.00 -37.12 9.24
N VAL G 10 -47.46 -35.86 9.19
CA VAL G 10 -47.50 -34.95 10.33
C VAL G 10 -48.75 -34.10 10.22
N SER G 11 -49.15 -33.51 11.34
CA SER G 11 -50.35 -32.68 11.35
C SER G 11 -50.27 -31.67 12.49
N GLY G 12 -51.01 -30.58 12.33
CA GLY G 12 -51.07 -29.55 13.36
C GLY G 12 -52.22 -28.61 13.11
N SER G 13 -52.67 -27.97 14.19
CA SER G 13 -53.83 -27.10 14.18
C SER G 13 -53.47 -25.67 13.77
N LEU G 14 -54.48 -24.94 13.33
CA LEU G 14 -54.30 -23.56 12.88
C LEU G 14 -53.60 -22.71 13.93
N GLY G 15 -52.68 -21.86 13.46
CA GLY G 15 -51.93 -20.98 14.32
C GLY G 15 -50.93 -21.73 15.16
N GLN G 16 -49.99 -22.43 14.52
CA GLN G 16 -49.01 -23.25 15.21
C GLN G 16 -47.80 -23.45 14.30
N ARG G 17 -46.81 -24.16 14.80
CA ARG G 17 -45.57 -24.47 14.09
C ARG G 17 -45.38 -25.98 13.97
N VAL G 18 -44.81 -26.40 12.85
CA VAL G 18 -44.51 -27.80 12.59
C VAL G 18 -43.14 -27.86 11.94
N SER G 19 -42.51 -29.03 12.02
CA SER G 19 -41.22 -29.25 11.39
C SER G 19 -41.18 -30.63 10.76
N VAL G 20 -40.47 -30.72 9.64
CA VAL G 20 -40.31 -31.95 8.88
C VAL G 20 -38.83 -32.27 8.81
N THR G 21 -38.46 -33.49 9.19
CA THR G 21 -37.09 -33.95 9.17
C THR G 21 -36.78 -34.65 7.85
N CYS G 22 -35.52 -34.59 7.46
CA CYS G 22 -35.05 -35.20 6.22
C CYS G 22 -33.68 -35.82 6.51
N SER G 23 -33.64 -37.14 6.70
CA SER G 23 -32.43 -37.82 7.08
C SER G 23 -31.80 -38.45 5.85
N GLY G 24 -30.51 -38.17 5.65
CA GLY G 24 -29.75 -38.73 4.55
C GLY G 24 -28.39 -39.18 4.99
N SER G 25 -27.35 -38.78 4.26
CA SER G 25 -25.99 -39.14 4.59
C SER G 25 -25.07 -38.01 4.16
N SER G 26 -23.77 -38.21 4.39
CA SER G 26 -22.78 -37.18 4.05
C SER G 26 -22.81 -36.85 2.57
N SER G 27 -23.08 -37.86 1.73
CA SER G 27 -23.00 -37.71 0.29
C SER G 27 -24.18 -36.96 -0.31
N ASN G 28 -25.19 -36.63 0.47
CA ASN G 28 -26.32 -35.89 -0.07
C ASN G 28 -26.70 -34.71 0.83
N VAL G 29 -27.38 -34.98 1.94
CA VAL G 29 -27.72 -33.91 2.87
C VAL G 29 -26.44 -33.29 3.44
N GLY G 30 -25.49 -34.15 3.81
CA GLY G 30 -24.24 -33.66 4.37
C GLY G 30 -23.48 -32.70 3.48
N ASN G 31 -23.65 -32.83 2.16
CA ASN G 31 -23.07 -31.85 1.24
C ASN G 31 -23.53 -30.43 1.55
N GLY G 32 -24.68 -30.28 2.21
CA GLY G 32 -25.12 -28.99 2.69
C GLY G 32 -25.84 -28.16 1.67
N TYR G 33 -26.55 -28.80 0.73
CA TYR G 33 -27.35 -28.11 -0.26
C TYR G 33 -28.64 -28.89 -0.45
N VAL G 34 -29.46 -28.91 0.58
CA VAL G 34 -30.75 -29.56 0.53
C VAL G 34 -31.77 -28.55 0.03
N SER G 35 -32.78 -29.06 -0.67
CA SER G 35 -33.87 -28.24 -1.16
C SER G 35 -35.18 -28.87 -0.71
N TRP G 36 -36.21 -28.04 -0.58
CA TRP G 36 -37.50 -28.49 -0.13
C TRP G 36 -38.57 -28.05 -1.12
N TYR G 37 -39.54 -28.95 -1.34
CA TYR G 37 -40.57 -28.79 -2.34
C TYR G 37 -41.92 -29.19 -1.76
N GLN G 38 -42.93 -28.39 -2.09
CA GLN G 38 -44.30 -28.58 -1.63
C GLN G 38 -45.18 -29.05 -2.78
N LEU G 39 -45.90 -30.15 -2.57
CA LEU G 39 -46.80 -30.70 -3.57
C LEU G 39 -48.18 -30.73 -2.93
N ILE G 40 -49.03 -29.78 -3.33
CA ILE G 40 -50.40 -29.72 -2.86
C ILE G 40 -51.25 -30.56 -3.81
N PRO G 41 -51.99 -31.56 -3.31
CA PRO G 41 -52.80 -32.39 -4.22
C PRO G 41 -53.70 -31.54 -5.10
N GLY G 42 -53.44 -31.60 -6.40
CA GLY G 42 -54.14 -30.78 -7.37
C GLY G 42 -53.20 -29.90 -8.18
N SER G 43 -52.56 -28.94 -7.53
CA SER G 43 -51.68 -28.01 -8.21
C SER G 43 -50.37 -28.70 -8.61
N ALA G 44 -49.61 -28.04 -9.49
CA ALA G 44 -48.29 -28.49 -9.88
C ALA G 44 -47.28 -28.21 -8.76
N PRO G 45 -46.21 -28.99 -8.67
CA PRO G 45 -45.23 -28.77 -7.60
C PRO G 45 -44.62 -27.39 -7.68
N ARG G 46 -44.33 -26.82 -6.52
CA ARG G 46 -43.80 -25.47 -6.40
C ARG G 46 -42.50 -25.52 -5.60
N THR G 47 -41.42 -24.99 -6.19
CA THR G 47 -40.17 -24.92 -5.45
C THR G 47 -40.30 -23.90 -4.34
N ILE G 48 -39.81 -24.26 -3.15
CA ILE G 48 -40.03 -23.48 -1.94
C ILE G 48 -38.70 -23.09 -1.28
N ILE G 49 -37.82 -24.06 -1.07
CA ILE G 49 -36.52 -23.76 -0.49
C ILE G 49 -35.44 -24.40 -1.34
N TYR G 50 -34.32 -23.71 -1.47
CA TYR G 50 -33.13 -24.27 -2.09
C TYR G 50 -31.92 -23.81 -1.28
N GLY G 51 -30.82 -24.55 -1.45
CA GLY G 51 -29.59 -24.21 -0.76
C GLY G 51 -29.80 -24.10 0.73
N ASP G 52 -30.48 -25.10 1.31
CA ASP G 52 -30.66 -25.24 2.75
C ASP G 52 -31.57 -24.13 3.30
N THR G 53 -31.22 -22.88 3.04
CA THR G 53 -31.84 -21.75 3.71
C THR G 53 -32.40 -20.69 2.77
N SER G 54 -32.04 -20.68 1.49
CA SER G 54 -32.46 -19.63 0.59
C SER G 54 -33.92 -19.85 0.21
N ARG G 55 -34.73 -18.81 0.39
CA ARG G 55 -36.14 -18.87 0.06
C ARG G 55 -36.35 -18.56 -1.42
N ALA G 56 -37.24 -19.32 -2.05
CA ALA G 56 -37.64 -19.01 -3.41
C ALA G 56 -38.43 -17.71 -3.44
N SER G 57 -38.54 -17.13 -4.64
CA SER G 57 -39.29 -15.91 -4.82
C SER G 57 -40.76 -16.13 -4.46
N GLY G 58 -41.33 -15.19 -3.70
CA GLY G 58 -42.72 -15.26 -3.31
C GLY G 58 -43.02 -16.14 -2.13
N VAL G 59 -42.03 -16.90 -1.63
CA VAL G 59 -42.19 -17.75 -0.46
C VAL G 59 -42.11 -16.86 0.77
N PRO G 60 -43.16 -16.78 1.60
CA PRO G 60 -43.09 -15.92 2.79
C PRO G 60 -42.02 -16.38 3.76
N GLU G 61 -41.80 -15.56 4.79
CA GLU G 61 -40.73 -15.84 5.74
C GLU G 61 -41.05 -17.04 6.62
N ARG G 62 -42.33 -17.27 6.91
CA ARG G 62 -42.74 -18.35 7.80
C ARG G 62 -42.38 -19.73 7.28
N PHE G 63 -41.89 -19.84 6.04
CA PHE G 63 -41.29 -21.06 5.52
C PHE G 63 -39.78 -20.96 5.66
N SER G 64 -39.20 -21.76 6.55
CA SER G 64 -37.77 -21.68 6.84
C SER G 64 -37.11 -23.03 6.62
N GLY G 65 -35.95 -23.01 5.99
CA GLY G 65 -35.16 -24.22 5.76
C GLY G 65 -33.88 -24.14 6.58
N SER G 66 -33.52 -25.25 7.21
CA SER G 66 -32.32 -25.32 8.02
C SER G 66 -31.71 -26.71 7.87
N ARG G 67 -30.52 -26.89 8.43
CA ARG G 67 -29.84 -28.16 8.32
C ARG G 67 -28.82 -28.30 9.44
N SER G 68 -28.78 -29.50 10.05
CA SER G 68 -27.72 -29.91 10.96
C SER G 68 -27.15 -31.22 10.44
N GLY G 69 -25.92 -31.17 9.94
CA GLY G 69 -25.25 -32.39 9.48
C GLY G 69 -26.03 -33.07 8.38
N ASN G 70 -26.35 -34.34 8.59
CA ASN G 70 -27.04 -35.16 7.61
C ASN G 70 -28.56 -35.09 7.77
N THR G 71 -29.06 -34.19 8.60
CA THR G 71 -30.51 -34.03 8.78
C THR G 71 -30.89 -32.61 8.43
N ALA G 72 -31.77 -32.47 7.44
CA ALA G 72 -32.32 -31.17 7.07
C ALA G 72 -33.69 -31.02 7.70
N THR G 73 -34.07 -29.77 7.97
CA THR G 73 -35.33 -29.50 8.65
C THR G 73 -36.08 -28.41 7.90
N LEU G 74 -37.36 -28.64 7.67
CA LEU G 74 -38.26 -27.62 7.15
C LEU G 74 -39.19 -27.18 8.27
N THR G 75 -39.09 -25.92 8.68
CA THR G 75 -39.92 -25.37 9.72
C THR G 75 -41.01 -24.49 9.10
N ILE G 76 -42.25 -24.73 9.50
CA ILE G 76 -43.41 -23.99 9.02
C ILE G 76 -44.11 -23.39 10.21
N SER G 77 -44.14 -22.06 10.28
CA SER G 77 -44.82 -21.34 11.35
C SER G 77 -46.04 -20.63 10.81
N SER G 78 -46.96 -20.31 11.72
CA SER G 78 -48.23 -19.66 11.38
C SER G 78 -49.01 -20.49 10.37
N LEU G 79 -49.31 -21.73 10.77
CA LEU G 79 -49.93 -22.68 9.85
C LEU G 79 -51.23 -22.12 9.31
N GLN G 80 -51.42 -22.27 8.00
CA GLN G 80 -52.63 -21.88 7.31
C GLN G 80 -53.19 -23.08 6.55
N ALA G 81 -54.49 -23.04 6.27
CA ALA G 81 -55.16 -24.17 5.63
C ALA G 81 -54.47 -24.56 4.32
N GLU G 82 -53.92 -23.58 3.59
CA GLU G 82 -53.29 -23.82 2.29
C GLU G 82 -51.97 -24.57 2.38
N ASP G 83 -51.52 -24.94 3.58
CA ASP G 83 -50.26 -25.65 3.73
C ASP G 83 -50.40 -27.17 3.60
N GLU G 84 -51.60 -27.72 3.81
CA GLU G 84 -51.82 -29.15 3.71
C GLU G 84 -51.27 -29.68 2.39
N ALA G 85 -50.36 -30.65 2.46
CA ALA G 85 -49.70 -31.11 1.23
C ALA G 85 -48.67 -32.17 1.56
N ASP G 86 -48.15 -32.83 0.53
CA ASP G 86 -47.01 -33.70 0.67
C ASP G 86 -45.74 -32.90 0.46
N PHE G 87 -44.79 -33.03 1.38
CA PHE G 87 -43.54 -32.28 1.32
C PHE G 87 -42.39 -33.24 1.08
N PHE G 88 -41.53 -32.87 0.13
CA PHE G 88 -40.38 -33.67 -0.25
C PHE G 88 -39.11 -32.85 -0.08
N CYS G 89 -38.11 -33.43 0.57
CA CYS G 89 -36.78 -32.87 0.52
C CYS G 89 -36.02 -33.51 -0.64
N ALA G 90 -34.86 -32.92 -0.96
CA ALA G 90 -34.03 -33.43 -2.03
C ALA G 90 -32.65 -32.84 -1.89
N SER G 91 -31.68 -33.49 -2.55
CA SER G 91 -30.30 -33.04 -2.46
C SER G 91 -29.51 -33.66 -3.60
N PRO G 92 -28.43 -33.02 -4.05
CA PRO G 92 -27.48 -33.73 -4.92
C PRO G 92 -26.83 -34.89 -4.17
N ASP G 93 -26.43 -35.91 -4.92
CA ASP G 93 -25.76 -37.08 -4.37
C ASP G 93 -24.43 -37.30 -5.10
N ASP G 94 -23.32 -36.85 -4.49
CA ASP G 94 -21.98 -36.91 -5.09
C ASP G 94 -21.86 -36.17 -6.42
N SER G 95 -22.94 -36.10 -7.19
CA SER G 95 -22.96 -35.42 -8.48
C SER G 95 -23.89 -34.21 -8.38
N SER G 96 -23.52 -33.13 -9.05
CA SER G 96 -24.41 -31.97 -9.11
C SER G 96 -25.50 -32.14 -10.15
N SER G 97 -25.57 -33.30 -10.81
CA SER G 97 -26.68 -33.64 -11.68
C SER G 97 -27.50 -34.82 -11.16
N ASN G 98 -26.91 -35.67 -10.33
CA ASN G 98 -27.63 -36.78 -9.72
C ASN G 98 -28.33 -36.32 -8.44
N ALA G 99 -29.66 -36.39 -8.43
CA ALA G 99 -30.46 -35.87 -7.35
C ALA G 99 -31.19 -37.01 -6.65
N VAL G 100 -31.41 -36.84 -5.34
CA VAL G 100 -32.10 -37.84 -4.53
C VAL G 100 -33.22 -37.12 -3.78
N PHE G 101 -34.34 -37.81 -3.61
CA PHE G 101 -35.52 -37.30 -2.94
C PHE G 101 -35.75 -38.02 -1.63
N GLY G 102 -36.55 -37.39 -0.76
CA GLY G 102 -37.02 -38.03 0.45
C GLY G 102 -38.33 -38.80 0.25
N SER G 103 -38.70 -39.57 1.28
CA SER G 103 -39.90 -40.40 1.17
C SER G 103 -41.17 -39.58 1.25
N GLY G 104 -41.09 -38.34 1.72
CA GLY G 104 -42.25 -37.47 1.78
C GLY G 104 -42.97 -37.54 3.11
N THR G 105 -43.49 -36.38 3.50
CA THR G 105 -44.27 -36.25 4.72
C THR G 105 -45.52 -35.45 4.42
N THR G 106 -46.69 -35.97 4.79
CA THR G 106 -47.95 -35.31 4.54
C THR G 106 -48.35 -34.42 5.72
N LEU G 107 -48.67 -33.15 5.43
CA LEU G 107 -49.14 -32.21 6.42
C LEU G 107 -50.65 -32.03 6.27
N THR G 108 -51.37 -32.29 7.35
CA THR G 108 -52.80 -32.01 7.49
C THR G 108 -53.01 -30.91 8.53
N VAL G 109 -54.01 -30.05 8.28
CA VAL G 109 -54.31 -28.92 9.16
C VAL G 109 -55.73 -29.10 9.70
N LEU G 110 -55.84 -29.26 11.02
CA LEU G 110 -57.11 -29.48 11.69
C LEU G 110 -57.64 -28.17 12.28
N GLY G 111 -58.92 -28.17 12.63
CA GLY G 111 -59.55 -27.05 13.28
C GLY G 111 -60.07 -25.97 12.35
N GLN G 112 -60.43 -26.31 11.13
CA GLN G 112 -60.85 -25.31 10.15
C GLN G 112 -62.28 -24.87 10.42
N PRO G 113 -62.70 -23.72 9.85
CA PRO G 113 -64.05 -23.19 10.14
C PRO G 113 -65.18 -24.16 9.78
N GLN H 1 -38.62 -15.90 -17.77
CA GLN H 1 -39.97 -16.46 -17.92
C GLN H 1 -39.92 -17.70 -18.82
N VAL H 2 -39.68 -18.86 -18.21
CA VAL H 2 -39.50 -20.11 -18.94
C VAL H 2 -40.83 -20.83 -19.08
N GLN H 3 -41.13 -21.34 -20.28
CA GLN H 3 -42.33 -22.10 -20.53
C GLN H 3 -41.97 -23.53 -20.96
N LEU H 4 -42.68 -24.51 -20.40
CA LEU H 4 -42.45 -25.92 -20.66
C LEU H 4 -43.73 -26.57 -21.14
N ARG H 5 -43.66 -27.34 -22.22
CA ARG H 5 -44.82 -28.01 -22.79
C ARG H 5 -44.50 -29.49 -23.00
N GLU H 6 -45.19 -30.37 -22.28
CA GLU H 6 -45.02 -31.80 -22.46
C GLU H 6 -45.93 -32.32 -23.57
N SER H 7 -45.45 -33.34 -24.28
CA SER H 7 -46.24 -34.02 -25.30
C SER H 7 -45.84 -35.48 -25.39
N GLY H 8 -46.79 -36.32 -25.79
CA GLY H 8 -46.56 -37.74 -25.94
C GLY H 8 -47.78 -38.60 -25.77
N PRO H 9 -47.59 -39.92 -25.74
CA PRO H 9 -48.72 -40.85 -25.65
C PRO H 9 -49.35 -40.85 -24.26
N SER H 10 -50.65 -41.16 -24.24
CA SER H 10 -51.38 -41.31 -22.99
C SER H 10 -51.57 -42.76 -22.56
N LEU H 11 -51.36 -43.72 -23.46
CA LEU H 11 -51.64 -45.13 -23.17
C LEU H 11 -50.54 -46.01 -23.72
N MET H 12 -50.01 -46.89 -22.86
CA MET H 12 -49.02 -47.88 -23.25
C MET H 12 -49.56 -49.27 -22.95
N LYS H 13 -49.24 -50.23 -23.79
CA LYS H 13 -49.51 -51.61 -23.48
C LYS H 13 -48.35 -52.19 -22.67
N PRO H 14 -48.58 -53.25 -21.89
CA PRO H 14 -47.50 -53.81 -21.07
C PRO H 14 -46.30 -54.19 -21.92
N SER H 15 -45.11 -53.74 -21.49
CA SER H 15 -43.80 -54.00 -22.07
C SER H 15 -43.53 -53.11 -23.28
N GLN H 16 -44.46 -52.23 -23.67
CA GLN H 16 -44.19 -51.25 -24.71
C GLN H 16 -43.17 -50.22 -24.21
N THR H 17 -42.55 -49.52 -25.16
CA THR H 17 -41.62 -48.44 -24.86
C THR H 17 -42.31 -47.09 -24.95
N LEU H 18 -42.13 -46.27 -23.91
CA LEU H 18 -42.74 -44.95 -23.82
C LEU H 18 -41.75 -43.89 -24.28
N SER H 19 -42.13 -43.11 -25.30
CA SER H 19 -41.34 -41.99 -25.79
C SER H 19 -42.10 -40.69 -25.54
N LEU H 20 -41.52 -39.80 -24.73
CA LEU H 20 -42.11 -38.52 -24.40
C LEU H 20 -41.21 -37.39 -24.89
N THR H 21 -41.80 -36.20 -25.07
CA THR H 21 -41.08 -35.02 -25.50
C THR H 21 -41.42 -33.85 -24.58
N CYS H 22 -40.43 -33.01 -24.29
CA CYS H 22 -40.65 -31.75 -23.59
C CYS H 22 -40.10 -30.62 -24.46
N THR H 23 -40.97 -29.67 -24.81
CA THR H 23 -40.62 -28.52 -25.62
C THR H 23 -40.48 -27.32 -24.71
N VAL H 24 -39.25 -26.78 -24.62
CA VAL H 24 -38.99 -25.56 -23.87
C VAL H 24 -39.13 -24.38 -24.80
N SER H 25 -39.95 -23.40 -24.43
CA SER H 25 -40.12 -22.17 -25.18
C SER H 25 -39.97 -20.99 -24.24
N GLY H 26 -39.22 -19.99 -24.69
CA GLY H 26 -38.93 -18.85 -23.85
C GLY H 26 -37.80 -19.10 -22.90
N SER H 27 -36.73 -19.75 -23.36
CA SER H 27 -35.60 -20.07 -22.50
C SER H 27 -35.10 -18.82 -21.79
N SER H 28 -34.65 -19.02 -20.55
CA SER H 28 -34.07 -17.94 -19.77
C SER H 28 -33.07 -18.55 -18.80
N LEU H 29 -32.21 -19.42 -19.33
CA LEU H 29 -31.39 -20.29 -18.50
C LEU H 29 -30.13 -19.56 -18.06
N ASN H 30 -29.35 -20.23 -17.20
CA ASN H 30 -28.03 -19.76 -16.80
C ASN H 30 -27.22 -21.01 -16.42
N ASP H 31 -26.61 -21.63 -17.44
CA ASP H 31 -26.07 -22.99 -17.35
C ASP H 31 -27.24 -23.94 -17.25
N LYS H 32 -27.45 -24.52 -16.07
CA LYS H 32 -28.65 -25.28 -15.77
C LYS H 32 -28.75 -26.53 -16.64
N SER H 33 -29.83 -27.29 -16.47
CA SER H 33 -30.06 -28.49 -17.24
C SER H 33 -31.56 -28.73 -17.31
N VAL H 34 -31.97 -29.61 -18.24
CA VAL H 34 -33.37 -29.97 -18.40
C VAL H 34 -33.49 -31.47 -18.23
N GLY H 35 -34.53 -31.91 -17.52
CA GLY H 35 -34.63 -33.31 -17.19
C GLY H 35 -36.04 -33.75 -16.84
N TRP H 36 -36.11 -34.95 -16.27
CA TRP H 36 -37.37 -35.64 -15.99
C TRP H 36 -37.33 -36.24 -14.60
N VAL H 37 -38.41 -36.04 -13.85
CA VAL H 37 -38.65 -36.68 -12.55
C VAL H 37 -40.01 -37.37 -12.63
N ARG H 38 -40.21 -38.41 -11.82
CA ARG H 38 -41.48 -39.13 -11.85
C ARG H 38 -42.05 -39.30 -10.45
N GLN H 39 -43.34 -39.65 -10.42
CA GLN H 39 -44.03 -39.97 -9.17
C GLN H 39 -45.14 -40.96 -9.48
N ALA H 40 -44.99 -42.20 -8.98
CA ALA H 40 -46.07 -43.18 -9.04
C ALA H 40 -47.13 -42.86 -7.99
N PRO H 41 -48.40 -43.21 -8.26
CA PRO H 41 -49.47 -42.88 -7.31
C PRO H 41 -49.20 -43.46 -5.93
N GLY H 42 -49.35 -42.63 -4.90
CA GLY H 42 -49.12 -43.06 -3.55
C GLY H 42 -47.66 -43.29 -3.19
N LYS H 43 -46.74 -42.85 -4.03
CA LYS H 43 -45.31 -43.04 -3.81
C LYS H 43 -44.59 -41.70 -3.82
N ALA H 44 -43.32 -41.74 -3.43
CA ALA H 44 -42.51 -40.54 -3.34
C ALA H 44 -41.98 -40.17 -4.72
N LEU H 45 -41.52 -38.94 -4.85
CA LEU H 45 -40.82 -38.53 -6.06
C LEU H 45 -39.55 -39.35 -6.23
N GLN H 46 -39.25 -39.70 -7.47
CA GLN H 46 -38.02 -40.42 -7.81
C GLN H 46 -37.37 -39.69 -8.98
N TRP H 47 -36.21 -39.10 -8.72
CA TRP H 47 -35.45 -38.44 -9.77
C TRP H 47 -35.06 -39.45 -10.86
N LEU H 48 -35.28 -39.07 -12.11
CA LEU H 48 -34.97 -39.94 -13.24
C LEU H 48 -33.73 -39.50 -14.00
N GLY H 49 -33.70 -38.29 -14.55
CA GLY H 49 -32.50 -37.92 -15.28
C GLY H 49 -32.50 -36.49 -15.75
N SER H 50 -31.39 -36.11 -16.41
CA SER H 50 -31.24 -34.75 -16.94
C SER H 50 -30.14 -34.71 -17.99
N VAL H 51 -30.14 -33.62 -18.75
CA VAL H 51 -29.08 -33.29 -19.70
C VAL H 51 -28.75 -31.80 -19.57
N ASP H 52 -27.45 -31.49 -19.55
CA ASP H 52 -26.98 -30.12 -19.38
C ASP H 52 -26.54 -29.50 -20.71
N THR H 53 -26.24 -28.20 -20.64
CA THR H 53 -25.96 -27.41 -21.83
C THR H 53 -24.66 -27.81 -22.54
N SER H 54 -23.74 -28.48 -21.86
CA SER H 54 -22.50 -28.93 -22.49
C SER H 54 -22.64 -30.26 -23.20
N GLY H 55 -23.82 -30.88 -23.16
CA GLY H 55 -24.07 -32.14 -23.82
C GLY H 55 -23.95 -33.35 -22.93
N ASN H 56 -23.51 -33.18 -21.68
CA ASN H 56 -23.39 -34.31 -20.76
C ASN H 56 -24.78 -34.74 -20.28
N THR H 57 -25.01 -36.05 -20.26
CA THR H 57 -26.27 -36.62 -19.82
C THR H 57 -26.06 -37.42 -18.54
N ASP H 58 -27.10 -37.49 -17.72
CA ASP H 58 -27.06 -38.26 -16.48
C ASP H 58 -28.42 -38.88 -16.22
N TYR H 59 -28.41 -40.06 -15.59
CA TYR H 59 -29.61 -40.85 -15.37
C TYR H 59 -29.61 -41.39 -13.95
N ASN H 60 -30.81 -41.59 -13.40
CA ASN H 60 -31.00 -42.24 -12.10
C ASN H 60 -30.31 -43.60 -12.11
N PRO H 61 -29.25 -43.80 -11.33
CA PRO H 61 -28.46 -45.03 -11.43
C PRO H 61 -29.29 -46.31 -11.34
N GLY H 62 -30.37 -46.32 -10.56
CA GLY H 62 -31.18 -47.52 -10.45
C GLY H 62 -32.07 -47.80 -11.64
N LEU H 63 -32.16 -46.89 -12.61
CA LEU H 63 -33.05 -47.05 -13.75
C LEU H 63 -32.41 -46.73 -15.10
N LYS H 64 -31.12 -46.38 -15.13
CA LYS H 64 -30.49 -45.90 -16.36
C LYS H 64 -30.76 -46.82 -17.55
N SER H 65 -30.59 -48.13 -17.34
CA SER H 65 -30.65 -49.07 -18.46
C SER H 65 -31.99 -49.04 -19.18
N ARG H 66 -33.06 -48.63 -18.50
CA ARG H 66 -34.37 -48.54 -19.10
C ARG H 66 -34.67 -47.15 -19.61
N LEU H 67 -33.75 -46.20 -19.43
CA LEU H 67 -33.97 -44.81 -19.75
C LEU H 67 -33.01 -44.38 -20.84
N SER H 68 -33.43 -43.37 -21.60
CA SER H 68 -32.58 -42.76 -22.63
C SER H 68 -33.06 -41.34 -22.86
N ILE H 69 -32.13 -40.39 -22.83
CA ILE H 69 -32.45 -38.98 -23.00
C ILE H 69 -31.59 -38.44 -24.14
N THR H 70 -32.24 -37.77 -25.08
CA THR H 70 -31.61 -37.10 -26.19
C THR H 70 -32.09 -35.66 -26.21
N LYS H 71 -31.45 -34.85 -27.05
CA LYS H 71 -31.84 -33.46 -27.22
C LYS H 71 -31.80 -33.11 -28.70
N ASP H 72 -32.51 -32.05 -29.04
CA ASP H 72 -32.44 -31.47 -30.38
C ASP H 72 -32.51 -29.96 -30.24
N ASN H 73 -31.42 -29.29 -30.59
CA ASN H 73 -31.36 -27.84 -30.42
C ASN H 73 -32.21 -27.13 -31.46
N SER H 74 -32.37 -27.72 -32.65
CA SER H 74 -33.13 -27.07 -33.71
C SER H 74 -34.62 -27.02 -33.39
N LYS H 75 -35.17 -28.10 -32.85
CA LYS H 75 -36.56 -28.11 -32.43
C LYS H 75 -36.76 -27.58 -31.01
N SER H 76 -35.67 -27.36 -30.27
CA SER H 76 -35.72 -26.90 -28.87
C SER H 76 -36.65 -27.81 -28.06
N ARG H 77 -36.32 -29.10 -28.09
CA ARG H 77 -37.04 -30.12 -27.34
C ARG H 77 -36.01 -31.07 -26.73
N ILE H 78 -36.49 -31.90 -25.80
CA ILE H 78 -35.75 -33.08 -25.36
C ILE H 78 -36.70 -34.25 -25.30
N SER H 79 -36.13 -35.46 -25.34
CA SER H 79 -36.93 -36.67 -25.37
C SER H 79 -36.61 -37.56 -24.17
N LEU H 80 -37.51 -38.49 -23.90
CA LEU H 80 -37.34 -39.51 -22.87
C LEU H 80 -37.85 -40.84 -23.40
N THR H 81 -37.05 -41.88 -23.26
CA THR H 81 -37.42 -43.24 -23.66
C THR H 81 -37.38 -44.15 -22.43
N VAL H 82 -38.46 -44.90 -22.22
CA VAL H 82 -38.56 -45.81 -21.09
C VAL H 82 -38.98 -47.16 -21.63
N THR H 83 -38.07 -48.12 -21.60
CA THR H 83 -38.33 -49.46 -22.11
C THR H 83 -38.98 -50.32 -21.05
N GLY H 84 -39.59 -51.41 -21.49
CA GLY H 84 -40.22 -52.36 -20.59
C GLY H 84 -41.16 -51.71 -19.60
N MET H 85 -42.20 -51.04 -20.10
CA MET H 85 -43.16 -50.41 -19.22
C MET H 85 -44.03 -51.47 -18.54
N THR H 86 -44.12 -51.38 -17.23
CA THR H 86 -44.98 -52.22 -16.40
C THR H 86 -45.94 -51.32 -15.62
N THR H 87 -46.79 -51.94 -14.80
CA THR H 87 -47.66 -51.15 -13.94
C THR H 87 -46.87 -50.27 -13.00
N GLU H 88 -45.64 -50.68 -12.67
CA GLU H 88 -44.77 -49.86 -11.82
C GLU H 88 -44.48 -48.51 -12.46
N ASP H 89 -44.51 -48.43 -13.79
CA ASP H 89 -44.12 -47.21 -14.48
C ASP H 89 -45.29 -46.28 -14.74
N SER H 90 -46.53 -46.74 -14.55
CA SER H 90 -47.68 -45.83 -14.56
C SER H 90 -47.47 -44.76 -13.52
N ALA H 91 -47.41 -43.49 -13.94
CA ALA H 91 -47.00 -42.43 -13.03
C ALA H 91 -47.14 -41.09 -13.72
N THR H 92 -47.05 -40.03 -12.93
CA THR H 92 -46.94 -38.67 -13.45
C THR H 92 -45.47 -38.34 -13.70
N TYR H 93 -45.15 -37.94 -14.94
CA TYR H 93 -43.79 -37.64 -15.37
C TYR H 93 -43.67 -36.13 -15.57
N TYR H 94 -42.87 -35.48 -14.75
CA TYR H 94 -42.68 -34.03 -14.80
C TYR H 94 -41.40 -33.68 -15.55
N CYS H 95 -41.55 -32.84 -16.58
CA CYS H 95 -40.43 -32.15 -17.19
C CYS H 95 -39.99 -30.99 -16.31
N ILE H 96 -38.69 -30.84 -16.09
CA ILE H 96 -38.16 -29.83 -15.18
C ILE H 96 -36.95 -29.16 -15.80
N THR H 97 -36.68 -27.93 -15.37
CA THR H 97 -35.39 -27.29 -15.55
C THR H 97 -34.80 -27.02 -14.18
N ALA H 98 -33.51 -27.31 -14.04
CA ALA H 98 -32.84 -27.30 -12.75
C ALA H 98 -31.52 -26.55 -12.83
N HIS H 99 -31.17 -25.88 -11.73
CA HIS H 99 -29.89 -25.21 -11.62
C HIS H 99 -28.83 -26.19 -11.16
N GLN H 100 -27.80 -26.38 -11.98
CA GLN H 100 -26.70 -27.30 -11.71
C GLN H 100 -25.40 -26.53 -11.77
N LYS H 101 -24.54 -26.74 -10.79
CA LYS H 101 -23.24 -26.08 -10.75
C LYS H 101 -22.33 -26.79 -9.76
N THR H 102 -21.16 -27.20 -10.23
CA THR H 102 -20.12 -27.75 -9.36
C THR H 102 -19.17 -26.62 -8.98
N ASN H 103 -18.98 -26.43 -7.67
CA ASN H 103 -18.06 -25.43 -7.17
C ASN H 103 -16.77 -26.16 -6.80
N LYS H 104 -15.70 -25.87 -7.52
CA LYS H 104 -14.42 -26.40 -7.07
C LYS H 104 -14.00 -25.69 -5.79
N LYS H 105 -13.04 -26.28 -5.09
CA LYS H 105 -12.52 -25.65 -3.89
C LYS H 105 -11.75 -24.40 -4.29
N GLU H 106 -12.19 -23.26 -3.76
CA GLU H 106 -11.62 -21.98 -4.13
C GLU H 106 -11.25 -21.20 -2.87
N CYS H 107 -10.14 -20.46 -2.95
CA CYS H 107 -9.71 -19.60 -1.86
C CYS H 107 -10.55 -18.34 -1.82
N PRO H 108 -10.75 -17.78 -0.62
CA PRO H 108 -11.42 -16.48 -0.54
C PRO H 108 -10.67 -15.43 -1.34
N GLU H 109 -11.41 -14.40 -1.75
CA GLU H 109 -10.81 -13.29 -2.46
C GLU H 109 -9.66 -12.71 -1.64
N ASP H 110 -8.64 -12.24 -2.36
CA ASP H 110 -7.40 -11.68 -1.82
C ASP H 110 -6.51 -12.74 -1.20
N TYR H 111 -6.78 -14.01 -1.44
CA TYR H 111 -5.95 -15.12 -0.99
C TYR H 111 -5.57 -15.98 -2.18
N THR H 112 -4.43 -16.66 -2.09
CA THR H 112 -3.99 -17.55 -3.15
C THR H 112 -3.50 -18.87 -2.57
N TYR H 113 -3.77 -19.97 -3.29
CA TYR H 113 -3.33 -21.29 -2.87
C TYR H 113 -1.82 -21.32 -2.70
N ASN H 114 -1.37 -21.77 -1.52
CA ASN H 114 0.05 -21.85 -1.22
C ASN H 114 0.32 -23.06 -0.33
N PRO H 115 0.55 -24.23 -0.92
CA PRO H 115 0.74 -25.45 -0.11
C PRO H 115 2.03 -25.47 0.68
N ARG H 116 3.00 -24.62 0.33
CA ARG H 116 4.29 -24.63 1.03
C ARG H 116 4.08 -24.40 2.52
N CYS H 117 3.17 -23.47 2.87
CA CYS H 117 2.95 -23.12 4.28
C CYS H 117 2.63 -24.35 5.12
N PRO H 118 1.55 -25.11 4.85
CA PRO H 118 1.32 -26.31 5.66
C PRO H 118 2.34 -27.40 5.44
N GLN H 119 2.85 -27.57 4.20
CA GLN H 119 3.84 -28.62 3.96
C GLN H 119 5.01 -28.50 4.93
N GLN H 120 5.57 -27.30 5.05
CA GLN H 120 6.82 -27.14 5.78
C GLN H 120 6.64 -26.67 7.22
N TYR H 121 5.52 -26.03 7.57
CA TYR H 121 5.34 -25.60 8.96
C TYR H 121 4.23 -26.34 9.70
N GLY H 122 3.37 -27.08 9.00
CA GLY H 122 2.41 -27.95 9.63
C GLY H 122 1.13 -27.32 10.11
N TRP H 123 0.87 -26.06 9.76
CA TRP H 123 -0.34 -25.38 10.20
C TRP H 123 -1.59 -26.05 9.64
N SER H 124 -2.69 -25.90 10.37
CA SER H 124 -4.00 -26.37 9.93
C SER H 124 -4.80 -25.19 9.39
N ASP H 125 -5.77 -25.51 8.53
CA ASP H 125 -6.66 -24.52 7.91
C ASP H 125 -5.88 -23.34 7.33
N CYS H 126 -4.82 -23.66 6.58
CA CYS H 126 -3.96 -22.64 6.01
C CYS H 126 -3.62 -22.99 4.57
N ASP H 127 -4.57 -23.59 3.85
CA ASP H 127 -4.34 -23.91 2.44
C ASP H 127 -4.18 -22.66 1.60
N CYS H 128 -4.77 -21.54 2.05
CA CYS H 128 -4.74 -20.29 1.32
C CYS H 128 -3.87 -19.30 2.09
N MET H 129 -3.06 -18.52 1.37
CA MET H 129 -2.18 -17.53 1.96
C MET H 129 -2.58 -16.16 1.45
N GLY H 130 -2.64 -15.19 2.36
CA GLY H 130 -2.93 -13.82 1.98
C GLY H 130 -2.06 -13.33 0.85
N ASP H 131 -2.67 -12.79 -0.20
CA ASP H 131 -1.90 -12.23 -1.30
C ASP H 131 -1.00 -11.11 -0.83
N ARG H 132 -1.37 -10.45 0.28
CA ARG H 132 -0.56 -9.40 0.85
C ARG H 132 0.81 -9.90 1.30
N PHE H 133 1.03 -11.21 1.34
CA PHE H 133 2.31 -11.76 1.73
C PHE H 133 3.13 -12.28 0.55
N GLY H 134 2.77 -11.89 -0.67
CA GLY H 134 3.60 -12.07 -1.85
C GLY H 134 4.27 -13.41 -1.97
N GLY H 135 3.51 -14.48 -1.77
CA GLY H 135 4.05 -15.82 -1.83
C GLY H 135 4.76 -16.27 -0.58
N TYR H 136 4.91 -15.41 0.42
CA TYR H 136 5.45 -15.81 1.70
C TYR H 136 4.32 -16.32 2.58
N CYS H 137 4.65 -17.21 3.51
CA CYS H 137 3.68 -17.81 4.41
C CYS H 137 3.63 -17.03 5.72
N ARG H 138 2.45 -16.54 6.07
CA ARG H 138 2.25 -15.86 7.35
C ARG H 138 1.06 -16.51 8.05
N GLN H 139 1.24 -16.87 9.32
CA GLN H 139 0.14 -17.52 10.05
C GLN H 139 -1.02 -16.54 10.23
N ASP H 140 -0.73 -15.25 10.26
CA ASP H 140 -1.74 -14.21 10.36
C ASP H 140 -2.51 -14.05 9.06
N GLY H 141 -2.10 -14.73 8.00
CA GLY H 141 -2.80 -14.65 6.74
C GLY H 141 -3.51 -15.92 6.34
N CYS H 142 -3.46 -16.94 7.20
CA CYS H 142 -4.08 -18.22 6.89
C CYS H 142 -5.58 -18.04 6.64
N SER H 143 -6.16 -19.04 5.96
CA SER H 143 -7.61 -19.10 5.73
C SER H 143 -7.99 -20.39 5.02
N ASN H 144 -9.12 -20.97 5.38
CA ASN H 144 -9.66 -22.12 4.66
C ASN H 144 -10.29 -21.66 3.35
N TYR H 145 -10.72 -22.63 2.54
CA TYR H 145 -11.48 -22.32 1.33
C TYR H 145 -12.83 -21.70 1.66
N ILE H 146 -13.43 -21.06 0.66
CA ILE H 146 -14.74 -20.44 0.79
C ILE H 146 -15.72 -21.47 1.33
N HIS H 147 -16.32 -21.20 2.48
CA HIS H 147 -17.29 -22.14 3.04
C HIS H 147 -18.57 -22.12 2.22
N ARG H 148 -18.87 -23.25 1.58
CA ARG H 148 -20.03 -23.40 0.72
C ARG H 148 -20.14 -24.87 0.37
N SER H 149 -21.30 -25.26 -0.13
CA SER H 149 -21.50 -26.65 -0.52
C SER H 149 -20.68 -26.95 -1.77
N THR H 150 -20.13 -28.16 -1.82
CA THR H 150 -19.39 -28.59 -2.99
C THR H 150 -20.30 -28.68 -4.21
N TYR H 151 -21.55 -29.08 -4.01
CA TYR H 151 -22.47 -29.36 -5.09
C TYR H 151 -23.72 -28.52 -4.89
N GLU H 152 -24.16 -27.87 -5.95
CA GLU H 152 -25.37 -27.04 -5.93
C GLU H 152 -26.37 -27.61 -6.91
N TRP H 153 -27.57 -27.91 -6.40
CA TRP H 153 -28.66 -28.42 -7.22
C TRP H 153 -29.99 -28.09 -6.59
N TYR H 154 -30.93 -27.64 -7.41
CA TYR H 154 -32.32 -27.46 -7.03
C TYR H 154 -33.12 -27.27 -8.31
N VAL H 155 -34.39 -27.62 -8.24
CA VAL H 155 -35.28 -27.47 -9.39
C VAL H 155 -35.73 -26.02 -9.46
N SER H 156 -35.50 -25.38 -10.61
CA SER H 156 -35.87 -23.99 -10.77
C SER H 156 -37.18 -23.79 -11.52
N ALA H 157 -37.62 -24.76 -12.32
CA ALA H 157 -38.91 -24.66 -12.97
C ALA H 157 -39.47 -26.07 -13.18
N TRP H 158 -40.78 -26.19 -13.01
CA TRP H 158 -41.49 -27.46 -13.15
C TRP H 158 -42.46 -27.36 -14.33
N GLY H 159 -42.46 -28.39 -15.16
CA GLY H 159 -43.51 -28.53 -16.15
C GLY H 159 -44.79 -29.06 -15.51
N GLN H 160 -45.88 -28.96 -16.26
CA GLN H 160 -47.16 -29.37 -15.72
C GLN H 160 -47.26 -30.89 -15.50
N GLY H 161 -46.47 -31.67 -16.20
CA GLY H 161 -46.47 -33.12 -16.00
C GLY H 161 -47.40 -33.84 -16.95
N LEU H 162 -47.05 -35.09 -17.26
CA LEU H 162 -47.87 -35.93 -18.13
C LEU H 162 -48.10 -37.29 -17.48
N LEU H 163 -49.35 -37.71 -17.41
CA LEU H 163 -49.72 -38.99 -16.79
C LEU H 163 -49.59 -40.12 -17.80
N VAL H 164 -48.91 -41.21 -17.41
CA VAL H 164 -48.76 -42.38 -18.26
C VAL H 164 -49.34 -43.60 -17.55
N THR H 165 -50.31 -44.25 -18.17
CA THR H 165 -50.95 -45.46 -17.66
C THR H 165 -50.52 -46.66 -18.51
N VAL H 166 -50.17 -47.76 -17.83
CA VAL H 166 -49.86 -49.04 -18.48
C VAL H 166 -51.02 -49.98 -18.24
N SER H 167 -51.68 -50.43 -19.30
CA SER H 167 -52.86 -51.28 -19.17
C SER H 167 -53.11 -52.04 -20.47
N SER H 168 -53.66 -53.24 -20.34
CA SER H 168 -54.09 -54.00 -21.50
C SER H 168 -55.36 -53.42 -22.11
C1 NAG I . -10.09 29.43 -10.28
C2 NAG I . -9.72 30.51 -11.31
C3 NAG I . -10.13 31.88 -10.82
C4 NAG I . -11.59 31.89 -10.40
C5 NAG I . -11.84 30.79 -9.39
C6 NAG I . -13.29 30.66 -8.99
C7 NAG I . -7.75 29.64 -12.50
C8 NAG I . -6.27 29.74 -12.69
N2 NAG I . -8.29 30.47 -11.61
O3 NAG I . -9.90 32.83 -11.86
O4 NAG I . -11.92 33.15 -9.83
O5 NAG I . -11.47 29.53 -9.96
O6 NAG I . -14.08 30.26 -10.10
O7 NAG I . -8.44 28.83 -13.13
C1 NAG I . -12.84 33.80 -10.71
C2 NAG I . -13.62 34.85 -9.88
C3 NAG I . -14.53 35.72 -10.76
C4 NAG I . -13.73 36.27 -11.94
C5 NAG I . -13.07 35.13 -12.70
C6 NAG I . -12.22 35.57 -13.87
C7 NAG I . -15.38 33.38 -8.77
C8 NAG I . -15.89 32.93 -10.12
N2 NAG I . -14.35 34.26 -8.76
O3 NAG I . -15.07 36.78 -10.00
O4 NAG I . -14.59 37.02 -12.80
O5 NAG I . -12.19 34.44 -11.79
O6 NAG I . -10.91 35.04 -13.80
O7 NAG I . -15.89 32.98 -7.74
C1 BMA I . -13.99 38.33 -12.80
C2 BMA I . -14.76 39.26 -13.76
C3 BMA I . -14.06 40.61 -13.80
C4 BMA I . -13.68 41.16 -12.37
C5 BMA I . -13.11 40.04 -11.44
C6 BMA I . -12.86 40.45 -9.97
O2 BMA I . -16.09 39.48 -13.29
O3 BMA I . -14.84 41.57 -14.53
O4 BMA I . -12.74 42.22 -12.48
O5 BMA I . -13.99 38.92 -11.49
O6 BMA I . -14.01 41.10 -9.37
C1 MAN I . -13.60 42.38 -8.80
C2 MAN I . -12.20 42.21 -8.07
C3 MAN I . -12.35 41.78 -6.63
C4 MAN I . -13.28 42.74 -5.91
C5 MAN I . -14.67 42.62 -6.52
C6 MAN I . -15.64 43.58 -5.84
O2 MAN I . -11.48 43.45 -8.02
O3 MAN I . -11.09 41.76 -5.95
O4 MAN I . -13.33 42.41 -4.53
O5 MAN I . -14.64 42.96 -7.93
O6 MAN I . -15.00 44.87 -5.76
C1 MAN I . -10.52 40.43 -5.94
C2 MAN I . -9.65 40.33 -4.66
C3 MAN I . -8.47 41.31 -4.77
C4 MAN I . -7.74 41.19 -6.12
C5 MAN I . -8.74 41.24 -7.28
C6 MAN I . -8.11 40.99 -8.64
O2 MAN I . -9.06 39.04 -4.52
O3 MAN I . -7.55 41.15 -3.69
O4 MAN I . -6.81 42.27 -6.25
O5 MAN I . -9.75 40.24 -7.07
O6 MAN I . -9.09 41.28 -9.63
C1 MAN I . -15.79 45.79 -5.00
C2 MAN I . -15.57 47.23 -5.57
C3 MAN I . -14.19 47.76 -5.18
C4 MAN I . -13.94 47.61 -3.68
C5 MAN I . -14.12 46.14 -3.27
C6 MAN I . -13.93 45.91 -1.79
O2 MAN I . -16.52 48.16 -5.05
O3 MAN I . -14.02 49.13 -5.58
O4 MAN I . -12.63 48.05 -3.36
O5 MAN I . -15.47 45.71 -3.62
O6 MAN I . -14.03 44.52 -1.53
C1 MAN I . -14.00 42.17 -15.55
C2 MAN I . -14.89 43.19 -16.36
C3 MAN I . -15.78 42.46 -17.35
C4 MAN I . -14.97 41.49 -18.22
C5 MAN I . -14.29 40.47 -17.31
C6 MAN I . -13.45 39.46 -18.06
O2 MAN I . -14.08 44.06 -17.14
O3 MAN I . -16.50 43.37 -18.18
O4 MAN I . -15.84 40.81 -19.11
O5 MAN I . -13.41 41.17 -16.40
O6 MAN I . -12.95 38.51 -17.13
C1 NAG J . 27.18 -27.38 17.65
C2 NAG J . 26.67 -27.52 19.08
C3 NAG J . 25.78 -28.75 19.19
C4 NAG J . 24.68 -28.70 18.15
C5 NAG J . 25.25 -28.43 16.75
C6 NAG J . 24.17 -28.21 15.71
C7 NAG J . 28.75 -28.47 20.07
C8 NAG J . 29.76 -28.31 21.16
N2 NAG J . 27.76 -27.56 20.05
O3 NAG J . 25.22 -28.80 20.51
O4 NAG J . 23.99 -29.95 18.12
O5 NAG J . 26.08 -27.26 16.76
O6 NAG J . 24.09 -29.32 14.81
O7 NAG J . 28.81 -29.37 19.24
C1 NAG J . 22.71 -29.86 18.79
C2 NAG J . 22.45 -31.23 19.43
C3 NAG J . 21.13 -31.21 20.23
C4 NAG J . 21.12 -30.05 21.22
C5 NAG J . 21.42 -28.73 20.50
C6 NAG J . 21.53 -27.55 21.44
C7 NAG J . 23.09 -33.44 18.55
C8 NAG J . 22.95 -34.40 17.41
N2 NAG J . 22.43 -32.28 18.43
O3 NAG J . 20.97 -32.44 20.91
O4 NAG J . 19.85 -29.95 21.86
O5 NAG J . 22.68 -28.83 19.81
O6 NAG J . 22.26 -27.87 22.61
O7 NAG J . 23.77 -33.70 19.54
C1 NAG K . 38.20 -23.65 10.87
C2 NAG K . 38.98 -22.76 11.82
C3 NAG K . 40.40 -22.57 11.32
C4 NAG K . 41.05 -23.93 11.08
C5 NAG K . 40.17 -24.78 10.19
C6 NAG K . 40.68 -26.20 10.02
C7 NAG K . 37.88 -21.03 13.18
C8 NAG K . 37.21 -19.69 13.19
N2 NAG K . 38.31 -21.48 12.00
O3 NAG K . 41.15 -21.82 12.28
O4 NAG K . 42.33 -23.75 10.46
O5 NAG K . 38.86 -24.89 10.74
O6 NAG K . 39.73 -27.15 10.51
O7 NAG K . 38.03 -21.68 14.21
C1 NAG K . 43.38 -24.16 11.37
C2 NAG K . 44.59 -24.58 10.54
C3 NAG K . 45.76 -24.95 11.46
C4 NAG K . 46.05 -23.81 12.43
C5 NAG K . 44.79 -23.43 13.19
C6 NAG K . 44.97 -22.25 14.11
C7 NAG K . 43.92 -26.91 10.03
C8 NAG K . 43.66 -27.90 8.92
N2 NAG K . 44.29 -25.68 9.64
O3 NAG K . 46.91 -25.23 10.68
O4 NAG K . 47.05 -24.20 13.37
O5 NAG K . 43.75 -23.07 12.26
O6 NAG K . 43.90 -22.14 15.03
O7 NAG K . 43.79 -27.21 11.21
C1 BMA K . 48.33 -23.63 13.04
C2 BMA K . 49.38 -24.22 14.02
C3 BMA K . 50.82 -23.92 13.58
C4 BMA K . 51.02 -24.19 12.08
C5 BMA K . 49.98 -23.38 11.28
C6 BMA K . 50.13 -23.53 9.78
O2 BMA K . 49.26 -25.64 14.07
O3 BMA K . 51.77 -24.65 14.34
O4 BMA K . 52.33 -23.83 11.67
O5 BMA K . 48.68 -23.86 11.66
O6 BMA K . 51.51 -23.33 9.46
C1 NAG L . 37.91 -34.09 0.37
C2 NAG L . 37.01 -34.86 1.31
C3 NAG L . 37.82 -35.88 2.11
C4 NAG L . 38.66 -36.75 1.19
C5 NAG L . 39.47 -35.89 0.23
C6 NAG L . 40.20 -36.70 -0.83
C7 NAG L . 35.17 -33.32 1.82
C8 NAG L . 34.54 -32.43 2.86
N2 NAG L . 36.27 -33.98 2.20
O3 NAG L . 36.94 -36.69 2.89
O4 NAG L . 39.54 -37.54 1.96
O5 NAG L . 38.61 -34.99 -0.49
O6 NAG L . 40.88 -35.87 -1.75
O7 NAG L . 34.70 -33.42 0.69
C1 NAG L . 39.17 -38.93 1.86
C2 NAG L . 40.36 -39.77 2.33
C3 NAG L . 40.00 -41.25 2.31
C4 NAG L . 38.72 -41.50 3.09
C5 NAG L . 37.61 -40.59 2.58
C6 NAG L . 36.32 -40.70 3.38
C7 NAG L . 42.42 -38.55 1.75
C8 NAG L . 43.56 -38.45 0.78
N2 NAG L . 41.53 -39.52 1.50
O3 NAG L . 41.06 -42.00 2.89
O4 NAG L . 38.31 -42.86 2.94
O5 NAG L . 38.03 -39.22 2.66
O6 NAG L . 35.35 -41.47 2.69
O7 NAG L . 42.31 -37.80 2.71
C1 BMA L . 38.47 -43.56 4.20
C2 BMA L . 37.32 -44.59 4.31
C3 BMA L . 37.51 -45.46 5.55
C4 BMA L . 38.95 -46.03 5.62
C5 BMA L . 39.97 -44.90 5.51
C6 BMA L . 41.41 -45.41 5.50
O2 BMA L . 37.32 -45.47 3.18
O3 BMA L . 36.55 -46.52 5.59
O4 BMA L . 39.14 -46.72 6.85
O5 BMA L . 39.74 -44.20 4.28
O6 BMA L . 42.27 -44.31 5.25
C1 NAG M . 15.09 -30.04 -0.21
C2 NAG M . 15.50 -30.25 1.24
C3 NAG M . 14.32 -29.95 2.17
C4 NAG M . 13.72 -28.59 1.85
C5 NAG M . 13.42 -28.47 0.36
C6 NAG M . 12.91 -27.10 -0.03
C7 NAG M . 16.85 -31.92 2.43
C8 NAG M . 17.24 -33.38 2.51
N2 NAG M . 15.99 -31.61 1.46
O3 NAG M . 14.78 -29.97 3.51
O4 NAG M . 12.46 -28.47 2.51
O5 NAG M . 14.62 -28.72 -0.39
O6 NAG M . 11.54 -27.14 -0.38
O7 NAG M . 17.29 -31.09 3.21
C1 NAG M . 12.50 -27.74 3.75
C2 NAG M . 11.27 -28.20 4.50
C3 NAG M . 11.19 -27.50 5.86
C4 NAG M . 12.49 -27.70 6.64
C5 NAG M . 13.69 -27.27 5.78
C6 NAG M . 15.01 -27.57 6.44
C7 NAG M . 9.48 -28.90 2.98
C8 NAG M . 8.25 -28.47 2.24
N2 NAG M . 10.07 -27.96 3.73
O3 NAG M . 10.10 -28.03 6.61
O4 NAG M . 12.45 -26.91 7.82
O5 NAG M . 13.68 -27.98 4.54
O6 NAG M . 15.98 -28.02 5.50
O7 NAG M . 9.93 -30.03 2.89
C1 BMA M . 12.26 -27.74 8.98
C2 BMA M . 12.83 -26.94 10.18
C3 BMA M . 12.53 -27.64 11.51
C4 BMA M . 11.05 -28.02 11.60
C5 BMA M . 10.67 -28.90 10.39
C6 BMA M . 9.22 -29.36 10.47
O2 BMA M . 12.22 -25.66 10.25
O3 BMA M . 12.89 -26.83 12.61
O4 BMA M . 10.80 -28.72 12.81
O5 BMA M . 10.89 -28.13 9.18
O6 BMA M . 8.91 -29.58 11.85
C1 MAN M . 7.76 -30.45 11.99
C2 MAN M . 7.29 -30.41 13.50
C3 MAN M . 8.11 -31.37 14.39
C4 MAN M . 8.28 -32.74 13.72
C5 MAN M . 8.95 -32.54 12.37
C6 MAN M . 9.26 -33.84 11.66
O2 MAN M . 5.93 -30.80 13.64
O3 MAN M . 7.52 -31.54 15.68
O4 MAN M . 9.06 -33.59 14.55
O5 MAN M . 8.06 -31.77 11.53
O6 MAN M . 8.44 -33.92 10.49
C1 NAG N . -9.78 7.55 1.71
C2 NAG N . -10.74 6.42 2.09
C3 NAG N . -12.04 6.50 1.29
C4 NAG N . -12.64 7.90 1.40
C5 NAG N . -11.61 8.94 0.99
C6 NAG N . -12.10 10.37 1.12
C7 NAG N . -9.87 4.26 2.90
C8 NAG N . -9.24 2.96 2.52
N2 NAG N . -10.12 5.11 1.91
O3 NAG N . -12.95 5.53 1.76
O4 NAG N . -13.77 8.01 0.53
O5 NAG N . -10.44 8.82 1.83
O6 NAG N . -11.18 11.28 0.54
O7 NAG N . -10.14 4.54 4.07
C1 NAG N . -15.03 7.81 1.22
C2 NAG N . -16.14 8.45 0.37
C3 NAG N . -17.49 8.22 1.03
C4 NAG N . -17.73 6.74 1.28
C5 NAG N . -16.57 6.16 2.10
C6 NAG N . -16.67 4.67 2.29
C7 NAG N . -15.53 10.40 -0.99
C8 NAG N . -15.31 11.88 -1.01
N2 NAG N . -15.89 9.88 0.18
O3 NAG N . -18.54 8.73 0.20
O4 NAG N . -18.96 6.53 1.96
O5 NAG N . -15.32 6.42 1.43
O6 NAG N . -16.44 4.28 3.63
O7 NAG N . -15.39 9.71 -2.00
C1 NAG O . 19.17 4.85 3.96
C2 NAG O . 20.02 3.60 3.71
C3 NAG O . 21.38 3.77 4.38
C4 NAG O . 22.05 5.06 3.90
C5 NAG O . 21.13 6.24 4.11
C6 NAG O . 21.67 7.52 3.51
C7 NAG O . 19.47 1.21 3.62
C8 NAG O . 18.70 0.10 4.24
N2 NAG O . 19.35 2.41 4.19
O3 NAG O . 22.19 2.64 4.06
O4 NAG O . 23.26 5.28 4.62
O5 NAG O . 19.85 6.00 3.48
O6 NAG O . 22.06 7.34 2.16
O7 NAG O . 20.17 1.04 2.62
C1 NAG O . 24.35 4.97 3.74
C2 NAG O . 25.48 5.99 3.92
C3 NAG O . 26.69 5.61 3.07
C4 NAG O . 27.09 4.16 3.31
C5 NAG O . 25.88 3.24 3.14
C6 NAG O . 26.18 1.79 3.47
C7 NAG O . 24.89 8.30 4.50
C8 NAG O . 24.44 9.63 3.99
N2 NAG O . 25.04 7.33 3.59
O3 NAG O . 27.77 6.48 3.35
O4 NAG O . 28.08 3.80 2.36
O5 NAG O . 24.84 3.66 4.02
O6 NAG O . 25.37 0.91 2.69
O7 NAG O . 25.11 8.11 5.69
C1 BMA O . 29.31 3.39 3.01
C2 BMA O . 30.29 3.22 1.87
C3 BMA O . 31.61 2.69 2.41
C4 BMA O . 32.13 3.53 3.60
C5 BMA O . 31.01 3.87 4.62
C6 BMA O . 31.41 4.95 5.60
O2 BMA O . 30.59 4.48 1.28
O3 BMA O . 32.61 2.64 1.39
O4 BMA O . 33.16 2.81 4.28
O5 BMA O . 29.82 4.33 3.93
O6 BMA O . 31.74 6.11 4.86
C1 MAN O . 32.60 1.34 0.77
C2 MAN O . 33.98 1.17 0.08
C3 MAN O . 34.09 2.05 -1.20
C4 MAN O . 32.88 1.89 -2.12
C5 MAN O . 31.61 2.14 -1.30
C6 MAN O . 30.34 1.97 -2.12
O2 MAN O . 34.24 -0.20 -0.32
O3 MAN O . 35.29 1.81 -1.93
O4 MAN O . 32.96 2.83 -3.20
O5 MAN O . 31.56 1.20 -0.19
O6 MAN O . 30.25 0.61 -2.52
C1 MAN O . 32.70 6.89 5.61
C2 MAN O . 32.13 8.34 5.82
C3 MAN O . 32.23 9.16 4.52
C4 MAN O . 33.64 9.04 3.88
C5 MAN O . 33.98 7.56 3.67
C6 MAN O . 35.36 7.35 3.06
O2 MAN O . 32.86 9.08 6.81
O3 MAN O . 31.91 10.53 4.73
O4 MAN O . 33.69 9.73 2.63
O5 MAN O . 33.96 6.90 4.95
O6 MAN O . 35.34 7.88 1.73
C1 NAG P . 22.36 6.75 16.08
C2 NAG P . 21.85 7.20 17.45
C3 NAG P . 21.80 8.73 17.52
C4 NAG P . 23.14 9.33 17.15
C5 NAG P . 23.57 8.82 15.78
C6 NAG P . 24.93 9.29 15.35
C7 NAG P . 20.36 5.51 18.43
C8 NAG P . 18.93 5.09 18.63
N2 NAG P . 20.54 6.64 17.73
O3 NAG P . 21.42 9.13 18.84
O4 NAG P . 23.05 10.75 17.11
O5 NAG P . 23.63 7.38 15.80
O6 NAG P . 25.23 8.88 14.02
O7 NAG P . 21.29 4.87 18.87
C1 NAG P . 24.00 11.38 18.02
C2 NAG P . 24.15 12.86 17.62
C3 NAG P . 25.14 13.55 18.57
C4 NAG P . 24.70 13.36 20.02
C5 NAG P . 24.52 11.87 20.33
C6 NAG P . 23.98 11.62 21.71
C7 NAG P . 24.30 14.05 15.49
C8 NAG P . 24.82 14.03 14.09
N2 NAG P . 24.58 12.98 16.24
O3 NAG P . 25.20 14.93 18.25
O4 NAG P . 25.68 13.92 20.89
O5 NAG P . 23.59 11.29 19.40
O6 NAG P . 23.94 10.23 22.01
O7 NAG P . 23.65 15.01 15.93
C1 BMA P . 25.17 15.13 21.49
C2 BMA P . 25.30 15.00 23.03
C3 BMA P . 24.91 16.31 23.72
C4 BMA P . 25.60 17.53 23.06
C5 BMA P . 25.31 17.52 21.55
C6 BMA P . 25.87 18.73 20.78
O2 BMA P . 26.64 14.73 23.41
O3 BMA P . 25.20 16.29 25.12
O4 BMA P . 25.11 18.73 23.63
O5 BMA P . 25.85 16.30 21.00
O6 BMA P . 27.30 18.62 20.67
C1 MAN P . 27.77 19.92 20.23
C2 MAN P . 29.20 19.76 19.61
C3 MAN P . 30.28 19.58 20.70
C4 MAN P . 30.11 20.61 21.82
C5 MAN P . 28.69 20.53 22.38
C6 MAN P . 28.42 21.52 23.50
O2 MAN P . 29.59 20.92 18.88
O3 MAN P . 31.59 19.65 20.16
O4 MAN P . 31.04 20.36 22.86
O5 MAN P . 27.77 20.84 21.31
O6 MAN P . 27.18 21.18 24.11
C1 NAG Q . 38.99 -5.73 11.86
C2 NAG Q . 39.28 -4.25 12.03
C3 NAG Q . 40.33 -3.80 11.01
C4 NAG Q . 41.54 -4.71 11.04
C5 NAG Q . 41.13 -6.18 10.93
C6 NAG Q . 42.27 -7.13 11.08
C7 NAG Q . 37.95 -2.19 12.24
C8 NAG Q . 36.61 -1.55 12.01
N2 NAG Q . 38.05 -3.47 11.88
O3 NAG Q . 40.73 -2.47 11.29
O4 NAG Q . 42.41 -4.41 9.94
O5 NAG Q . 40.20 -6.47 11.98
O6 NAG Q . 42.28 -8.10 10.05
O7 NAG Q . 38.89 -1.57 12.74
C1 NAG Q . 43.56 -3.75 10.49
C2 NAG Q . 44.76 -3.97 9.57
C3 NAG Q . 45.98 -3.29 10.17
C4 NAG Q . 45.66 -1.82 10.34
C5 NAG Q . 44.42 -1.67 11.24
C6 NAG Q . 44.04 -0.20 11.44
C7 NAG Q . 44.64 -6.03 8.29
C8 NAG Q . 44.90 -7.50 8.27
N2 NAG Q . 45.02 -5.39 9.40
O3 NAG Q . 47.11 -3.45 9.32
O4 NAG Q . 46.78 -1.09 10.85
O5 NAG Q . 43.34 -2.36 10.64
O6 NAG Q . 42.96 -0.15 12.37
O7 NAG Q . 44.12 -5.45 7.37
C1 BMA Q . 47.25 -0.26 9.76
C2 BMA Q . 47.60 1.13 10.25
C3 BMA Q . 47.92 2.01 9.05
C4 BMA Q . 49.07 1.36 8.30
C5 BMA Q . 48.65 -0.05 7.89
C6 BMA Q . 49.72 -0.76 7.07
O2 BMA Q . 48.78 1.09 11.07
O3 BMA Q . 48.32 3.30 9.51
O4 BMA Q . 49.39 2.11 7.13
O5 BMA Q . 48.34 -0.81 9.06
O6 BMA Q . 49.11 -1.52 6.01
C1 MAN Q . 47.17 4.17 9.55
C2 MAN Q . 47.60 5.61 9.34
C3 MAN Q . 48.53 6.02 10.48
C4 MAN Q . 47.75 5.88 11.78
C5 MAN Q . 47.31 4.43 11.91
C6 MAN Q . 46.55 4.23 13.21
O2 MAN Q . 46.46 6.47 9.35
O3 MAN Q . 48.93 7.39 10.31
O4 MAN Q . 48.60 6.23 12.88
O5 MAN Q . 46.48 4.10 10.80
O6 MAN Q . 47.30 4.81 14.28
C1 MAN Q . 48.67 -2.78 6.53
C2 MAN Q . 48.90 -3.90 5.52
C3 MAN Q . 48.04 -3.64 4.29
C4 MAN Q . 46.60 -3.60 4.73
C5 MAN Q . 46.44 -2.50 5.77
C6 MAN Q . 44.99 -2.40 6.23
O2 MAN Q . 48.53 -5.15 6.10
O3 MAN Q . 48.22 -4.70 3.35
O4 MAN Q . 45.75 -3.33 3.61
O5 MAN Q . 47.28 -2.79 6.87
O6 MAN Q . 44.90 -1.38 7.24
C1 NAG R . 23.30 0.60 20.53
C2 NAG R . 24.31 1.77 20.45
C3 NAG R . 25.71 1.32 20.87
C4 NAG R . 25.67 0.63 22.22
C5 NAG R . 24.61 -0.48 22.21
C6 NAG R . 24.45 -1.15 23.56
C7 NAG R . 24.62 1.95 17.93
C8 NAG R . 25.02 0.50 17.84
N2 NAG R . 24.32 2.45 19.15
O3 NAG R . 26.57 2.45 20.93
O4 NAG R . 26.94 0.07 22.52
O5 NAG R . 23.32 0.05 21.86
O6 NAG R . 23.22 -1.86 23.65
O7 NAG R . 24.57 2.66 16.93
C1 NAG R . 27.69 0.92 23.45
C2 NAG R . 28.73 0.05 24.16
C3 NAG R . 29.52 0.90 25.15
C4 NAG R . 30.12 2.13 24.45
C5 NAG R . 29.05 2.88 23.66
C6 NAG R . 29.62 3.98 22.80
C7 NAG R . 28.28 -2.35 24.46
C8 NAG R . 27.56 -3.38 25.27
N2 NAG R . 28.10 -1.07 24.83
O3 NAG R . 30.55 0.10 25.71
O4 NAG R . 30.62 3.04 25.42
O5 NAG R . 28.35 1.99 22.76
O6 NAG R . 28.79 5.14 22.84
O7 NAG R . 29.00 -2.65 23.51
C1 BMA R . 32.00 2.84 25.79
C2 BMA R . 32.85 4.06 25.33
C3 BMA R . 34.27 4.06 25.96
C4 BMA R . 34.23 3.73 27.46
C5 BMA R . 33.41 2.44 27.72
C6 BMA R . 33.32 2.07 29.20
O2 BMA R . 32.23 5.28 25.71
O3 BMA R . 34.94 5.33 25.80
O4 BMA R . 35.54 3.57 27.95
O5 BMA R . 32.08 2.64 27.21
O6 BMA R . 32.48 3.01 29.90
C1 MAN R . 35.88 5.27 24.69
C2 MAN R . 37.14 4.45 25.16
C3 MAN R . 38.09 5.30 26.01
C4 MAN R . 38.40 6.61 25.31
C5 MAN R . 37.09 7.38 25.12
C6 MAN R . 37.27 8.75 24.48
O2 MAN R . 37.92 4.03 24.04
O3 MAN R . 39.30 4.59 26.30
O4 MAN R . 39.30 7.39 26.09
O5 MAN R . 36.23 6.61 24.25
O6 MAN R . 37.42 8.58 23.09
C1 MAN R . 31.80 2.30 30.96
C2 MAN R . 30.29 2.74 30.96
C3 MAN R . 30.13 4.12 31.60
C4 MAN R . 30.80 4.17 32.96
C5 MAN R . 32.28 3.85 32.80
C6 MAN R . 33.04 3.86 34.12
O2 MAN R . 29.49 1.86 31.76
O3 MAN R . 28.75 4.50 31.72
O4 MAN R . 30.64 5.46 33.53
O5 MAN R . 32.43 2.53 32.23
O6 MAN R . 32.96 2.56 34.70
C1 NAG S . 6.95 -11.97 18.76
C2 NAG S . 8.21 -12.79 18.32
C3 NAG S . 8.03 -14.29 18.63
C4 NAG S . 7.49 -14.53 20.03
C5 NAG S . 6.21 -13.72 20.19
C6 NAG S . 5.54 -13.87 21.54
C7 NAG S . 8.90 -11.47 16.35
C8 NAG S . 9.11 -11.50 14.86
N2 NAG S . 8.48 -12.61 16.90
O3 NAG S . 9.26 -14.97 18.47
O4 NAG S . 7.23 -15.92 20.23
O5 NAG S . 6.56 -12.34 20.07
O6 NAG S . 4.23 -13.35 21.51
O7 NAG S . 9.12 -10.47 17.01
C1 NAG S . 7.85 -16.36 21.45
C2 NAG S . 7.56 -17.85 21.64
C3 NAG S . 8.23 -18.36 22.93
C4 NAG S . 9.72 -18.00 22.93
C5 NAG S . 9.91 -16.52 22.67
C6 NAG S . 11.37 -16.12 22.56
C7 NAG S . 5.37 -18.19 20.58
C8 NAG S . 3.91 -18.46 20.81
N2 NAG S . 6.13 -18.11 21.68
O3 NAG S . 8.06 -19.76 23.02
O4 NAG S . 10.28 -18.34 24.19
O5 NAG S . 9.27 -16.15 21.44
O6 NAG S . 11.77 -15.30 23.64
O7 NAG S . 5.84 -18.03 19.46
C1 BMA S . 11.16 -19.48 24.05
C2 BMA S . 11.63 -19.90 25.47
C3 BMA S . 12.40 -21.22 25.42
C4 BMA S . 11.67 -22.28 24.56
C5 BMA S . 11.32 -21.70 23.19
C6 BMA S . 10.57 -22.67 22.29
O2 BMA S . 10.52 -20.11 26.34
O3 BMA S . 12.66 -21.74 26.72
O4 BMA S . 12.48 -23.43 24.40
O5 BMA S . 10.49 -20.55 23.38
O6 BMA S . 11.45 -23.76 22.01
C1 NAG T . 17.12 11.13 7.51
C2 NAG T . 17.54 11.88 6.25
C3 NAG T . 18.31 13.13 6.64
C4 NAG T . 17.51 13.98 7.61
C5 NAG T . 17.05 13.13 8.80
C6 NAG T . 16.11 13.87 9.73
C7 NAG T . 18.12 10.96 4.05
C8 NAG T . 19.03 10.02 3.30
N2 NAG T . 18.33 11.03 5.37
O3 NAG T . 18.63 13.89 5.47
O4 NAG T . 18.30 15.05 8.12
O5 NAG T . 16.34 11.98 8.33
O6 NAG T . 15.68 13.04 10.79
O7 NAG T . 17.23 11.59 3.48
C1 NAG T . 17.78 16.27 7.57
C2 NAG T . 18.67 17.42 8.05
C3 NAG T . 18.23 18.73 7.41
C4 NAG T . 18.14 18.59 5.90
C5 NAG T . 17.24 17.42 5.53
C6 NAG T . 17.16 17.15 4.06
C7 NAG T . 19.72 17.76 10.24
C8 NAG T . 19.51 17.84 11.73
N2 NAG T . 18.64 17.52 9.51
O3 NAG T . 19.15 19.76 7.76
O4 NAG T . 17.62 19.78 5.31
O5 NAG T . 17.77 16.23 6.14
O6 NAG T . 16.00 16.42 3.72
O7 NAG T . 20.83 17.92 9.74
C1 BMA T . 18.65 20.39 4.52
C2 BMA T . 17.96 21.51 3.70
C3 BMA T . 18.98 22.46 3.05
C4 BMA T . 20.12 22.83 4.02
C5 BMA T . 20.75 21.55 4.59
C6 BMA T . 21.92 21.81 5.52
O2 BMA T . 17.12 22.29 4.53
O3 BMA T . 18.33 23.62 2.57
O4 BMA T . 21.13 23.58 3.36
O5 BMA T . 19.71 20.88 5.33
O6 BMA T . 21.46 22.49 6.68
C1 MAN T . 18.17 23.51 1.14
C2 MAN T . 18.09 24.96 0.57
C3 MAN T . 16.72 25.56 0.84
C4 MAN T . 15.63 24.64 0.30
C5 MAN T . 15.71 23.30 1.02
C6 MAN T . 14.67 22.30 0.52
O2 MAN T . 18.25 24.96 -0.85
O3 MAN T . 16.59 26.86 0.26
O4 MAN T . 14.35 25.23 0.50
O5 MAN T . 17.02 22.71 0.79
O6 MAN T . 14.35 21.40 1.57
C1 NAG U . -14.18 -3.83 2.83
C2 NAG U . -15.10 -4.39 1.77
C3 NAG U . -16.45 -4.75 2.39
C4 NAG U . -16.27 -5.66 3.60
C5 NAG U . -15.20 -5.13 4.56
C6 NAG U . -14.83 -6.13 5.62
C7 NAG U . -15.30 -3.86 -0.62
C8 NAG U . -15.47 -2.78 -1.63
N2 NAG U . -15.26 -3.47 0.66
O3 NAG U . -17.27 -5.38 1.41
O4 NAG U . -17.50 -5.73 4.30
O5 NAG U . -13.99 -4.80 3.86
O6 NAG U . -15.85 -6.26 6.60
O7 NAG U . -15.21 -5.05 -0.93
C1 NAG U . -18.07 -7.05 4.28
C2 NAG U . -19.41 -7.00 5.00
C3 NAG U . -20.09 -8.36 4.95
C4 NAG U . -20.18 -8.89 3.51
C5 NAG U . -18.80 -8.82 2.85
C6 NAG U . -18.83 -9.18 1.38
C7 NAG U . -20.14 -5.84 7.05
C8 NAG U . -19.79 -5.50 8.47
N2 NAG U . -19.24 -6.57 6.38
O3 NAG U . -21.40 -8.28 5.51
O4 NAG U . -20.63 -10.23 3.53
O5 NAG U . -18.27 -7.48 2.93
O6 NAG U . -17.65 -8.73 0.71
O7 NAG U . -21.19 -5.48 6.54
C1 BMA U . -21.74 -10.45 2.62
C2 BMA U . -21.94 -11.98 2.51
C3 BMA U . -23.17 -12.30 1.65
C4 BMA U . -24.40 -11.47 2.10
C5 BMA U . -24.02 -9.99 2.10
C6 BMA U . -25.17 -9.07 2.51
O2 BMA U . -22.19 -12.55 3.80
O3 BMA U . -23.47 -13.69 1.67
O4 BMA U . -25.49 -11.69 1.22
O5 BMA U . -22.94 -9.81 3.03
O6 BMA U . -24.70 -7.72 2.42
C1 MAN U . -23.41 -14.24 0.33
C2 MAN U . -24.00 -15.67 0.38
C3 MAN U . -23.05 -16.58 1.15
C4 MAN U . -21.63 -16.53 0.57
C5 MAN U . -21.13 -15.07 0.51
C6 MAN U . -19.80 -14.94 -0.20
O2 MAN U . -24.09 -16.24 -0.92
O3 MAN U . -23.53 -17.92 1.18
O4 MAN U . -20.74 -17.29 1.37
O5 MAN U . -22.09 -14.23 -0.18
O6 MAN U . -19.41 -13.58 -0.16
C1 MAN U . -25.74 -6.82 2.88
C2 MAN U . -25.25 -5.34 2.59
C3 MAN U . -24.24 -4.86 3.65
C4 MAN U . -24.73 -5.18 5.07
C5 MAN U . -24.98 -6.69 5.18
C6 MAN U . -25.42 -7.11 6.57
O2 MAN U . -26.34 -4.41 2.64
O3 MAN U . -23.98 -3.46 3.53
O4 MAN U . -23.76 -4.77 6.03
O5 MAN U . -26.03 -7.05 4.26
O6 MAN U . -26.59 -6.38 6.91
C1 NAG V . -28.36 15.98 -35.57
C2 NAG V . -28.47 15.45 -37.02
C3 NAG V . -29.69 14.56 -37.19
C4 NAG V . -29.74 13.49 -36.11
C5 NAG V . -29.62 14.12 -34.73
C6 NAG V . -29.56 13.10 -33.62
C7 NAG V . -29.23 17.55 -38.24
C8 NAG V . -30.43 17.69 -37.32
N2 NAG V . -28.39 16.50 -38.04
O3 NAG V . -29.67 13.96 -38.48
O4 NAG V . -30.96 12.76 -36.19
O5 NAG V . -28.40 14.89 -34.65
O6 NAG V . -28.25 12.57 -33.45
O7 NAG V . -29.02 18.35 -39.14
C1 NAG W . -29.40 28.26 -26.52
C2 NAG W . -29.46 27.45 -27.84
C3 NAG W . -30.89 26.99 -28.17
C4 NAG W . -31.53 26.31 -26.97
C5 NAG W . -31.44 27.24 -25.76
C6 NAG W . -32.02 26.62 -24.50
C7 NAG W . -29.17 29.30 -29.57
C8 NAG W . -30.37 30.03 -29.03
N2 NAG W . -28.83 28.13 -28.97
O3 NAG W . -30.85 26.09 -29.27
O4 NAG W . -32.89 26.02 -27.24
O5 NAG W . -30.06 27.53 -25.48
O6 NAG W . -31.43 27.17 -23.33
O7 NAG W . -28.54 29.72 -30.53
#